data_2I85
#
_entry.id   2I85
#
_entity_poly.entity_id   1
_entity_poly.type   'polypeptide(L)'
_entity_poly.pdbx_seq_one_letter_code
;SKSIVLEPIYWNSSNSKFLPGQGLVLYPQIGDKLDIICPKVDSKTVGQYEYYKVYMVDKDQADRCTIKKENTPLLNCAKP
DQDIKFTIKFQEFSPNLWGLEFQKNKDYYIISTSNGSLEGLDNQEGGVCQTRAMKILMKVGQ
;
_entity_poly.pdbx_strand_id   A
#
# COMPACT_ATOMS: atom_id res chain seq x y z
N SER A 1 17.69 15.25 -10.92
CA SER A 1 16.43 14.56 -11.31
C SER A 1 16.70 13.11 -11.71
N LYS A 2 16.85 12.22 -10.72
CA LYS A 2 17.03 10.76 -10.93
C LYS A 2 15.67 10.05 -11.13
N SER A 3 15.68 8.82 -11.63
CA SER A 3 14.48 7.97 -11.84
C SER A 3 14.84 6.47 -11.87
N ILE A 4 15.17 5.89 -10.70
CA ILE A 4 15.21 4.42 -10.50
C ILE A 4 13.78 3.84 -10.30
N VAL A 5 13.69 2.62 -9.75
CA VAL A 5 12.48 1.80 -9.57
C VAL A 5 12.61 0.98 -8.27
N LEU A 6 11.94 1.41 -7.20
CA LEU A 6 11.76 0.70 -5.93
C LEU A 6 10.29 0.28 -5.76
N GLU A 7 9.98 -0.33 -4.61
CA GLU A 7 8.71 -0.98 -4.32
C GLU A 7 8.14 -1.81 -5.50
N PRO A 8 8.92 -2.70 -6.14
CA PRO A 8 8.51 -3.40 -7.36
C PRO A 8 7.43 -4.46 -7.05
N ILE A 9 6.15 -4.14 -7.28
CA ILE A 9 5.02 -5.05 -7.00
C ILE A 9 4.59 -5.67 -8.33
N TYR A 10 4.90 -6.96 -8.49
CA TYR A 10 4.54 -7.77 -9.65
C TYR A 10 3.61 -8.89 -9.18
N TRP A 11 2.38 -8.50 -8.82
CA TRP A 11 1.26 -9.35 -8.40
C TRP A 11 1.41 -9.85 -6.96
N ASN A 12 2.51 -10.58 -6.69
CA ASN A 12 2.95 -11.04 -5.36
C ASN A 12 4.42 -11.55 -5.45
N SER A 13 5.36 -10.65 -5.76
CA SER A 13 6.79 -10.99 -5.92
C SER A 13 7.62 -10.62 -4.67
N SER A 14 8.84 -11.15 -4.58
CA SER A 14 9.79 -10.81 -3.50
C SER A 14 10.23 -9.35 -3.60
N ASN A 15 10.39 -8.68 -2.45
CA ASN A 15 10.78 -7.28 -2.35
C ASN A 15 12.14 -7.13 -1.63
N SER A 16 12.71 -5.92 -1.61
CA SER A 16 13.97 -5.64 -0.87
C SER A 16 13.82 -5.96 0.63
N LYS A 17 12.68 -5.57 1.21
CA LYS A 17 12.34 -5.76 2.63
C LYS A 17 11.79 -7.16 2.94
N PHE A 18 11.07 -7.78 1.99
CA PHE A 18 10.49 -9.14 2.09
C PHE A 18 9.86 -9.44 3.48
N LEU A 19 8.80 -8.69 3.83
CA LEU A 19 8.09 -8.70 5.13
C LEU A 19 9.03 -8.94 6.35
N PRO A 20 9.91 -7.97 6.70
CA PRO A 20 10.97 -8.17 7.69
C PRO A 20 10.47 -8.27 9.15
N GLY A 21 9.16 -8.06 9.36
CA GLY A 21 8.46 -8.01 10.65
C GLY A 21 7.49 -6.81 10.76
N GLN A 22 7.51 -5.90 9.78
CA GLN A 22 6.65 -4.72 9.66
C GLN A 22 5.80 -4.73 8.37
N GLY A 23 6.35 -5.19 7.25
CA GLY A 23 5.66 -5.28 5.95
C GLY A 23 6.53 -4.80 4.81
N LEU A 24 6.38 -3.52 4.41
CA LEU A 24 7.11 -2.97 3.27
C LEU A 24 7.47 -1.49 3.50
N VAL A 25 8.76 -1.20 3.68
CA VAL A 25 9.26 0.17 3.83
C VAL A 25 9.31 0.85 2.45
N LEU A 26 8.84 2.10 2.39
CA LEU A 26 8.95 2.96 1.22
C LEU A 26 10.09 3.97 1.40
N TYR A 27 10.56 4.51 0.27
CA TYR A 27 11.61 5.52 0.19
C TYR A 27 11.03 6.85 -0.30
N PRO A 28 10.57 7.73 0.61
CA PRO A 28 10.04 9.05 0.28
C PRO A 28 11.15 10.05 -0.13
N GLN A 29 11.88 9.73 -1.20
CA GLN A 29 13.08 10.43 -1.67
C GLN A 29 12.97 10.79 -3.16
N ILE A 30 13.23 12.07 -3.47
CA ILE A 30 13.19 12.62 -4.84
C ILE A 30 14.34 12.01 -5.65
N GLY A 31 14.00 11.30 -6.71
CA GLY A 31 14.92 10.47 -7.50
C GLY A 31 14.41 9.05 -7.79
N ASP A 32 13.38 8.62 -7.06
CA ASP A 32 12.85 7.26 -7.10
C ASP A 32 11.41 7.22 -7.65
N LYS A 33 10.94 6.02 -8.04
CA LYS A 33 9.61 5.75 -8.55
C LYS A 33 9.14 4.39 -8.03
N LEU A 34 7.84 4.24 -7.88
CA LEU A 34 7.23 2.98 -7.44
C LEU A 34 5.98 2.66 -8.26
N ASP A 35 5.93 1.40 -8.71
CA ASP A 35 4.91 0.84 -9.59
C ASP A 35 4.23 -0.36 -8.92
N ILE A 36 2.96 -0.17 -8.55
CA ILE A 36 2.10 -1.24 -8.09
C ILE A 36 1.35 -1.83 -9.28
N ILE A 37 1.40 -3.15 -9.43
CA ILE A 37 0.72 -3.94 -10.46
C ILE A 37 0.16 -5.19 -9.78
N CYS A 38 -1.15 -5.41 -9.87
CA CYS A 38 -1.84 -6.59 -9.39
C CYS A 38 -2.86 -7.07 -10.45
N PRO A 39 -2.98 -8.39 -10.72
CA PRO A 39 -3.87 -8.92 -11.75
C PRO A 39 -5.28 -9.17 -11.21
N LYS A 40 -5.38 -9.62 -9.94
CA LYS A 40 -6.57 -10.18 -9.27
C LYS A 40 -7.09 -11.47 -9.94
N VAL A 41 -7.85 -12.25 -9.17
CA VAL A 41 -8.72 -13.35 -9.63
C VAL A 41 -9.90 -12.78 -10.44
N ASP A 42 -10.00 -13.15 -11.73
CA ASP A 42 -11.09 -12.73 -12.64
C ASP A 42 -11.25 -13.65 -13.87
N SER A 43 -10.51 -13.39 -14.95
CA SER A 43 -10.38 -14.17 -16.19
C SER A 43 -9.43 -15.36 -16.00
N LYS A 44 -8.35 -15.17 -15.21
CA LYS A 44 -7.30 -16.16 -14.95
C LYS A 44 -7.72 -17.23 -13.92
N THR A 45 -8.65 -16.87 -13.04
CA THR A 45 -9.30 -17.72 -12.02
C THR A 45 -8.32 -18.57 -11.18
N VAL A 46 -7.29 -17.91 -10.62
CA VAL A 46 -6.16 -18.52 -9.87
C VAL A 46 -6.07 -18.09 -8.41
N GLY A 47 -6.31 -16.81 -8.09
CA GLY A 47 -6.38 -16.32 -6.70
C GLY A 47 -7.52 -16.93 -5.87
N GLN A 48 -8.58 -17.43 -6.53
CA GLN A 48 -9.75 -18.12 -5.93
C GLN A 48 -10.40 -17.34 -4.78
N TYR A 49 -11.18 -16.31 -5.13
CA TYR A 49 -11.84 -15.39 -4.19
C TYR A 49 -10.85 -14.84 -3.14
N GLU A 50 -9.92 -14.00 -3.61
CA GLU A 50 -8.97 -13.26 -2.76
C GLU A 50 -8.71 -11.86 -3.34
N TYR A 51 -9.00 -10.85 -2.53
CA TYR A 51 -8.84 -9.43 -2.83
C TYR A 51 -8.44 -8.71 -1.54
N TYR A 52 -7.68 -7.61 -1.67
CA TYR A 52 -7.09 -6.87 -0.57
C TYR A 52 -7.28 -5.35 -0.76
N LYS A 53 -7.19 -4.60 0.34
CA LYS A 53 -7.52 -3.16 0.40
C LYS A 53 -6.56 -2.39 1.31
N VAL A 54 -5.41 -2.04 0.73
CA VAL A 54 -4.42 -1.12 1.31
C VAL A 54 -5.06 0.26 1.49
N TYR A 55 -4.85 0.89 2.64
CA TYR A 55 -5.38 2.22 2.97
C TYR A 55 -4.46 3.00 3.93
N MET A 56 -4.21 4.28 3.61
CA MET A 56 -3.41 5.18 4.45
C MET A 56 -4.13 5.55 5.76
N VAL A 57 -3.49 5.27 6.89
CA VAL A 57 -4.00 5.50 8.25
C VAL A 57 -2.84 5.64 9.26
N ASP A 58 -3.07 6.30 10.39
CA ASP A 58 -2.05 6.51 11.44
C ASP A 58 -1.57 5.20 12.10
N LYS A 59 -0.45 5.25 12.84
CA LYS A 59 0.01 4.14 13.69
C LYS A 59 -1.05 3.62 14.68
N ASP A 60 -1.96 4.50 15.12
CA ASP A 60 -3.06 4.17 16.04
C ASP A 60 -4.05 3.16 15.43
N GLN A 61 -4.30 3.29 14.12
CA GLN A 61 -5.08 2.35 13.34
C GLN A 61 -4.29 1.06 13.02
N ALA A 62 -2.98 1.16 12.80
CA ALA A 62 -2.07 0.00 12.77
C ALA A 62 -2.05 -0.79 14.10
N ASP A 63 -2.30 -0.13 15.22
CA ASP A 63 -2.37 -0.74 16.56
C ASP A 63 -3.69 -1.49 16.80
N ARG A 64 -4.82 -0.94 16.33
CA ARG A 64 -6.15 -1.59 16.33
C ARG A 64 -6.34 -2.65 15.25
N CYS A 65 -5.53 -2.64 14.19
CA CYS A 65 -5.71 -3.43 12.98
C CYS A 65 -7.02 -3.13 12.25
N THR A 66 -7.41 -1.85 12.22
CA THR A 66 -8.65 -1.38 11.59
C THR A 66 -8.38 -0.17 10.68
N ILE A 67 -9.15 -0.02 9.60
CA ILE A 67 -9.05 1.12 8.69
C ILE A 67 -9.99 2.24 9.19
N LYS A 68 -9.67 3.51 8.93
CA LYS A 68 -10.57 4.64 9.21
C LYS A 68 -11.68 4.70 8.16
N LYS A 69 -12.95 4.90 8.54
CA LYS A 69 -14.08 5.10 7.60
C LYS A 69 -13.93 6.32 6.67
N GLU A 70 -13.08 7.28 7.06
CA GLU A 70 -12.69 8.45 6.25
C GLU A 70 -11.69 8.11 5.12
N ASN A 71 -11.34 6.82 4.97
CA ASN A 71 -10.71 6.27 3.78
C ASN A 71 -11.52 6.49 2.48
N THR A 72 -10.87 6.20 1.35
CA THR A 72 -11.34 6.32 -0.04
C THR A 72 -10.28 5.81 -1.04
N PRO A 73 -8.97 6.15 -0.93
CA PRO A 73 -7.93 5.72 -1.87
C PRO A 73 -7.44 4.30 -1.55
N LEU A 74 -8.32 3.31 -1.79
CA LEU A 74 -8.02 1.89 -1.66
C LEU A 74 -6.95 1.47 -2.69
N LEU A 75 -6.06 0.56 -2.29
CA LEU A 75 -5.04 -0.06 -3.14
C LEU A 75 -4.90 -1.57 -2.86
N ASN A 76 -3.79 -2.20 -3.27
CA ASN A 76 -3.45 -3.63 -3.13
C ASN A 76 -4.08 -4.48 -4.25
N CYS A 77 -5.42 -4.61 -4.32
CA CYS A 77 -6.24 -5.26 -5.37
C CYS A 77 -7.72 -5.48 -4.94
N ALA A 78 -8.66 -4.57 -5.25
CA ALA A 78 -10.09 -4.72 -4.93
C ALA A 78 -10.90 -5.52 -5.97
N LYS A 79 -12.06 -6.06 -5.54
CA LYS A 79 -13.11 -6.63 -6.41
C LYS A 79 -13.73 -5.63 -7.41
N PRO A 80 -14.39 -4.52 -6.98
CA PRO A 80 -14.99 -3.52 -7.88
C PRO A 80 -13.95 -2.57 -8.52
N ASP A 81 -12.88 -3.14 -9.08
CA ASP A 81 -11.79 -2.42 -9.76
C ASP A 81 -10.94 -3.34 -10.68
N GLN A 82 -11.01 -4.66 -10.49
CA GLN A 82 -10.22 -5.67 -11.21
C GLN A 82 -8.69 -5.44 -11.06
N ASP A 83 -7.88 -5.71 -12.09
CA ASP A 83 -6.45 -5.43 -12.11
C ASP A 83 -6.16 -3.96 -11.78
N ILE A 84 -5.33 -3.72 -10.76
CA ILE A 84 -4.88 -2.37 -10.41
C ILE A 84 -3.45 -2.19 -10.90
N LYS A 85 -3.21 -1.05 -11.55
CA LYS A 85 -1.90 -0.61 -11.98
C LYS A 85 -1.79 0.89 -11.71
N PHE A 86 -0.74 1.30 -11.02
CA PHE A 86 -0.42 2.70 -10.78
C PHE A 86 1.09 2.85 -10.62
N THR A 87 1.66 3.84 -11.29
CA THR A 87 3.08 4.21 -11.15
C THR A 87 3.16 5.67 -10.71
N ILE A 88 3.84 5.90 -9.59
CA ILE A 88 4.14 7.21 -9.05
C ILE A 88 5.65 7.42 -9.18
N LYS A 89 6.01 8.63 -9.60
CA LYS A 89 7.39 9.08 -9.81
C LYS A 89 7.64 10.33 -8.99
N PHE A 90 8.66 10.29 -8.13
CA PHE A 90 9.04 11.38 -7.24
C PHE A 90 9.69 12.51 -8.05
N GLN A 91 8.89 13.27 -8.77
CA GLN A 91 9.31 14.41 -9.57
C GLN A 91 9.49 15.68 -8.71
N GLU A 92 10.26 16.65 -9.20
CA GLU A 92 10.65 17.84 -8.43
C GLU A 92 9.47 18.76 -8.09
N PHE A 93 8.59 18.98 -9.07
CA PHE A 93 7.38 19.81 -9.02
C PHE A 93 6.27 19.11 -9.82
N SER A 94 5.03 19.21 -9.37
CA SER A 94 3.86 18.60 -10.01
C SER A 94 2.74 19.64 -10.19
N PRO A 95 2.63 20.27 -11.38
CA PRO A 95 1.57 21.25 -11.66
C PRO A 95 0.18 20.61 -11.78
N ASN A 96 0.08 19.28 -11.90
CA ASN A 96 -1.18 18.54 -12.00
C ASN A 96 -1.90 18.45 -10.63
N LEU A 97 -1.18 18.00 -9.58
CA LEU A 97 -1.69 17.93 -8.20
C LEU A 97 -0.53 17.77 -7.20
N TRP A 98 -0.54 18.57 -6.13
CA TRP A 98 0.43 18.51 -5.01
C TRP A 98 0.48 17.17 -4.24
N GLY A 99 -0.44 16.23 -4.52
CA GLY A 99 -0.43 14.86 -4.02
C GLY A 99 0.69 13.98 -4.60
N LEU A 100 1.19 14.29 -5.82
CA LEU A 100 2.38 13.66 -6.40
C LEU A 100 3.70 14.29 -5.92
N GLU A 101 3.68 15.53 -5.42
CA GLU A 101 4.79 16.06 -4.63
C GLU A 101 4.79 15.48 -3.21
N PHE A 102 5.97 15.50 -2.56
CA PHE A 102 6.18 15.00 -1.21
C PHE A 102 6.90 16.08 -0.38
N GLN A 103 6.61 16.09 0.93
CA GLN A 103 7.15 17.10 1.86
C GLN A 103 8.14 16.45 2.83
N LYS A 104 9.07 17.26 3.34
CA LYS A 104 10.08 16.85 4.34
C LYS A 104 9.58 17.08 5.77
N ASN A 105 10.29 16.52 6.75
CA ASN A 105 9.86 16.44 8.16
C ASN A 105 8.44 15.84 8.34
N LYS A 106 8.09 14.85 7.50
CA LYS A 106 6.80 14.16 7.48
C LYS A 106 7.00 12.64 7.54
N ASP A 107 5.98 11.96 8.05
CA ASP A 107 5.94 10.52 8.21
C ASP A 107 4.53 10.04 7.83
N TYR A 108 4.48 9.02 6.95
CA TYR A 108 3.24 8.41 6.47
C TYR A 108 3.21 6.94 6.86
N TYR A 109 2.03 6.50 7.31
CA TYR A 109 1.70 5.12 7.64
C TYR A 109 0.49 4.69 6.78
N ILE A 110 0.48 3.41 6.43
CA ILE A 110 -0.55 2.75 5.60
C ILE A 110 -0.66 1.32 6.12
N ILE A 111 -1.86 0.75 6.19
CA ILE A 111 -2.07 -0.64 6.64
C ILE A 111 -3.00 -1.36 5.68
N SER A 112 -3.03 -2.70 5.77
CA SER A 112 -3.93 -3.56 5.00
C SER A 112 -4.41 -4.74 5.83
N THR A 113 -5.46 -5.40 5.32
CA THR A 113 -6.24 -6.43 6.03
C THR A 113 -6.23 -7.74 5.25
N SER A 114 -5.06 -8.13 4.72
CA SER A 114 -4.83 -9.35 3.92
C SER A 114 -5.23 -10.68 4.60
N ASN A 115 -5.54 -10.69 5.91
CA ASN A 115 -6.16 -11.84 6.58
C ASN A 115 -7.63 -12.06 6.15
N GLY A 116 -8.31 -11.00 5.70
CA GLY A 116 -9.74 -10.95 5.37
C GLY A 116 -10.64 -11.68 6.37
N SER A 117 -10.41 -11.47 7.68
CA SER A 117 -11.15 -12.11 8.79
C SER A 117 -12.66 -11.91 8.63
N LEU A 118 -13.50 -12.80 9.17
CA LEU A 118 -14.96 -12.70 9.06
C LEU A 118 -15.50 -11.36 9.62
N GLU A 119 -14.98 -10.89 10.75
CA GLU A 119 -15.35 -9.56 11.30
C GLU A 119 -14.95 -8.39 10.38
N GLY A 120 -13.88 -8.55 9.59
CA GLY A 120 -13.31 -7.54 8.69
C GLY A 120 -13.45 -7.86 7.20
N LEU A 121 -14.37 -8.75 6.83
CA LEU A 121 -14.52 -9.25 5.46
C LEU A 121 -14.92 -8.12 4.50
N ASP A 122 -15.78 -7.24 4.99
CA ASP A 122 -16.33 -6.05 4.32
C ASP A 122 -16.13 -4.81 5.20
N ASN A 123 -16.23 -4.96 6.53
CA ASN A 123 -15.85 -3.94 7.50
C ASN A 123 -14.35 -3.61 7.45
N GLN A 124 -13.99 -2.52 8.11
CA GLN A 124 -12.65 -1.96 8.19
C GLN A 124 -11.74 -2.68 9.20
N GLU A 125 -11.60 -4.01 9.17
CA GLU A 125 -10.85 -4.77 10.21
C GLU A 125 -9.95 -5.86 9.61
N GLY A 126 -8.93 -6.29 10.37
CA GLY A 126 -7.98 -7.33 9.96
C GLY A 126 -7.27 -8.01 11.12
N GLY A 127 -6.47 -9.03 10.75
CA GLY A 127 -5.53 -9.73 11.65
C GLY A 127 -4.11 -9.85 11.07
N VAL A 128 -3.89 -9.38 9.84
CA VAL A 128 -2.60 -9.45 9.14
C VAL A 128 -1.62 -8.43 9.72
N CYS A 129 -2.04 -7.18 9.94
CA CYS A 129 -1.18 -6.16 10.56
C CYS A 129 -0.69 -6.60 11.96
N GLN A 130 -1.45 -7.47 12.62
CA GLN A 130 -1.18 -8.07 13.92
C GLN A 130 -0.13 -9.22 13.89
N THR A 131 0.09 -9.87 12.74
CA THR A 131 0.93 -11.10 12.63
C THR A 131 1.83 -11.13 11.39
N ARG A 132 1.28 -11.14 10.16
CA ARG A 132 2.07 -10.96 8.90
C ARG A 132 2.85 -9.65 8.92
N ALA A 133 2.28 -8.64 9.58
CA ALA A 133 2.58 -7.23 9.48
C ALA A 133 2.52 -6.75 8.01
N MET A 134 1.35 -6.26 7.59
CA MET A 134 1.17 -5.56 6.31
C MET A 134 0.86 -4.09 6.57
N LYS A 135 1.89 -3.36 6.99
CA LYS A 135 1.90 -1.90 6.99
C LYS A 135 3.11 -1.36 6.24
N ILE A 136 3.07 -0.07 5.94
CA ILE A 136 4.16 0.68 5.32
C ILE A 136 4.56 1.85 6.20
N LEU A 137 5.82 2.25 6.09
CA LEU A 137 6.41 3.40 6.77
C LEU A 137 7.23 4.18 5.73
N MET A 138 7.06 5.50 5.74
CA MET A 138 7.77 6.48 4.91
C MET A 138 8.49 7.47 5.84
N LYS A 139 9.83 7.42 5.91
CA LYS A 139 10.67 8.32 6.72
C LYS A 139 11.41 9.33 5.83
N VAL A 140 11.09 10.61 6.00
CA VAL A 140 11.75 11.76 5.34
C VAL A 140 11.87 12.93 6.33
N GLY A 141 13.08 13.12 6.85
CA GLY A 141 13.48 14.23 7.73
C GLY A 141 14.26 15.29 6.94
N GLN A 142 15.47 15.62 7.40
CA GLN A 142 16.47 16.45 6.69
C GLN A 142 16.72 16.03 5.23
N SER A 1 14.94 10.76 -12.72
CA SER A 1 15.92 10.68 -11.63
C SER A 1 16.17 9.21 -11.29
N LYS A 2 17.40 8.71 -11.53
CA LYS A 2 17.86 7.35 -11.21
C LYS A 2 18.85 7.41 -10.02
N SER A 3 18.61 6.60 -8.99
CA SER A 3 19.47 6.49 -7.80
C SER A 3 19.45 5.11 -7.15
N ILE A 4 18.27 4.47 -7.08
CA ILE A 4 18.04 3.15 -6.45
C ILE A 4 17.04 2.28 -7.22
N VAL A 5 15.81 2.79 -7.48
CA VAL A 5 14.72 2.11 -8.23
C VAL A 5 14.32 0.76 -7.62
N LEU A 6 13.30 0.75 -6.74
CA LEU A 6 12.76 -0.50 -6.17
C LEU A 6 12.14 -1.39 -7.25
N GLU A 7 11.97 -2.68 -6.94
CA GLU A 7 11.39 -3.66 -7.87
C GLU A 7 9.89 -3.43 -8.13
N PRO A 8 9.43 -3.53 -9.39
CA PRO A 8 8.01 -3.47 -9.73
C PRO A 8 7.28 -4.74 -9.25
N ILE A 9 6.17 -4.56 -8.53
CA ILE A 9 5.29 -5.62 -8.06
C ILE A 9 4.43 -6.07 -9.25
N TYR A 10 4.57 -7.33 -9.68
CA TYR A 10 3.91 -7.87 -10.87
C TYR A 10 2.93 -8.97 -10.45
N TRP A 11 1.99 -8.62 -9.57
CA TRP A 11 1.05 -9.50 -8.83
C TRP A 11 1.73 -10.46 -7.83
N ASN A 12 2.63 -11.29 -8.34
CA ASN A 12 3.56 -12.13 -7.60
C ASN A 12 4.92 -11.40 -7.42
N SER A 13 5.94 -12.14 -6.96
CA SER A 13 7.34 -11.71 -6.75
C SER A 13 7.54 -10.79 -5.54
N SER A 14 6.55 -9.93 -5.25
CA SER A 14 6.56 -8.93 -4.19
C SER A 14 7.78 -7.98 -4.28
N ASN A 15 8.06 -7.22 -3.23
CA ASN A 15 9.27 -6.38 -3.14
C ASN A 15 10.49 -7.19 -2.69
N SER A 16 11.70 -6.61 -2.74
CA SER A 16 12.90 -7.19 -2.10
C SER A 16 12.69 -7.44 -0.60
N LYS A 17 12.04 -6.48 0.09
CA LYS A 17 11.71 -6.54 1.52
C LYS A 17 10.64 -7.58 1.85
N PHE A 18 9.62 -7.75 0.99
CA PHE A 18 8.52 -8.71 1.12
C PHE A 18 8.03 -8.90 2.58
N LEU A 19 7.64 -7.82 3.26
CA LEU A 19 7.20 -7.84 4.67
C LEU A 19 8.26 -8.54 5.56
N PRO A 20 9.41 -7.89 5.83
CA PRO A 20 10.52 -8.49 6.58
C PRO A 20 10.23 -8.58 8.09
N GLY A 21 9.30 -7.75 8.59
CA GLY A 21 8.85 -7.71 9.98
C GLY A 21 7.99 -6.47 10.35
N GLN A 22 8.05 -5.40 9.53
CA GLN A 22 7.13 -4.24 9.61
C GLN A 22 6.18 -4.16 8.39
N GLY A 23 6.70 -4.31 7.17
CA GLY A 23 5.89 -4.34 5.93
C GLY A 23 6.65 -3.84 4.71
N LEU A 24 6.61 -2.53 4.47
CA LEU A 24 7.28 -1.87 3.35
C LEU A 24 8.01 -0.61 3.84
N VAL A 25 9.29 -0.48 3.49
CA VAL A 25 10.13 0.69 3.78
C VAL A 25 10.29 1.50 2.50
N LEU A 26 9.96 2.79 2.59
CA LEU A 26 10.15 3.77 1.51
C LEU A 26 11.44 4.58 1.76
N TYR A 27 12.12 4.95 0.67
CA TYR A 27 13.33 5.76 0.76
C TYR A 27 13.02 7.22 1.15
N PRO A 28 13.73 7.81 2.13
CA PRO A 28 13.64 9.23 2.48
C PRO A 28 14.39 10.17 1.52
N GLN A 29 14.86 9.65 0.39
CA GLN A 29 15.68 10.35 -0.62
C GLN A 29 14.94 10.37 -1.98
N ILE A 30 14.53 11.58 -2.40
CA ILE A 30 13.88 11.87 -3.69
C ILE A 30 14.81 11.47 -4.86
N GLY A 31 14.56 10.28 -5.40
CA GLY A 31 15.30 9.63 -6.50
C GLY A 31 14.96 8.14 -6.67
N ASP A 32 14.27 7.55 -5.69
CA ASP A 32 13.62 6.23 -5.79
C ASP A 32 12.32 6.25 -6.63
N LYS A 33 11.78 5.06 -6.90
CA LYS A 33 10.47 4.83 -7.56
C LYS A 33 10.01 3.40 -7.32
N LEU A 34 8.69 3.20 -7.28
CA LEU A 34 8.02 1.94 -6.97
C LEU A 34 6.72 1.83 -7.77
N ASP A 35 6.50 0.67 -8.37
CA ASP A 35 5.34 0.36 -9.19
C ASP A 35 4.60 -0.82 -8.54
N ILE A 36 3.36 -0.61 -8.09
CA ILE A 36 2.51 -1.67 -7.54
C ILE A 36 1.42 -1.99 -8.56
N ILE A 37 1.36 -3.24 -9.03
CA ILE A 37 0.36 -3.74 -10.00
C ILE A 37 -0.19 -5.05 -9.44
N CYS A 38 -1.52 -5.17 -9.37
CA CYS A 38 -2.22 -6.40 -9.06
C CYS A 38 -3.49 -6.55 -9.94
N PRO A 39 -3.69 -7.69 -10.62
CA PRO A 39 -4.92 -8.03 -11.30
C PRO A 39 -6.01 -8.43 -10.29
N LYS A 40 -7.17 -8.78 -10.85
CA LYS A 40 -8.41 -9.18 -10.18
C LYS A 40 -8.52 -10.70 -10.02
N VAL A 41 -9.56 -11.16 -9.32
CA VAL A 41 -9.78 -12.56 -8.93
C VAL A 41 -10.95 -13.17 -9.72
N ASP A 42 -10.65 -13.58 -10.96
CA ASP A 42 -11.60 -14.25 -11.87
C ASP A 42 -10.87 -15.20 -12.83
N SER A 43 -10.61 -14.84 -14.09
CA SER A 43 -9.98 -15.74 -15.09
C SER A 43 -8.57 -16.23 -14.69
N LYS A 44 -7.85 -15.43 -13.90
CA LYS A 44 -6.53 -15.78 -13.34
C LYS A 44 -6.61 -16.82 -12.22
N THR A 45 -7.48 -16.59 -11.24
CA THR A 45 -7.46 -17.26 -9.90
C THR A 45 -8.85 -17.34 -9.25
N VAL A 46 -9.89 -17.73 -10.01
CA VAL A 46 -11.33 -17.73 -9.66
C VAL A 46 -11.67 -18.15 -8.21
N GLY A 47 -10.89 -19.07 -7.64
CA GLY A 47 -10.89 -19.47 -6.23
C GLY A 47 -9.51 -19.89 -5.74
N GLN A 48 -8.45 -19.15 -6.11
CA GLN A 48 -7.03 -19.42 -5.81
C GLN A 48 -6.27 -18.18 -5.27
N TYR A 49 -6.95 -17.04 -5.12
CA TYR A 49 -6.41 -15.79 -4.58
C TYR A 49 -7.54 -15.03 -3.87
N GLU A 50 -7.24 -13.86 -3.30
CA GLU A 50 -8.22 -12.95 -2.68
C GLU A 50 -7.85 -11.49 -2.98
N TYR A 51 -8.75 -10.57 -2.64
CA TYR A 51 -8.51 -9.14 -2.75
C TYR A 51 -8.04 -8.53 -1.43
N TYR A 52 -7.43 -7.35 -1.52
CA TYR A 52 -6.99 -6.54 -0.39
C TYR A 52 -7.05 -5.05 -0.73
N LYS A 53 -6.84 -4.20 0.28
CA LYS A 53 -6.85 -2.74 0.16
C LYS A 53 -6.01 -2.05 1.25
N VAL A 54 -5.26 -1.04 0.84
CA VAL A 54 -4.18 -0.39 1.63
C VAL A 54 -4.54 1.09 1.86
N TYR A 55 -4.45 1.57 3.10
CA TYR A 55 -4.90 2.92 3.51
C TYR A 55 -3.90 3.62 4.46
N MET A 56 -3.69 4.93 4.23
CA MET A 56 -2.90 5.81 5.09
C MET A 56 -3.49 5.94 6.51
N VAL A 57 -2.78 5.44 7.54
CA VAL A 57 -3.22 5.48 8.94
C VAL A 57 -2.01 5.69 9.85
N ASP A 58 -2.20 6.43 10.94
CA ASP A 58 -1.20 6.68 11.99
C ASP A 58 -0.51 5.38 12.46
N LYS A 59 0.80 5.37 12.72
CA LYS A 59 1.52 4.21 13.27
C LYS A 59 0.90 3.66 14.56
N ASP A 60 0.40 4.54 15.43
CA ASP A 60 -0.34 4.18 16.66
C ASP A 60 -1.67 3.44 16.37
N GLN A 61 -2.41 3.86 15.34
CA GLN A 61 -3.60 3.16 14.85
C GLN A 61 -3.23 1.87 14.10
N ALA A 62 -2.08 1.82 13.42
CA ALA A 62 -1.53 0.60 12.84
C ALA A 62 -1.25 -0.49 13.89
N ASP A 63 -0.82 -0.08 15.09
CA ASP A 63 -0.58 -0.96 16.25
C ASP A 63 -1.85 -1.69 16.74
N ARG A 64 -3.04 -1.10 16.49
CA ARG A 64 -4.37 -1.70 16.70
C ARG A 64 -4.99 -2.27 15.42
N CYS A 65 -4.44 -1.94 14.26
CA CYS A 65 -4.90 -2.34 12.94
C CYS A 65 -6.35 -1.91 12.66
N THR A 66 -6.56 -0.61 12.76
CA THR A 66 -7.87 0.07 12.69
C THR A 66 -7.90 1.13 11.59
N ILE A 67 -8.91 1.03 10.73
CA ILE A 67 -9.12 1.81 9.49
C ILE A 67 -10.42 2.63 9.66
N LYS A 68 -10.64 3.68 8.87
CA LYS A 68 -11.81 4.57 8.95
C LYS A 68 -12.58 4.58 7.64
N LYS A 69 -13.83 4.09 7.64
CA LYS A 69 -14.80 4.16 6.53
C LYS A 69 -15.07 5.57 5.98
N GLU A 70 -14.80 6.61 6.78
CA GLU A 70 -14.86 8.02 6.35
C GLU A 70 -13.77 8.39 5.31
N ASN A 71 -12.77 7.53 5.15
CA ASN A 71 -11.70 7.62 4.18
C ASN A 71 -11.68 6.37 3.27
N THR A 72 -10.79 6.38 2.28
CA THR A 72 -10.74 5.38 1.21
C THR A 72 -9.30 4.86 1.04
N PRO A 73 -9.11 3.56 0.81
CA PRO A 73 -7.78 2.99 0.60
C PRO A 73 -7.20 3.52 -0.73
N LEU A 74 -5.97 4.03 -0.68
CA LEU A 74 -5.22 4.45 -1.88
C LEU A 74 -4.99 3.31 -2.88
N LEU A 75 -4.98 2.06 -2.39
CA LEU A 75 -4.78 0.86 -3.19
C LEU A 75 -6.05 0.00 -3.13
N ASN A 76 -6.68 -0.19 -4.29
CA ASN A 76 -7.94 -0.90 -4.50
C ASN A 76 -7.67 -2.25 -5.20
N CYS A 77 -6.90 -3.16 -4.60
CA CYS A 77 -6.64 -4.53 -5.11
C CYS A 77 -7.88 -5.45 -5.04
N ALA A 78 -9.08 -4.90 -5.26
CA ALA A 78 -10.41 -5.50 -5.12
C ALA A 78 -11.36 -4.96 -6.22
N LYS A 79 -11.64 -5.80 -7.23
CA LYS A 79 -12.59 -5.54 -8.34
C LYS A 79 -12.92 -6.83 -9.12
N PRO A 80 -14.02 -6.88 -9.90
CA PRO A 80 -14.39 -8.06 -10.70
C PRO A 80 -13.58 -8.15 -12.01
N ASP A 81 -13.66 -7.12 -12.85
CA ASP A 81 -13.05 -7.06 -14.19
C ASP A 81 -12.22 -5.78 -14.39
N GLN A 82 -11.50 -5.40 -13.33
CA GLN A 82 -10.57 -4.27 -13.27
C GLN A 82 -9.29 -4.66 -12.51
N ASP A 83 -8.14 -4.57 -13.17
CA ASP A 83 -6.83 -4.55 -12.53
C ASP A 83 -6.58 -3.20 -11.82
N ILE A 84 -5.80 -3.21 -10.74
CA ILE A 84 -5.34 -2.00 -10.06
C ILE A 84 -3.83 -1.86 -10.28
N LYS A 85 -3.40 -0.63 -10.55
CA LYS A 85 -1.99 -0.28 -10.71
C LYS A 85 -1.73 1.17 -10.30
N PHE A 86 -0.59 1.37 -9.66
CA PHE A 86 -0.15 2.65 -9.11
C PHE A 86 1.37 2.74 -9.29
N THR A 87 1.84 3.76 -10.02
CA THR A 87 3.26 4.05 -10.24
C THR A 87 3.61 5.37 -9.58
N ILE A 88 4.41 5.29 -8.50
CA ILE A 88 4.94 6.46 -7.80
C ILE A 88 6.43 6.52 -8.09
N LYS A 89 6.84 7.67 -8.62
CA LYS A 89 8.24 8.05 -8.79
C LYS A 89 8.62 9.10 -7.73
N PHE A 90 9.92 9.36 -7.65
CA PHE A 90 10.54 10.37 -6.79
C PHE A 90 9.78 11.72 -6.75
N GLN A 91 9.21 12.14 -7.88
CA GLN A 91 8.40 13.35 -8.03
C GLN A 91 7.41 13.56 -6.88
N GLU A 92 7.68 14.57 -6.04
CA GLU A 92 6.80 14.97 -4.94
C GLU A 92 5.66 15.83 -5.47
N PHE A 93 5.94 17.08 -5.87
CA PHE A 93 4.96 17.97 -6.50
C PHE A 93 4.58 17.49 -7.90
N SER A 94 3.27 17.36 -8.17
CA SER A 94 2.72 16.98 -9.48
C SER A 94 1.64 17.99 -9.91
N PRO A 95 1.72 18.53 -11.15
CA PRO A 95 0.71 19.48 -11.67
C PRO A 95 -0.62 18.79 -12.06
N ASN A 96 -0.64 17.46 -12.19
CA ASN A 96 -1.82 16.66 -12.55
C ASN A 96 -2.90 16.69 -11.44
N LEU A 97 -2.52 16.32 -10.22
CA LEU A 97 -3.39 16.25 -9.04
C LEU A 97 -2.55 16.26 -7.74
N TRP A 98 -3.19 16.59 -6.61
CA TRP A 98 -2.54 16.56 -5.30
C TRP A 98 -2.46 15.14 -4.65
N GLY A 99 -2.92 14.08 -5.35
CA GLY A 99 -2.87 12.70 -4.86
C GLY A 99 -1.44 12.15 -4.73
N LEU A 100 -0.54 12.54 -5.66
CA LEU A 100 0.89 12.19 -5.64
C LEU A 100 1.73 13.22 -4.84
N GLU A 101 1.20 14.43 -4.63
CA GLU A 101 1.78 15.46 -3.75
C GLU A 101 2.05 14.91 -2.34
N PHE A 102 3.17 15.36 -1.78
CA PHE A 102 3.67 15.00 -0.46
C PHE A 102 4.25 16.25 0.22
N GLN A 103 4.39 16.21 1.55
CA GLN A 103 4.98 17.28 2.34
C GLN A 103 6.21 16.77 3.10
N LYS A 104 7.31 17.52 3.02
CA LYS A 104 8.51 17.36 3.88
C LYS A 104 8.19 17.59 5.37
N ASN A 105 9.17 17.32 6.23
CA ASN A 105 9.10 17.32 7.71
C ASN A 105 7.89 16.55 8.29
N LYS A 106 7.41 15.52 7.59
CA LYS A 106 6.18 14.77 7.86
C LYS A 106 6.41 13.27 7.68
N ASP A 107 6.04 12.49 8.69
CA ASP A 107 6.12 11.03 8.65
C ASP A 107 4.83 10.48 8.03
N TYR A 108 4.96 9.60 7.04
CA TYR A 108 3.82 8.91 6.45
C TYR A 108 3.75 7.48 6.95
N TYR A 109 2.52 7.04 7.21
CA TYR A 109 2.18 5.73 7.72
C TYR A 109 0.94 5.22 6.98
N ILE A 110 0.96 3.94 6.60
CA ILE A 110 -0.07 3.26 5.81
C ILE A 110 -0.17 1.83 6.31
N ILE A 111 -1.35 1.21 6.28
CA ILE A 111 -1.61 -0.14 6.80
C ILE A 111 -2.57 -0.90 5.86
N SER A 112 -2.63 -2.23 6.01
CA SER A 112 -3.53 -3.09 5.23
C SER A 112 -4.14 -4.20 6.05
N THR A 113 -5.42 -4.47 5.79
CA THR A 113 -6.23 -5.50 6.43
C THR A 113 -6.47 -6.67 5.47
N SER A 114 -5.44 -7.47 5.20
CA SER A 114 -5.58 -8.72 4.41
C SER A 114 -6.56 -9.74 5.03
N ASN A 115 -6.85 -9.61 6.34
CA ASN A 115 -7.89 -10.32 7.09
C ASN A 115 -9.32 -9.76 6.84
N GLY A 116 -9.44 -8.69 6.05
CA GLY A 116 -10.68 -8.12 5.49
C GLY A 116 -11.29 -8.99 4.40
N SER A 117 -11.26 -10.32 4.58
CA SER A 117 -11.98 -11.35 3.82
C SER A 117 -13.50 -11.11 3.90
N LEU A 118 -14.30 -11.76 3.04
CA LEU A 118 -15.76 -11.58 2.97
C LEU A 118 -16.50 -11.76 4.32
N GLU A 119 -15.93 -12.56 5.23
CA GLU A 119 -16.38 -12.76 6.62
C GLU A 119 -16.44 -11.47 7.45
N GLY A 120 -15.61 -10.48 7.12
CA GLY A 120 -15.41 -9.23 7.85
C GLY A 120 -14.74 -8.16 6.98
N LEU A 121 -15.18 -8.01 5.72
CA LEU A 121 -14.59 -7.07 4.77
C LEU A 121 -14.81 -5.60 5.20
N ASP A 122 -15.97 -5.36 5.83
CA ASP A 122 -16.37 -4.12 6.49
C ASP A 122 -15.79 -3.99 7.91
N ASN A 123 -15.17 -5.06 8.45
CA ASN A 123 -14.49 -5.07 9.73
C ASN A 123 -13.11 -4.43 9.60
N GLN A 124 -13.11 -3.10 9.50
CA GLN A 124 -11.95 -2.19 9.49
C GLN A 124 -11.16 -2.19 10.82
N GLU A 125 -11.14 -3.29 11.56
CA GLU A 125 -10.52 -3.45 12.88
C GLU A 125 -10.03 -4.89 13.08
N GLY A 126 -8.86 -5.09 13.71
CA GLY A 126 -8.36 -6.42 14.08
C GLY A 126 -8.00 -7.32 12.87
N GLY A 127 -6.98 -6.91 12.12
CA GLY A 127 -6.49 -7.58 10.89
C GLY A 127 -4.99 -7.89 10.91
N VAL A 128 -4.39 -8.17 9.73
CA VAL A 128 -2.99 -8.62 9.66
C VAL A 128 -2.01 -7.54 10.15
N CYS A 129 -2.29 -6.25 9.89
CA CYS A 129 -1.54 -5.13 10.46
C CYS A 129 -1.37 -5.13 12.00
N GLN A 130 -2.21 -5.90 12.72
CA GLN A 130 -2.19 -5.99 14.19
C GLN A 130 -0.99 -6.80 14.70
N THR A 131 -0.63 -7.90 14.00
CA THR A 131 0.28 -8.95 14.49
C THR A 131 1.17 -9.53 13.39
N ARG A 132 0.62 -9.86 12.20
CA ARG A 132 1.41 -10.21 11.00
C ARG A 132 2.36 -9.07 10.61
N ALA A 133 1.97 -7.82 10.92
CA ALA A 133 2.69 -6.56 10.71
C ALA A 133 2.75 -6.21 9.19
N MET A 134 1.77 -5.43 8.75
CA MET A 134 1.56 -5.01 7.37
C MET A 134 1.26 -3.52 7.32
N LYS A 135 2.33 -2.75 7.49
CA LYS A 135 2.32 -1.29 7.48
C LYS A 135 3.57 -0.75 6.77
N ILE A 136 3.47 0.47 6.28
CA ILE A 136 4.54 1.14 5.52
C ILE A 136 4.97 2.39 6.29
N LEU A 137 6.25 2.73 6.16
CA LEU A 137 6.87 3.91 6.75
C LEU A 137 7.63 4.65 5.64
N MET A 138 7.29 5.92 5.45
CA MET A 138 7.97 6.87 4.56
C MET A 138 8.30 8.14 5.34
N LYS A 139 9.57 8.30 5.67
CA LYS A 139 10.11 9.52 6.29
C LYS A 139 10.52 10.50 5.18
N VAL A 140 10.27 11.79 5.33
CA VAL A 140 10.68 12.84 4.37
C VAL A 140 10.92 14.14 5.15
N GLY A 141 12.12 14.71 5.08
CA GLY A 141 12.53 15.85 5.92
C GLY A 141 14.04 16.09 5.97
N GLN A 142 14.60 16.70 4.92
CA GLN A 142 16.02 17.11 4.77
C GLN A 142 16.20 18.64 4.87
N SER A 1 20.91 14.52 -8.02
CA SER A 1 19.84 13.70 -8.65
C SER A 1 20.22 12.23 -8.66
N LYS A 2 19.58 11.39 -7.82
CA LYS A 2 19.74 9.93 -7.84
C LYS A 2 18.83 9.29 -8.91
N SER A 3 18.93 7.97 -9.09
CA SER A 3 18.03 7.13 -9.88
C SER A 3 18.23 5.67 -9.45
N ILE A 4 17.21 5.06 -8.84
CA ILE A 4 17.23 3.68 -8.33
C ILE A 4 16.16 2.84 -9.02
N VAL A 5 14.89 3.27 -9.00
CA VAL A 5 13.73 2.65 -9.67
C VAL A 5 13.48 1.19 -9.23
N LEU A 6 12.44 1.00 -8.42
CA LEU A 6 12.04 -0.29 -7.83
C LEU A 6 10.55 -0.57 -8.11
N GLU A 7 10.10 -1.79 -7.82
CA GLU A 7 8.73 -2.23 -8.10
C GLU A 7 8.21 -3.03 -6.89
N PRO A 8 7.57 -2.37 -5.90
CA PRO A 8 7.07 -3.05 -4.71
C PRO A 8 6.00 -4.10 -5.06
N ILE A 9 5.08 -3.80 -5.98
CA ILE A 9 3.93 -4.66 -6.31
C ILE A 9 3.90 -4.83 -7.82
N TYR A 10 4.33 -5.99 -8.30
CA TYR A 10 4.60 -6.25 -9.71
C TYR A 10 3.95 -7.58 -10.13
N TRP A 11 2.62 -7.60 -10.12
CA TRP A 11 1.72 -8.75 -10.36
C TRP A 11 1.72 -9.78 -9.21
N ASN A 12 2.91 -10.18 -8.77
CA ASN A 12 3.18 -10.93 -7.54
C ASN A 12 2.94 -10.06 -6.29
N SER A 13 2.30 -10.65 -5.28
CA SER A 13 2.12 -10.01 -3.96
C SER A 13 3.40 -9.97 -3.12
N SER A 14 4.30 -10.96 -3.29
CA SER A 14 5.63 -10.96 -2.68
C SER A 14 6.42 -9.71 -3.06
N ASN A 15 6.89 -8.99 -2.05
CA ASN A 15 7.53 -7.67 -2.16
C ASN A 15 9.04 -7.77 -1.88
N SER A 16 9.83 -6.72 -2.14
CA SER A 16 11.28 -6.72 -1.88
C SER A 16 11.63 -6.87 -0.39
N LYS A 17 10.90 -6.15 0.48
CA LYS A 17 10.98 -6.24 1.95
C LYS A 17 10.25 -7.47 2.51
N PHE A 18 9.18 -7.93 1.85
CA PHE A 18 8.33 -9.07 2.25
C PHE A 18 8.04 -9.06 3.77
N LEU A 19 7.39 -7.98 4.27
CA LEU A 19 6.97 -7.79 5.68
C LEU A 19 7.94 -8.38 6.73
N PRO A 20 9.17 -7.84 6.85
CA PRO A 20 10.25 -8.42 7.65
C PRO A 20 10.01 -8.32 9.17
N GLY A 21 9.01 -7.53 9.59
CA GLY A 21 8.55 -7.36 10.97
C GLY A 21 7.57 -6.18 11.16
N GLN A 22 7.58 -5.20 10.24
CA GLN A 22 6.64 -4.07 10.17
C GLN A 22 5.92 -3.90 8.81
N GLY A 23 6.48 -4.35 7.68
CA GLY A 23 5.76 -4.38 6.39
C GLY A 23 6.64 -3.89 5.24
N LEU A 24 6.60 -2.60 4.93
CA LEU A 24 7.47 -1.97 3.93
C LEU A 24 8.01 -0.61 4.43
N VAL A 25 9.31 -0.36 4.25
CA VAL A 25 9.92 0.94 4.58
C VAL A 25 10.15 1.70 3.27
N LEU A 26 9.75 2.97 3.28
CA LEU A 26 9.92 3.90 2.15
C LEU A 26 10.85 5.06 2.52
N TYR A 27 11.58 5.53 1.51
CA TYR A 27 12.62 6.56 1.59
C TYR A 27 12.21 7.76 0.72
N PRO A 28 11.99 8.95 1.30
CA PRO A 28 11.65 10.18 0.59
C PRO A 28 12.88 10.75 -0.16
N GLN A 29 13.26 10.11 -1.28
CA GLN A 29 14.37 10.48 -2.15
C GLN A 29 13.91 10.62 -3.61
N ILE A 30 14.08 11.82 -4.14
CA ILE A 30 13.82 12.18 -5.54
C ILE A 30 14.78 11.43 -6.47
N GLY A 31 14.22 10.83 -7.51
CA GLY A 31 14.90 9.97 -8.48
C GLY A 31 14.43 8.51 -8.46
N ASP A 32 13.91 8.04 -7.33
CA ASP A 32 13.23 6.76 -7.24
C ASP A 32 11.89 6.76 -8.00
N LYS A 33 11.39 5.58 -8.34
CA LYS A 33 10.05 5.35 -8.90
C LYS A 33 9.54 4.01 -8.40
N LEU A 34 8.22 3.89 -8.26
CA LEU A 34 7.54 2.71 -7.74
C LEU A 34 6.26 2.43 -8.51
N ASP A 35 6.10 1.19 -8.92
CA ASP A 35 4.91 0.68 -9.59
C ASP A 35 4.17 -0.27 -8.64
N ILE A 36 2.85 -0.11 -8.54
CA ILE A 36 1.92 -1.01 -7.87
C ILE A 36 0.94 -1.53 -8.91
N ILE A 37 1.01 -2.83 -9.16
CA ILE A 37 0.16 -3.59 -10.07
C ILE A 37 -0.32 -4.85 -9.35
N CYS A 38 -1.63 -5.10 -9.42
CA CYS A 38 -2.29 -6.31 -8.93
C CYS A 38 -3.29 -6.82 -10.00
N PRO A 39 -3.23 -8.12 -10.39
CA PRO A 39 -4.20 -8.76 -11.28
C PRO A 39 -5.53 -9.03 -10.55
N LYS A 40 -6.45 -9.72 -11.24
CA LYS A 40 -7.81 -10.03 -10.76
C LYS A 40 -8.18 -11.50 -10.94
N VAL A 41 -9.17 -11.96 -10.18
CA VAL A 41 -9.60 -13.36 -10.03
C VAL A 41 -11.14 -13.44 -10.01
N ASP A 42 -11.70 -14.12 -11.02
CA ASP A 42 -13.10 -14.57 -11.09
C ASP A 42 -13.32 -15.48 -12.31
N SER A 43 -13.02 -14.99 -13.52
CA SER A 43 -13.12 -15.74 -14.78
C SER A 43 -11.89 -16.61 -15.08
N LYS A 44 -10.70 -16.15 -14.65
CA LYS A 44 -9.42 -16.88 -14.81
C LYS A 44 -9.26 -17.96 -13.75
N THR A 45 -9.47 -17.61 -12.48
CA THR A 45 -9.40 -18.49 -11.28
C THR A 45 -8.25 -19.51 -11.28
N VAL A 46 -7.10 -19.10 -11.83
CA VAL A 46 -5.89 -19.92 -12.04
C VAL A 46 -4.98 -19.94 -10.79
N GLY A 47 -4.97 -18.85 -10.02
CA GLY A 47 -4.22 -18.69 -8.76
C GLY A 47 -5.10 -18.65 -7.50
N GLN A 48 -6.43 -18.55 -7.64
CA GLN A 48 -7.44 -18.55 -6.55
C GLN A 48 -7.03 -17.70 -5.32
N TYR A 49 -6.98 -16.39 -5.55
CA TYR A 49 -6.47 -15.38 -4.62
C TYR A 49 -7.57 -14.42 -4.13
N GLU A 50 -7.26 -13.64 -3.08
CA GLU A 50 -8.12 -12.59 -2.52
C GLU A 50 -7.63 -11.18 -2.93
N TYR A 51 -8.51 -10.21 -2.67
CA TYR A 51 -8.29 -8.76 -2.79
C TYR A 51 -7.71 -8.19 -1.48
N TYR A 52 -7.14 -6.99 -1.55
CA TYR A 52 -6.51 -6.27 -0.43
C TYR A 52 -6.78 -4.76 -0.52
N LYS A 53 -6.64 -4.09 0.63
CA LYS A 53 -6.86 -2.65 0.82
C LYS A 53 -5.79 -1.96 1.65
N VAL A 54 -4.86 -1.33 0.93
CA VAL A 54 -3.83 -0.39 1.44
C VAL A 54 -4.48 0.99 1.62
N TYR A 55 -4.38 1.59 2.80
CA TYR A 55 -4.85 2.96 3.09
C TYR A 55 -3.99 3.65 4.16
N MET A 56 -3.90 4.99 4.06
CA MET A 56 -3.03 5.85 4.89
C MET A 56 -3.62 6.03 6.29
N VAL A 57 -2.97 5.47 7.32
CA VAL A 57 -3.42 5.48 8.73
C VAL A 57 -2.23 5.44 9.69
N ASP A 58 -2.33 6.14 10.82
CA ASP A 58 -1.27 6.29 11.83
C ASP A 58 -0.76 4.94 12.39
N LYS A 59 0.50 4.86 12.85
CA LYS A 59 1.02 3.64 13.53
C LYS A 59 0.32 3.32 14.86
N ASP A 60 -0.26 4.33 15.52
CA ASP A 60 -1.19 4.20 16.65
C ASP A 60 -2.42 3.34 16.32
N GLN A 61 -2.87 3.28 15.07
CA GLN A 61 -3.97 2.41 14.68
C GLN A 61 -3.61 0.95 14.92
N ALA A 62 -2.38 0.55 14.60
CA ALA A 62 -1.90 -0.85 14.60
C ALA A 62 -1.87 -1.45 16.03
N ASP A 63 -1.83 -0.57 17.04
CA ASP A 63 -2.02 -0.87 18.47
C ASP A 63 -3.36 -1.60 18.75
N ARG A 64 -4.40 -1.29 17.95
CA ARG A 64 -5.75 -1.91 17.94
C ARG A 64 -6.08 -2.67 16.65
N CYS A 65 -5.29 -2.43 15.61
CA CYS A 65 -5.50 -2.87 14.24
C CYS A 65 -6.82 -2.35 13.59
N THR A 66 -7.15 -1.05 13.78
CA THR A 66 -8.43 -0.39 13.44
C THR A 66 -8.29 0.77 12.43
N ILE A 67 -8.69 0.51 11.17
CA ILE A 67 -8.67 1.49 10.07
C ILE A 67 -9.67 2.62 10.38
N LYS A 68 -9.34 3.87 10.01
CA LYS A 68 -10.26 5.02 10.01
C LYS A 68 -11.39 4.80 9.00
N LYS A 69 -12.65 4.94 9.42
CA LYS A 69 -13.84 4.95 8.53
C LYS A 69 -13.89 6.09 7.51
N GLU A 70 -13.05 7.12 7.70
CA GLU A 70 -12.79 8.20 6.72
C GLU A 70 -11.91 7.73 5.53
N ASN A 71 -11.52 6.45 5.50
CA ASN A 71 -11.01 5.77 4.31
C ASN A 71 -11.92 5.92 3.07
N THR A 72 -11.27 5.76 1.91
CA THR A 72 -11.80 5.88 0.54
C THR A 72 -10.71 5.63 -0.52
N PRO A 73 -9.50 6.24 -0.45
CA PRO A 73 -8.42 6.02 -1.41
C PRO A 73 -7.67 4.70 -1.11
N LEU A 74 -8.42 3.60 -1.00
CA LEU A 74 -7.88 2.25 -0.88
C LEU A 74 -7.04 1.91 -2.15
N LEU A 75 -5.95 1.16 -1.96
CA LEU A 75 -5.06 0.63 -3.00
C LEU A 75 -4.74 -0.84 -2.71
N ASN A 76 -3.63 -1.39 -3.23
CA ASN A 76 -3.27 -2.81 -3.24
C ASN A 76 -4.06 -3.58 -4.31
N CYS A 77 -5.39 -3.74 -4.12
CA CYS A 77 -6.27 -4.44 -5.07
C CYS A 77 -7.78 -4.22 -4.72
N ALA A 78 -8.38 -3.06 -5.06
CA ALA A 78 -9.81 -2.80 -4.86
C ALA A 78 -10.71 -3.80 -5.61
N LYS A 79 -11.98 -3.87 -5.17
CA LYS A 79 -13.06 -4.75 -5.67
C LYS A 79 -12.78 -6.26 -5.51
N PRO A 80 -13.80 -7.15 -5.58
CA PRO A 80 -13.58 -8.60 -5.55
C PRO A 80 -12.95 -9.13 -6.85
N ASP A 81 -13.08 -8.39 -7.95
CA ASP A 81 -12.55 -8.72 -9.29
C ASP A 81 -12.29 -7.42 -10.10
N GLN A 82 -11.11 -6.82 -9.95
CA GLN A 82 -10.66 -5.71 -10.80
C GLN A 82 -9.12 -5.60 -10.78
N ASP A 83 -8.51 -5.39 -11.94
CA ASP A 83 -7.10 -5.02 -12.00
C ASP A 83 -6.92 -3.59 -11.46
N ILE A 84 -5.80 -3.36 -10.76
CA ILE A 84 -5.36 -2.01 -10.35
C ILE A 84 -3.90 -1.83 -10.74
N LYS A 85 -3.58 -0.66 -11.26
CA LYS A 85 -2.25 -0.24 -11.69
C LYS A 85 -2.04 1.26 -11.39
N PHE A 86 -0.95 1.57 -10.72
CA PHE A 86 -0.54 2.91 -10.34
C PHE A 86 0.98 2.99 -10.42
N THR A 87 1.49 4.05 -11.02
CA THR A 87 2.94 4.33 -11.12
C THR A 87 3.24 5.72 -10.57
N ILE A 88 4.20 5.77 -9.65
CA ILE A 88 4.70 7.00 -9.02
C ILE A 88 6.11 7.27 -9.53
N LYS A 89 6.31 8.52 -9.97
CA LYS A 89 7.57 9.10 -10.41
C LYS A 89 7.96 10.23 -9.46
N PHE A 90 8.90 9.99 -8.54
CA PHE A 90 9.52 11.03 -7.72
C PHE A 90 10.47 11.88 -8.57
N GLN A 91 9.94 12.82 -9.36
CA GLN A 91 10.72 13.76 -10.18
C GLN A 91 10.87 15.14 -9.53
N GLU A 92 9.77 15.81 -9.14
CA GLU A 92 9.74 17.12 -8.46
C GLU A 92 8.29 17.60 -8.24
N PHE A 93 7.56 17.83 -9.33
CA PHE A 93 6.18 18.34 -9.39
C PHE A 93 5.34 17.46 -10.32
N SER A 94 4.04 17.40 -10.06
CA SER A 94 3.11 16.47 -10.71
C SER A 94 1.87 17.20 -11.23
N PRO A 95 1.42 16.92 -12.48
CA PRO A 95 0.29 17.64 -13.09
C PRO A 95 -1.08 17.26 -12.49
N ASN A 96 -1.19 16.10 -11.82
CA ASN A 96 -2.35 15.64 -11.05
C ASN A 96 -2.07 15.82 -9.55
N LEU A 97 -2.84 16.69 -8.89
CA LEU A 97 -2.79 16.94 -7.45
C LEU A 97 -3.58 15.88 -6.62
N TRP A 98 -3.60 14.64 -7.12
CA TRP A 98 -4.30 13.48 -6.50
C TRP A 98 -3.52 12.87 -5.32
N GLY A 99 -2.25 13.26 -5.14
CA GLY A 99 -1.33 12.79 -4.08
C GLY A 99 0.05 12.31 -4.61
N LEU A 100 0.45 12.69 -5.84
CA LEU A 100 1.71 12.27 -6.45
C LEU A 100 2.94 13.03 -5.91
N GLU A 101 2.82 14.33 -5.64
CA GLU A 101 3.85 15.11 -4.94
C GLU A 101 3.94 14.70 -3.47
N PHE A 102 5.17 14.74 -2.92
CA PHE A 102 5.44 14.50 -1.50
C PHE A 102 5.62 15.83 -0.73
N GLN A 103 5.66 15.76 0.60
CA GLN A 103 5.80 16.90 1.52
C GLN A 103 6.88 16.57 2.57
N LYS A 104 7.82 17.50 2.77
CA LYS A 104 8.91 17.39 3.77
C LYS A 104 8.43 17.79 5.17
N ASN A 105 9.25 17.47 6.17
CA ASN A 105 8.93 17.57 7.60
C ASN A 105 7.59 16.88 7.97
N LYS A 106 7.21 15.83 7.23
CA LYS A 106 5.93 15.12 7.33
C LYS A 106 6.12 13.61 7.21
N ASP A 107 5.87 12.90 8.30
CA ASP A 107 5.71 11.45 8.34
C ASP A 107 4.45 11.03 7.55
N TYR A 108 4.52 9.83 6.96
CA TYR A 108 3.40 9.11 6.35
C TYR A 108 3.42 7.66 6.86
N TYR A 109 2.22 7.14 7.10
CA TYR A 109 1.98 5.77 7.55
C TYR A 109 0.79 5.19 6.78
N ILE A 110 0.85 3.91 6.47
CA ILE A 110 -0.15 3.17 5.68
C ILE A 110 -0.29 1.79 6.31
N ILE A 111 -1.45 1.15 6.19
CA ILE A 111 -1.67 -0.19 6.73
C ILE A 111 -2.73 -0.93 5.90
N SER A 112 -2.85 -2.25 6.08
CA SER A 112 -3.79 -3.12 5.37
C SER A 112 -4.41 -4.15 6.30
N THR A 113 -5.56 -4.69 5.88
CA THR A 113 -6.37 -5.67 6.60
C THR A 113 -6.66 -6.87 5.70
N SER A 114 -5.67 -7.74 5.50
CA SER A 114 -5.85 -9.02 4.77
C SER A 114 -6.89 -9.97 5.41
N ASN A 115 -7.23 -9.75 6.70
CA ASN A 115 -8.33 -10.39 7.43
C ASN A 115 -9.73 -9.86 7.02
N GLY A 116 -9.77 -8.84 6.15
CA GLY A 116 -10.94 -8.33 5.42
C GLY A 116 -11.42 -9.31 4.33
N SER A 117 -11.35 -10.62 4.58
CA SER A 117 -12.00 -11.71 3.83
C SER A 117 -13.52 -11.52 3.82
N LEU A 118 -14.27 -12.23 2.99
CA LEU A 118 -15.74 -12.11 2.87
C LEU A 118 -16.51 -12.31 4.20
N GLU A 119 -15.92 -13.04 5.16
CA GLU A 119 -16.39 -13.21 6.55
C GLU A 119 -16.56 -11.88 7.33
N GLY A 120 -15.77 -10.87 6.98
CA GLY A 120 -15.63 -9.60 7.70
C GLY A 120 -14.91 -8.53 6.88
N LEU A 121 -15.27 -8.38 5.60
CA LEU A 121 -14.62 -7.42 4.70
C LEU A 121 -14.87 -5.96 5.11
N ASP A 122 -16.06 -5.70 5.67
CA ASP A 122 -16.45 -4.44 6.32
C ASP A 122 -15.81 -4.28 7.72
N ASN A 123 -15.24 -5.36 8.28
CA ASN A 123 -14.59 -5.37 9.58
C ASN A 123 -13.16 -4.84 9.45
N GLN A 124 -13.05 -3.51 9.35
CA GLN A 124 -11.79 -2.76 9.27
C GLN A 124 -10.97 -2.80 10.59
N GLU A 125 -11.20 -3.80 11.45
CA GLU A 125 -10.74 -3.90 12.84
C GLU A 125 -10.24 -5.32 13.12
N GLY A 126 -9.23 -5.47 13.99
CA GLY A 126 -8.54 -6.75 14.22
C GLY A 126 -7.93 -7.34 12.93
N GLY A 127 -7.41 -6.47 12.04
CA GLY A 127 -6.68 -6.85 10.82
C GLY A 127 -5.43 -7.70 11.07
N VAL A 128 -4.77 -8.11 9.98
CA VAL A 128 -3.52 -8.91 10.07
C VAL A 128 -2.33 -8.13 10.61
N CYS A 129 -2.40 -6.80 10.71
CA CYS A 129 -1.32 -5.99 11.29
C CYS A 129 -0.91 -6.41 12.72
N GLN A 130 -1.81 -7.11 13.41
CA GLN A 130 -1.63 -7.73 14.73
C GLN A 130 -0.55 -8.84 14.78
N THR A 131 -0.26 -9.51 13.65
CA THR A 131 0.74 -10.61 13.52
C THR A 131 1.55 -10.57 12.21
N ARG A 132 0.90 -10.53 11.03
CA ARG A 132 1.59 -10.30 9.74
C ARG A 132 2.36 -8.98 9.77
N ALA A 133 1.83 -7.97 10.46
CA ALA A 133 2.37 -6.61 10.48
C ALA A 133 2.57 -6.06 9.05
N MET A 134 1.45 -5.73 8.39
CA MET A 134 1.43 -5.12 7.06
C MET A 134 1.11 -3.62 7.19
N LYS A 135 2.13 -2.83 7.60
CA LYS A 135 2.13 -1.36 7.50
C LYS A 135 3.33 -0.82 6.73
N ILE A 136 3.29 0.46 6.39
CA ILE A 136 4.42 1.18 5.82
C ILE A 136 4.79 2.36 6.70
N LEU A 137 6.07 2.70 6.68
CA LEU A 137 6.67 3.82 7.38
C LEU A 137 7.46 4.64 6.35
N MET A 138 7.20 5.94 6.32
CA MET A 138 7.87 6.94 5.50
C MET A 138 8.52 7.97 6.40
N LYS A 139 9.84 8.17 6.23
CA LYS A 139 10.62 9.15 6.98
C LYS A 139 10.04 10.56 6.77
N VAL A 140 10.27 11.47 7.72
CA VAL A 140 9.81 12.88 7.67
C VAL A 140 10.30 13.69 6.45
N GLY A 141 11.44 13.29 5.88
CA GLY A 141 12.08 13.86 4.68
C GLY A 141 13.60 13.81 4.78
N GLN A 142 14.17 14.63 5.67
CA GLN A 142 15.63 14.83 5.88
C GLN A 142 16.42 14.97 4.55
N SER A 1 13.25 12.57 -13.32
CA SER A 1 14.66 12.29 -12.96
C SER A 1 14.78 10.94 -12.27
N LYS A 2 15.12 9.89 -13.02
CA LYS A 2 15.46 8.55 -12.47
C LYS A 2 16.63 8.65 -11.48
N SER A 3 16.67 7.75 -10.51
CA SER A 3 17.75 7.67 -9.50
C SER A 3 18.02 6.24 -9.02
N ILE A 4 16.96 5.44 -8.83
CA ILE A 4 17.04 4.02 -8.44
C ILE A 4 16.01 3.13 -9.16
N VAL A 5 14.74 3.57 -9.27
CA VAL A 5 13.63 2.86 -9.93
C VAL A 5 13.36 1.47 -9.31
N LEU A 6 12.43 1.40 -8.36
CA LEU A 6 12.02 0.15 -7.71
C LEU A 6 10.52 -0.15 -7.89
N GLU A 7 10.16 -1.40 -7.62
CA GLU A 7 8.83 -1.96 -7.88
C GLU A 7 8.33 -2.68 -6.62
N PRO A 8 7.70 -1.97 -5.65
CA PRO A 8 7.24 -2.61 -4.43
C PRO A 8 6.16 -3.64 -4.75
N ILE A 9 5.16 -3.31 -5.57
CA ILE A 9 4.05 -4.24 -5.86
C ILE A 9 3.96 -4.42 -7.38
N TYR A 10 4.34 -5.59 -7.88
CA TYR A 10 4.46 -5.87 -9.32
C TYR A 10 3.66 -7.10 -9.72
N TRP A 11 2.46 -7.25 -9.14
CA TRP A 11 1.59 -8.44 -9.13
C TRP A 11 2.34 -9.79 -8.88
N ASN A 12 3.53 -9.75 -8.28
CA ASN A 12 4.51 -10.83 -8.27
C ASN A 12 4.38 -11.73 -7.01
N SER A 13 3.14 -11.91 -6.53
CA SER A 13 2.73 -12.53 -5.25
C SER A 13 3.17 -11.78 -3.99
N SER A 14 4.46 -11.45 -3.90
CA SER A 14 5.10 -10.71 -2.82
C SER A 14 6.00 -9.60 -3.38
N ASN A 15 6.65 -8.84 -2.50
CA ASN A 15 7.44 -7.66 -2.86
C ASN A 15 8.94 -7.92 -2.62
N SER A 16 9.85 -7.12 -3.19
CA SER A 16 11.30 -7.30 -2.93
C SER A 16 11.68 -7.05 -1.45
N LYS A 17 11.04 -6.04 -0.85
CA LYS A 17 11.16 -5.64 0.56
C LYS A 17 10.29 -6.45 1.53
N PHE A 18 9.34 -7.27 1.03
CA PHE A 18 8.48 -8.14 1.85
C PHE A 18 9.31 -9.20 2.59
N LEU A 19 9.63 -8.93 3.85
CA LEU A 19 10.58 -9.72 4.64
C LEU A 19 10.40 -9.50 6.16
N PRO A 20 10.55 -8.27 6.70
CA PRO A 20 10.22 -8.01 8.10
C PRO A 20 8.70 -8.01 8.27
N GLY A 21 8.21 -8.40 9.46
CA GLY A 21 6.79 -8.33 9.80
C GLY A 21 6.18 -6.98 9.47
N GLN A 22 6.87 -5.87 9.78
CA GLN A 22 6.47 -4.50 9.42
C GLN A 22 6.00 -4.29 7.95
N GLY A 23 6.33 -5.19 7.02
CA GLY A 23 5.63 -5.36 5.75
C GLY A 23 6.55 -5.03 4.58
N LEU A 24 6.55 -3.77 4.17
CA LEU A 24 7.50 -3.23 3.18
C LEU A 24 7.86 -1.78 3.57
N VAL A 25 9.14 -1.42 3.51
CA VAL A 25 9.63 -0.07 3.85
C VAL A 25 10.14 0.61 2.58
N LEU A 26 9.81 1.89 2.40
CA LEU A 26 10.25 2.66 1.23
C LEU A 26 11.39 3.60 1.60
N TYR A 27 12.30 3.77 0.65
CA TYR A 27 13.42 4.68 0.76
C TYR A 27 12.93 6.15 0.75
N PRO A 28 13.27 6.98 1.76
CA PRO A 28 12.90 8.39 1.81
C PRO A 28 13.85 9.25 0.96
N GLN A 29 13.91 8.98 -0.35
CA GLN A 29 14.84 9.58 -1.31
C GLN A 29 14.09 10.18 -2.52
N ILE A 30 14.09 11.51 -2.62
CA ILE A 30 13.52 12.25 -3.74
C ILE A 30 14.36 11.97 -5.01
N GLY A 31 13.75 11.29 -5.97
CA GLY A 31 14.34 10.81 -7.22
C GLY A 31 14.00 9.35 -7.52
N ASP A 32 13.54 8.57 -6.52
CA ASP A 32 12.97 7.25 -6.77
C ASP A 32 11.54 7.29 -7.33
N LYS A 33 11.01 6.11 -7.65
CA LYS A 33 9.59 5.87 -7.98
C LYS A 33 9.21 4.46 -7.58
N LEU A 34 7.92 4.25 -7.40
CA LEU A 34 7.32 3.01 -6.96
C LEU A 34 6.01 2.79 -7.71
N ASP A 35 5.95 1.66 -8.42
CA ASP A 35 4.72 1.17 -9.03
C ASP A 35 4.05 0.10 -8.16
N ILE A 36 2.72 0.15 -8.17
CA ILE A 36 1.82 -0.72 -7.43
C ILE A 36 0.81 -1.33 -8.41
N ILE A 37 1.01 -2.61 -8.72
CA ILE A 37 0.20 -3.41 -9.64
C ILE A 37 -0.30 -4.64 -8.90
N CYS A 38 -1.57 -4.98 -9.08
CA CYS A 38 -2.20 -6.17 -8.52
C CYS A 38 -3.15 -6.84 -9.54
N PRO A 39 -3.24 -8.19 -9.53
CA PRO A 39 -4.11 -8.93 -10.44
C PRO A 39 -5.59 -8.81 -10.03
N LYS A 40 -6.49 -9.30 -10.88
CA LYS A 40 -7.94 -9.25 -10.65
C LYS A 40 -8.52 -10.53 -10.04
N VAL A 41 -8.10 -11.69 -10.58
CA VAL A 41 -8.51 -13.06 -10.18
C VAL A 41 -10.02 -13.33 -10.40
N ASP A 42 -10.33 -14.31 -11.27
CA ASP A 42 -11.70 -14.86 -11.46
C ASP A 42 -11.73 -16.08 -12.40
N SER A 43 -11.24 -15.92 -13.64
CA SER A 43 -11.34 -16.94 -14.70
C SER A 43 -10.26 -18.03 -14.56
N LYS A 44 -9.04 -17.59 -14.23
CA LYS A 44 -7.86 -18.43 -13.96
C LYS A 44 -7.78 -18.84 -12.49
N THR A 45 -8.32 -18.00 -11.60
CA THR A 45 -8.41 -18.12 -10.14
C THR A 45 -7.07 -18.13 -9.38
N VAL A 46 -5.93 -18.32 -10.05
CA VAL A 46 -4.53 -18.30 -9.54
C VAL A 46 -4.30 -19.10 -8.24
N GLY A 47 -5.01 -20.22 -8.08
CA GLY A 47 -4.98 -21.05 -6.85
C GLY A 47 -5.92 -20.58 -5.73
N GLN A 48 -6.75 -19.58 -6.03
CA GLN A 48 -7.79 -18.91 -5.24
C GLN A 48 -7.19 -18.00 -4.14
N TYR A 49 -7.26 -16.68 -4.38
CA TYR A 49 -6.67 -15.63 -3.54
C TYR A 49 -7.73 -14.69 -2.96
N GLU A 50 -7.33 -13.86 -1.98
CA GLU A 50 -8.20 -12.90 -1.30
C GLU A 50 -8.05 -11.47 -1.86
N TYR A 51 -8.85 -10.54 -1.33
CA TYR A 51 -8.90 -9.15 -1.75
C TYR A 51 -8.13 -8.27 -0.77
N TYR A 52 -7.17 -7.50 -1.29
CA TYR A 52 -6.26 -6.67 -0.48
C TYR A 52 -6.52 -5.19 -0.77
N LYS A 53 -6.18 -4.30 0.17
CA LYS A 53 -6.37 -2.86 0.00
C LYS A 53 -5.33 -2.08 0.79
N VAL A 54 -4.82 -0.99 0.21
CA VAL A 54 -3.79 -0.16 0.81
C VAL A 54 -4.45 1.15 1.23
N TYR A 55 -4.54 1.36 2.54
CA TYR A 55 -5.13 2.56 3.14
C TYR A 55 -4.16 3.25 4.09
N MET A 56 -4.23 4.58 4.18
CA MET A 56 -3.37 5.39 5.02
C MET A 56 -3.96 5.59 6.44
N VAL A 57 -3.33 5.02 7.47
CA VAL A 57 -3.77 5.08 8.87
C VAL A 57 -2.67 5.66 9.78
N ASP A 58 -2.98 5.98 11.04
CA ASP A 58 -1.99 6.41 12.06
C ASP A 58 -1.12 5.26 12.57
N LYS A 59 0.08 5.54 13.11
CA LYS A 59 1.00 4.52 13.65
C LYS A 59 0.35 3.59 14.70
N ASP A 60 -0.46 4.16 15.58
CA ASP A 60 -1.18 3.42 16.64
C ASP A 60 -2.27 2.52 16.05
N GLN A 61 -3.02 3.05 15.09
CA GLN A 61 -4.08 2.33 14.38
C GLN A 61 -3.53 1.27 13.41
N ALA A 62 -2.35 1.50 12.84
CA ALA A 62 -1.55 0.49 12.13
C ALA A 62 -1.06 -0.64 13.06
N ASP A 63 -1.20 -0.49 14.37
CA ASP A 63 -0.86 -1.53 15.36
C ASP A 63 -2.11 -2.18 15.96
N ARG A 64 -3.23 -1.43 16.07
CA ARG A 64 -4.57 -1.93 16.44
C ARG A 64 -5.24 -2.73 15.33
N CYS A 65 -4.87 -2.49 14.08
CA CYS A 65 -5.45 -3.11 12.89
C CYS A 65 -6.90 -2.67 12.68
N THR A 66 -7.05 -1.39 12.38
CA THR A 66 -8.33 -0.72 12.17
C THR A 66 -8.18 0.28 11.02
N ILE A 67 -9.19 0.35 10.16
CA ILE A 67 -9.23 1.21 8.96
C ILE A 67 -10.46 2.12 9.12
N LYS A 68 -10.40 3.35 8.61
CA LYS A 68 -11.50 4.31 8.76
C LYS A 68 -12.50 4.22 7.60
N LYS A 69 -13.81 4.14 7.88
CA LYS A 69 -14.87 4.11 6.84
C LYS A 69 -14.97 5.41 6.01
N GLU A 70 -14.39 6.51 6.49
CA GLU A 70 -14.20 7.75 5.73
C GLU A 70 -13.13 7.66 4.63
N ASN A 71 -12.45 6.50 4.49
CA ASN A 71 -11.64 6.16 3.32
C ASN A 71 -12.44 6.19 1.99
N THR A 72 -11.69 6.17 0.87
CA THR A 72 -12.13 6.24 -0.55
C THR A 72 -10.98 6.62 -1.50
N PRO A 73 -10.19 7.69 -1.25
CA PRO A 73 -9.14 8.14 -2.18
C PRO A 73 -7.83 7.33 -2.08
N LEU A 74 -7.96 6.03 -1.84
CA LEU A 74 -6.90 5.05 -1.58
C LEU A 74 -7.00 3.85 -2.55
N LEU A 75 -6.10 2.88 -2.42
CA LEU A 75 -5.97 1.75 -3.36
C LEU A 75 -6.66 0.47 -2.88
N ASN A 76 -7.19 -0.28 -3.84
CA ASN A 76 -7.90 -1.54 -3.63
C ASN A 76 -7.35 -2.61 -4.60
N CYS A 77 -6.28 -3.29 -4.16
CA CYS A 77 -5.63 -4.48 -4.77
C CYS A 77 -6.59 -5.70 -4.86
N ALA A 78 -7.72 -5.51 -5.55
CA ALA A 78 -8.78 -6.48 -5.79
C ALA A 78 -9.72 -6.01 -6.90
N LYS A 79 -10.56 -4.98 -6.61
CA LYS A 79 -11.67 -4.45 -7.43
C LYS A 79 -12.70 -5.53 -7.88
N PRO A 80 -13.85 -5.14 -8.48
CA PRO A 80 -14.86 -6.10 -8.90
C PRO A 80 -14.37 -6.88 -10.14
N ASP A 81 -13.92 -6.16 -11.16
CA ASP A 81 -13.34 -6.72 -12.39
C ASP A 81 -12.47 -5.67 -13.12
N GLN A 82 -11.36 -5.28 -12.47
CA GLN A 82 -10.32 -4.46 -13.10
C GLN A 82 -8.95 -4.73 -12.46
N ASP A 83 -7.92 -4.85 -13.30
CA ASP A 83 -6.50 -4.76 -12.90
C ASP A 83 -6.23 -3.41 -12.20
N ILE A 84 -5.53 -3.45 -11.05
CA ILE A 84 -5.03 -2.24 -10.39
C ILE A 84 -3.59 -2.00 -10.82
N LYS A 85 -3.31 -0.76 -11.24
CA LYS A 85 -1.98 -0.24 -11.58
C LYS A 85 -1.98 1.24 -11.23
N PHE A 86 -1.00 1.63 -10.42
CA PHE A 86 -0.69 3.01 -10.07
C PHE A 86 0.83 3.16 -10.01
N THR A 87 1.40 4.26 -10.50
CA THR A 87 2.84 4.53 -10.44
C THR A 87 3.09 5.95 -9.96
N ILE A 88 3.76 6.08 -8.81
CA ILE A 88 4.06 7.36 -8.17
C ILE A 88 5.58 7.54 -8.16
N LYS A 89 6.02 8.74 -8.52
CA LYS A 89 7.42 9.16 -8.51
C LYS A 89 7.65 10.23 -7.45
N PHE A 90 8.80 10.18 -6.82
CA PHE A 90 9.21 11.10 -5.75
C PHE A 90 9.97 12.29 -6.38
N GLN A 91 9.25 13.19 -7.04
CA GLN A 91 9.80 14.44 -7.60
C GLN A 91 9.77 15.60 -6.58
N GLU A 92 10.44 16.72 -6.90
CA GLU A 92 10.43 17.92 -6.04
C GLU A 92 9.15 18.76 -6.18
N PHE A 93 8.71 19.00 -7.42
CA PHE A 93 7.57 19.87 -7.77
C PHE A 93 6.74 19.24 -8.87
N SER A 94 5.43 19.50 -8.87
CA SER A 94 4.48 18.88 -9.78
C SER A 94 3.89 19.88 -10.77
N PRO A 95 3.69 19.51 -12.05
CA PRO A 95 3.15 20.43 -13.03
C PRO A 95 1.65 20.68 -12.80
N ASN A 96 0.89 19.68 -12.34
CA ASN A 96 -0.53 19.81 -12.00
C ASN A 96 -1.07 18.72 -11.04
N LEU A 97 -0.22 18.09 -10.22
CA LEU A 97 -0.57 16.93 -9.38
C LEU A 97 -0.26 17.17 -7.89
N TRP A 98 -1.29 17.46 -7.10
CA TRP A 98 -1.21 17.63 -5.64
C TRP A 98 -0.83 16.36 -4.84
N GLY A 99 -0.63 15.22 -5.52
CA GLY A 99 -0.24 13.94 -4.91
C GLY A 99 1.20 13.49 -5.22
N LEU A 100 1.76 13.88 -6.38
CA LEU A 100 3.17 13.68 -6.70
C LEU A 100 4.09 14.63 -5.91
N GLU A 101 3.61 15.84 -5.60
CA GLU A 101 4.27 16.70 -4.62
C GLU A 101 4.19 16.10 -3.21
N PHE A 102 5.25 16.33 -2.44
CA PHE A 102 5.42 15.82 -1.07
C PHE A 102 6.05 16.90 -0.19
N GLN A 103 5.77 16.84 1.12
CA GLN A 103 6.19 17.84 2.11
C GLN A 103 7.13 17.22 3.13
N LYS A 104 8.12 17.98 3.61
CA LYS A 104 9.08 17.52 4.63
C LYS A 104 8.46 17.43 6.03
N ASN A 105 9.18 16.81 6.97
CA ASN A 105 8.74 16.54 8.35
C ASN A 105 7.38 15.80 8.43
N LYS A 106 7.15 14.88 7.50
CA LYS A 106 5.89 14.11 7.37
C LYS A 106 6.17 12.61 7.28
N ASP A 107 5.25 11.82 7.81
CA ASP A 107 5.30 10.36 7.80
C ASP A 107 3.98 9.79 7.27
N TYR A 108 4.08 8.69 6.53
CA TYR A 108 2.96 8.00 5.92
C TYR A 108 3.00 6.53 6.36
N TYR A 109 1.90 6.10 6.97
CA TYR A 109 1.67 4.74 7.46
C TYR A 109 0.51 4.14 6.67
N ILE A 110 0.72 2.95 6.14
CA ILE A 110 -0.30 2.20 5.40
C ILE A 110 -0.79 1.03 6.27
N ILE A 111 -1.88 0.37 5.87
CA ILE A 111 -2.40 -0.87 6.45
C ILE A 111 -3.22 -1.64 5.38
N SER A 112 -3.33 -2.96 5.52
CA SER A 112 -4.16 -3.85 4.69
C SER A 112 -4.79 -4.99 5.52
N THR A 113 -5.86 -5.60 5.01
CA THR A 113 -6.74 -6.51 5.78
C THR A 113 -7.02 -7.85 5.08
N SER A 114 -5.99 -8.39 4.41
CA SER A 114 -5.98 -9.71 3.74
C SER A 114 -6.59 -10.88 4.53
N ASN A 115 -6.53 -10.87 5.87
CA ASN A 115 -7.03 -11.97 6.71
C ASN A 115 -8.57 -12.08 6.68
N GLY A 116 -9.27 -11.01 6.31
CA GLY A 116 -10.74 -10.93 6.29
C GLY A 116 -11.41 -11.53 7.53
N SER A 117 -11.01 -11.07 8.72
CA SER A 117 -11.55 -11.50 10.02
C SER A 117 -13.08 -11.46 10.06
N LEU A 118 -13.73 -12.25 10.92
CA LEU A 118 -15.20 -12.31 11.00
C LEU A 118 -15.82 -10.91 11.21
N GLU A 119 -15.21 -10.09 12.07
CA GLU A 119 -15.62 -8.68 12.31
C GLU A 119 -15.36 -7.74 11.12
N GLY A 120 -14.35 -8.06 10.29
CA GLY A 120 -13.91 -7.31 9.11
C GLY A 120 -14.03 -8.11 7.81
N LEU A 121 -15.09 -8.92 7.69
CA LEU A 121 -15.29 -9.88 6.60
C LEU A 121 -15.46 -9.18 5.25
N ASP A 122 -16.08 -8.00 5.31
CA ASP A 122 -16.23 -7.06 4.20
C ASP A 122 -15.86 -5.62 4.65
N ASN A 123 -16.17 -5.30 5.92
CA ASN A 123 -15.78 -4.03 6.55
C ASN A 123 -14.26 -3.83 6.56
N GLN A 124 -13.87 -2.55 6.62
CA GLN A 124 -12.48 -2.12 6.72
C GLN A 124 -11.97 -2.16 8.19
N GLU A 125 -11.92 -3.34 8.80
CA GLU A 125 -11.50 -3.52 10.21
C GLU A 125 -10.68 -4.83 10.37
N GLY A 126 -9.92 -4.94 11.46
CA GLY A 126 -9.02 -6.06 11.70
C GLY A 126 -7.89 -6.13 10.65
N GLY A 127 -7.49 -7.35 10.28
CA GLY A 127 -6.55 -7.62 9.19
C GLY A 127 -5.36 -8.48 9.58
N VAL A 128 -4.58 -8.89 8.57
CA VAL A 128 -3.30 -9.59 8.81
C VAL A 128 -2.29 -8.73 9.56
N CYS A 129 -2.49 -7.41 9.60
CA CYS A 129 -1.82 -6.46 10.49
C CYS A 129 -1.61 -7.01 11.93
N GLN A 130 -2.55 -7.81 12.45
CA GLN A 130 -2.50 -8.37 13.81
C GLN A 130 -1.21 -9.15 14.12
N THR A 131 -0.63 -9.83 13.11
CA THR A 131 0.57 -10.69 13.28
C THR A 131 1.53 -10.58 12.09
N ARG A 132 1.03 -10.68 10.85
CA ARG A 132 1.82 -10.44 9.65
C ARG A 132 2.27 -8.98 9.52
N ALA A 133 1.64 -8.05 10.25
CA ALA A 133 1.88 -6.60 10.20
C ALA A 133 1.94 -6.03 8.77
N MET A 134 0.94 -6.36 7.93
CA MET A 134 0.81 -5.82 6.56
C MET A 134 0.52 -4.31 6.56
N LYS A 135 1.59 -3.55 6.66
CA LYS A 135 1.67 -2.09 6.59
C LYS A 135 2.90 -1.69 5.77
N ILE A 136 3.01 -0.41 5.43
CA ILE A 136 4.23 0.15 4.82
C ILE A 136 4.55 1.51 5.44
N LEU A 137 5.82 1.90 5.37
CA LEU A 137 6.31 3.16 5.90
C LEU A 137 7.03 3.97 4.81
N MET A 138 6.63 5.24 4.73
CA MET A 138 7.10 6.20 3.75
C MET A 138 7.47 7.49 4.50
N LYS A 139 8.74 7.61 4.86
CA LYS A 139 9.29 8.87 5.37
C LYS A 139 9.33 9.92 4.26
N VAL A 140 9.05 11.17 4.61
CA VAL A 140 9.02 12.29 3.67
C VAL A 140 9.66 13.51 4.34
N GLY A 141 10.94 13.75 4.04
CA GLY A 141 11.72 14.89 4.54
C GLY A 141 13.23 14.70 4.46
N GLN A 142 13.78 13.81 5.30
CA GLN A 142 15.20 13.43 5.35
C GLN A 142 15.39 11.95 4.98
N SER A 1 22.40 8.67 -10.17
CA SER A 1 21.54 9.33 -11.18
C SER A 1 20.08 9.32 -10.75
N LYS A 2 19.27 10.28 -11.25
CA LYS A 2 17.80 10.27 -11.16
C LYS A 2 17.20 9.02 -11.83
N SER A 3 15.90 8.76 -11.59
CA SER A 3 15.13 7.58 -12.02
C SER A 3 15.80 6.21 -11.78
N ILE A 4 15.72 5.75 -10.52
CA ILE A 4 16.38 4.53 -10.01
C ILE A 4 15.42 3.33 -9.86
N VAL A 5 14.18 3.56 -9.40
CA VAL A 5 13.08 2.57 -9.28
C VAL A 5 13.38 1.41 -8.31
N LEU A 6 12.92 1.47 -7.05
CA LEU A 6 13.25 0.46 -6.04
C LEU A 6 12.85 -0.96 -6.48
N GLU A 7 11.56 -1.16 -6.82
CA GLU A 7 10.97 -2.36 -7.45
C GLU A 7 9.42 -2.24 -7.53
N PRO A 8 8.74 -2.99 -8.42
CA PRO A 8 7.29 -3.04 -8.47
C PRO A 8 6.71 -3.81 -7.27
N ILE A 9 5.47 -3.48 -6.90
CA ILE A 9 4.73 -4.20 -5.84
C ILE A 9 4.05 -5.43 -6.45
N TYR A 10 4.46 -6.63 -6.02
CA TYR A 10 3.94 -7.91 -6.50
C TYR A 10 2.66 -8.28 -5.72
N TRP A 11 1.60 -7.48 -5.96
CA TRP A 11 0.27 -7.57 -5.36
C TRP A 11 0.29 -7.10 -3.90
N ASN A 12 0.91 -7.91 -3.03
CA ASN A 12 1.29 -7.59 -1.65
C ASN A 12 2.08 -8.76 -1.02
N SER A 13 1.75 -10.00 -1.42
CA SER A 13 2.33 -11.24 -0.89
C SER A 13 3.84 -11.33 -1.06
N SER A 14 4.37 -10.78 -2.16
CA SER A 14 5.78 -10.53 -2.37
C SER A 14 6.01 -9.02 -2.50
N ASN A 15 6.95 -8.50 -1.72
CA ASN A 15 7.34 -7.08 -1.71
C ASN A 15 8.82 -6.95 -2.05
N SER A 16 9.27 -5.77 -2.46
CA SER A 16 10.69 -5.54 -2.80
C SER A 16 11.63 -5.86 -1.64
N LYS A 17 11.22 -5.45 -0.42
CA LYS A 17 11.94 -5.70 0.83
C LYS A 17 11.76 -7.13 1.38
N PHE A 18 10.60 -7.75 1.11
CA PHE A 18 10.22 -9.12 1.53
C PHE A 18 10.69 -9.47 2.96
N LEU A 19 10.25 -8.67 3.94
CA LEU A 19 10.77 -8.72 5.33
C LEU A 19 9.64 -9.02 6.34
N PRO A 20 9.55 -10.26 6.88
CA PRO A 20 8.47 -10.68 7.76
C PRO A 20 8.56 -9.96 9.12
N GLY A 21 7.64 -9.02 9.35
CA GLY A 21 7.62 -8.12 10.49
C GLY A 21 6.84 -6.85 10.17
N GLN A 22 7.51 -5.70 10.08
CA GLN A 22 6.89 -4.42 9.71
C GLN A 22 6.20 -4.40 8.33
N GLY A 23 6.62 -5.25 7.38
CA GLY A 23 5.93 -5.48 6.10
C GLY A 23 6.79 -5.12 4.87
N LEU A 24 6.83 -3.84 4.51
CA LEU A 24 7.65 -3.26 3.43
C LEU A 24 8.28 -1.95 3.91
N VAL A 25 9.54 -1.73 3.58
CA VAL A 25 10.28 -0.49 3.88
C VAL A 25 10.59 0.22 2.57
N LEU A 26 10.25 1.50 2.48
CA LEU A 26 10.58 2.34 1.34
C LEU A 26 11.79 3.23 1.61
N TYR A 27 12.51 3.52 0.53
CA TYR A 27 13.70 4.38 0.53
C TYR A 27 13.30 5.88 0.54
N PRO A 28 13.66 6.67 1.57
CA PRO A 28 13.38 8.10 1.62
C PRO A 28 14.31 8.92 0.70
N GLN A 29 14.13 8.77 -0.62
CA GLN A 29 14.98 9.39 -1.64
C GLN A 29 14.19 9.95 -2.83
N ILE A 30 14.28 11.27 -3.00
CA ILE A 30 13.63 12.08 -4.05
C ILE A 30 14.31 11.84 -5.40
N GLY A 31 13.66 11.07 -6.27
CA GLY A 31 14.18 10.64 -7.58
C GLY A 31 13.84 9.18 -7.94
N ASP A 32 13.49 8.37 -6.94
CA ASP A 32 12.97 7.01 -7.10
C ASP A 32 11.44 7.01 -7.37
N LYS A 33 10.89 5.88 -7.80
CA LYS A 33 9.48 5.69 -8.19
C LYS A 33 9.08 4.22 -8.07
N LEU A 34 7.80 3.97 -7.76
CA LEU A 34 7.27 2.65 -7.40
C LEU A 34 6.00 2.38 -8.19
N ASP A 35 5.96 1.22 -8.85
CA ASP A 35 4.87 0.75 -9.71
C ASP A 35 4.14 -0.44 -9.06
N ILE A 36 3.03 -0.15 -8.37
CA ILE A 36 2.14 -1.19 -7.84
C ILE A 36 1.32 -1.82 -8.98
N ILE A 37 1.35 -3.16 -9.06
CA ILE A 37 0.65 -3.98 -10.06
C ILE A 37 -0.06 -5.13 -9.35
N CYS A 38 -1.32 -5.38 -9.71
CA CYS A 38 -2.12 -6.47 -9.16
C CYS A 38 -2.97 -7.14 -10.25
N PRO A 39 -2.87 -8.47 -10.46
CA PRO A 39 -3.66 -9.21 -11.43
C PRO A 39 -5.12 -9.33 -10.99
N LYS A 40 -6.01 -9.66 -11.94
CA LYS A 40 -7.44 -9.90 -11.64
C LYS A 40 -7.68 -11.32 -11.14
N VAL A 41 -7.12 -12.31 -11.83
CA VAL A 41 -7.25 -13.76 -11.58
C VAL A 41 -8.68 -14.26 -11.91
N ASP A 42 -8.82 -15.10 -12.96
CA ASP A 42 -10.10 -15.74 -13.37
C ASP A 42 -9.86 -16.84 -14.41
N SER A 43 -9.60 -16.47 -15.68
CA SER A 43 -9.37 -17.40 -16.79
C SER A 43 -7.96 -18.01 -16.74
N LYS A 44 -6.96 -17.21 -16.31
CA LYS A 44 -5.55 -17.61 -16.20
C LYS A 44 -5.25 -18.60 -15.07
N THR A 45 -5.87 -18.39 -13.89
CA THR A 45 -5.75 -19.24 -12.70
C THR A 45 -7.09 -19.90 -12.37
N VAL A 46 -8.06 -19.18 -11.77
CA VAL A 46 -9.40 -19.71 -11.45
C VAL A 46 -10.40 -18.64 -10.94
N GLY A 47 -9.94 -17.65 -10.15
CA GLY A 47 -10.77 -16.54 -9.65
C GLY A 47 -10.99 -16.49 -8.13
N GLN A 48 -9.94 -16.68 -7.32
CA GLN A 48 -9.99 -16.75 -5.84
C GLN A 48 -8.65 -16.48 -5.14
N TYR A 49 -7.82 -15.58 -5.70
CA TYR A 49 -6.49 -15.21 -5.15
C TYR A 49 -6.55 -14.24 -3.96
N GLU A 50 -7.75 -14.02 -3.40
CA GLU A 50 -8.05 -12.98 -2.40
C GLU A 50 -7.90 -11.56 -2.98
N TYR A 51 -8.07 -10.54 -2.14
CA TYR A 51 -7.83 -9.13 -2.50
C TYR A 51 -6.86 -8.47 -1.51
N TYR A 52 -6.41 -7.29 -1.86
CA TYR A 52 -5.48 -6.49 -1.07
C TYR A 52 -5.94 -5.02 -1.07
N LYS A 53 -5.70 -4.30 0.02
CA LYS A 53 -6.06 -2.87 0.13
C LYS A 53 -4.94 -2.08 0.82
N VAL A 54 -4.36 -1.11 0.11
CA VAL A 54 -3.31 -0.23 0.66
C VAL A 54 -3.90 1.14 0.96
N TYR A 55 -3.84 1.56 2.23
CA TYR A 55 -4.31 2.87 2.68
C TYR A 55 -3.35 3.48 3.71
N MET A 56 -3.20 4.81 3.69
CA MET A 56 -2.40 5.57 4.66
C MET A 56 -3.16 5.84 5.97
N VAL A 57 -2.58 5.49 7.12
CA VAL A 57 -3.15 5.69 8.45
C VAL A 57 -2.10 6.01 9.51
N ASP A 58 -2.50 6.61 10.63
CA ASP A 58 -1.66 6.80 11.82
C ASP A 58 -1.28 5.47 12.50
N LYS A 59 -0.24 5.48 13.35
CA LYS A 59 0.14 4.37 14.24
C LYS A 59 -1.03 3.85 15.11
N ASP A 60 -1.98 4.71 15.46
CA ASP A 60 -3.18 4.34 16.23
C ASP A 60 -4.06 3.32 15.48
N GLN A 61 -4.33 3.59 14.20
CA GLN A 61 -5.05 2.71 13.29
C GLN A 61 -4.23 1.45 12.93
N ALA A 62 -2.90 1.59 12.77
CA ALA A 62 -2.00 0.47 12.57
C ALA A 62 -2.02 -0.53 13.75
N ASP A 63 -2.08 -0.04 14.99
CA ASP A 63 -2.15 -0.85 16.21
C ASP A 63 -3.55 -1.44 16.45
N ARG A 64 -4.61 -0.66 16.17
CA ARG A 64 -6.02 -1.14 16.15
C ARG A 64 -6.30 -2.14 15.04
N CYS A 65 -5.47 -2.18 14.00
CA CYS A 65 -5.72 -2.87 12.73
C CYS A 65 -7.07 -2.49 12.09
N THR A 66 -7.34 -1.19 11.97
CA THR A 66 -8.57 -0.67 11.34
C THR A 66 -8.25 0.42 10.33
N ILE A 67 -9.14 0.62 9.36
CA ILE A 67 -8.99 1.59 8.25
C ILE A 67 -10.03 2.69 8.47
N LYS A 68 -9.62 3.95 8.29
CA LYS A 68 -10.51 5.10 8.50
C LYS A 68 -11.48 5.22 7.32
N LYS A 69 -12.77 5.41 7.58
CA LYS A 69 -13.79 5.74 6.56
C LYS A 69 -13.53 7.05 5.82
N GLU A 70 -12.67 7.91 6.37
CA GLU A 70 -12.11 9.10 5.72
C GLU A 70 -11.15 8.78 4.56
N ASN A 71 -10.92 7.48 4.28
CA ASN A 71 -10.26 7.01 3.06
C ASN A 71 -10.94 7.50 1.75
N THR A 72 -10.16 7.40 0.67
CA THR A 72 -10.48 7.81 -0.72
C THR A 72 -9.33 7.43 -1.68
N PRO A 73 -8.04 7.72 -1.37
CA PRO A 73 -6.91 7.31 -2.20
C PRO A 73 -6.46 5.85 -1.95
N LEU A 74 -7.23 5.09 -1.16
CA LEU A 74 -7.05 3.66 -0.92
C LEU A 74 -6.95 2.89 -2.25
N LEU A 75 -5.89 2.11 -2.39
CA LEU A 75 -5.57 1.35 -3.59
C LEU A 75 -6.16 -0.07 -3.49
N ASN A 76 -7.28 -0.29 -4.19
CA ASN A 76 -8.02 -1.55 -4.30
C ASN A 76 -7.26 -2.63 -5.11
N CYS A 77 -6.07 -3.04 -4.65
CA CYS A 77 -5.29 -4.08 -5.29
C CYS A 77 -6.08 -5.40 -5.45
N ALA A 78 -5.94 -6.02 -6.63
CA ALA A 78 -6.72 -7.14 -7.18
C ALA A 78 -8.17 -6.78 -7.59
N LYS A 79 -8.76 -5.73 -6.99
CA LYS A 79 -10.13 -5.21 -7.18
C LYS A 79 -11.21 -6.32 -7.07
N PRO A 80 -12.52 -6.05 -7.31
CA PRO A 80 -13.50 -7.14 -7.44
C PRO A 80 -13.37 -7.87 -8.79
N ASP A 81 -13.06 -7.13 -9.88
CA ASP A 81 -12.93 -7.66 -11.25
C ASP A 81 -12.12 -6.72 -12.17
N GLN A 82 -10.90 -6.34 -11.76
CA GLN A 82 -9.99 -5.56 -12.61
C GLN A 82 -8.53 -5.67 -12.16
N ASP A 83 -7.58 -5.57 -13.10
CA ASP A 83 -6.19 -5.29 -12.77
C ASP A 83 -6.02 -3.88 -12.17
N ILE A 84 -5.16 -3.77 -11.16
CA ILE A 84 -4.71 -2.48 -10.61
C ILE A 84 -3.29 -2.21 -11.12
N LYS A 85 -3.04 -0.93 -11.44
CA LYS A 85 -1.75 -0.43 -11.94
C LYS A 85 -1.64 1.06 -11.63
N PHE A 86 -0.71 1.41 -10.75
CA PHE A 86 -0.43 2.80 -10.36
C PHE A 86 1.07 2.97 -10.18
N THR A 87 1.63 4.03 -10.75
CA THR A 87 3.06 4.37 -10.64
C THR A 87 3.21 5.79 -10.13
N ILE A 88 3.76 5.92 -8.93
CA ILE A 88 4.01 7.18 -8.24
C ILE A 88 5.52 7.33 -8.03
N LYS A 89 6.02 8.52 -8.34
CA LYS A 89 7.40 8.91 -8.12
C LYS A 89 7.51 9.75 -6.84
N PHE A 90 8.64 9.64 -6.16
CA PHE A 90 8.99 10.42 -4.96
C PHE A 90 9.33 11.89 -5.33
N GLN A 91 8.53 12.52 -6.19
CA GLN A 91 8.62 13.94 -6.60
C GLN A 91 7.46 14.28 -7.55
N GLU A 92 6.38 14.87 -7.03
CA GLU A 92 5.31 15.43 -7.84
C GLU A 92 4.57 16.50 -7.03
N PHE A 93 5.18 17.68 -6.87
CA PHE A 93 4.49 18.84 -6.31
C PHE A 93 3.26 19.20 -7.17
N SER A 94 2.14 19.54 -6.53
CA SER A 94 0.91 19.95 -7.21
C SER A 94 0.19 21.04 -6.41
N PRO A 95 -0.26 22.13 -7.06
CA PRO A 95 -1.01 23.19 -6.39
C PRO A 95 -2.45 22.79 -6.01
N ASN A 96 -2.96 21.63 -6.44
CA ASN A 96 -4.34 21.18 -6.19
C ASN A 96 -4.51 19.63 -6.13
N LEU A 97 -3.51 18.89 -5.63
CA LEU A 97 -3.57 17.42 -5.55
C LEU A 97 -2.67 16.85 -4.44
N TRP A 98 -3.22 16.53 -3.27
CA TRP A 98 -2.49 16.01 -2.09
C TRP A 98 -2.18 14.49 -2.12
N GLY A 99 -2.46 13.81 -3.24
CA GLY A 99 -2.31 12.35 -3.40
C GLY A 99 -0.89 11.90 -3.73
N LEU A 100 -0.38 12.30 -4.92
CA LEU A 100 1.02 12.17 -5.31
C LEU A 100 1.95 13.22 -4.68
N GLU A 101 1.39 14.28 -4.08
CA GLU A 101 2.16 15.23 -3.27
C GLU A 101 2.73 14.57 -2.03
N PHE A 102 3.83 15.12 -1.55
CA PHE A 102 4.54 14.67 -0.36
C PHE A 102 5.24 15.86 0.34
N GLN A 103 5.46 15.71 1.64
CA GLN A 103 5.96 16.76 2.53
C GLN A 103 7.36 16.40 3.03
N LYS A 104 8.28 17.38 3.15
CA LYS A 104 9.63 17.13 3.67
C LYS A 104 9.63 16.86 5.18
N ASN A 105 10.65 16.14 5.65
CA ASN A 105 10.79 15.66 7.03
C ASN A 105 9.52 15.00 7.60
N LYS A 106 8.79 14.24 6.76
CA LYS A 106 7.45 13.72 7.06
C LYS A 106 7.38 12.22 6.78
N ASP A 107 6.90 11.47 7.77
CA ASP A 107 6.70 10.03 7.71
C ASP A 107 5.23 9.71 7.38
N TYR A 108 5.03 8.68 6.57
CA TYR A 108 3.75 8.06 6.30
C TYR A 108 3.79 6.58 6.69
N TYR A 109 2.67 6.13 7.24
CA TYR A 109 2.38 4.75 7.61
C TYR A 109 1.21 4.28 6.76
N ILE A 110 1.37 3.13 6.12
CA ILE A 110 0.33 2.45 5.36
C ILE A 110 -0.19 1.30 6.22
N ILE A 111 -1.37 0.77 5.93
CA ILE A 111 -1.91 -0.45 6.52
C ILE A 111 -2.73 -1.20 5.46
N SER A 112 -2.89 -2.51 5.66
CA SER A 112 -3.66 -3.38 4.76
C SER A 112 -4.33 -4.53 5.53
N THR A 113 -5.40 -5.08 4.95
CA THR A 113 -6.24 -6.14 5.58
C THR A 113 -6.47 -7.34 4.66
N SER A 114 -5.40 -7.84 4.04
CA SER A 114 -5.42 -9.02 3.15
C SER A 114 -6.11 -10.26 3.73
N ASN A 115 -6.04 -10.47 5.05
CA ASN A 115 -6.75 -11.54 5.78
C ASN A 115 -8.28 -11.48 5.62
N GLY A 116 -8.82 -10.30 5.26
CA GLY A 116 -10.25 -10.03 5.12
C GLY A 116 -11.08 -10.54 6.29
N SER A 117 -10.72 -10.12 7.52
CA SER A 117 -11.41 -10.52 8.77
C SER A 117 -12.92 -10.39 8.68
N LEU A 118 -13.69 -11.17 9.43
CA LEU A 118 -15.16 -11.18 9.32
C LEU A 118 -15.80 -9.80 9.58
N GLU A 119 -15.23 -8.98 10.48
CA GLU A 119 -15.63 -7.57 10.70
C GLU A 119 -15.36 -6.64 9.49
N GLY A 120 -14.44 -7.05 8.61
CA GLY A 120 -13.96 -6.36 7.41
C GLY A 120 -14.14 -7.19 6.13
N LEU A 121 -15.13 -8.10 6.09
CA LEU A 121 -15.38 -8.95 4.93
C LEU A 121 -15.77 -8.13 3.68
N ASP A 122 -16.50 -7.04 3.91
CA ASP A 122 -16.97 -6.05 2.93
C ASP A 122 -16.67 -4.60 3.38
N ASN A 123 -16.20 -4.43 4.63
CA ASN A 123 -15.78 -3.15 5.22
C ASN A 123 -14.24 -3.05 5.21
N GLN A 124 -13.71 -2.04 5.88
CA GLN A 124 -12.29 -1.77 5.99
C GLN A 124 -11.87 -1.80 7.48
N GLU A 125 -12.02 -2.94 8.15
CA GLU A 125 -11.78 -3.07 9.61
C GLU A 125 -11.34 -4.50 10.00
N GLY A 126 -10.15 -4.64 10.60
CA GLY A 126 -9.54 -5.93 10.97
C GLY A 126 -8.91 -6.65 9.77
N GLY A 127 -7.78 -7.33 10.00
CA GLY A 127 -6.99 -7.98 8.94
C GLY A 127 -5.64 -8.49 9.42
N VAL A 128 -4.68 -8.62 8.49
CA VAL A 128 -3.31 -9.06 8.78
C VAL A 128 -2.56 -8.08 9.69
N CYS A 129 -2.88 -6.80 9.69
CA CYS A 129 -2.36 -5.85 10.68
C CYS A 129 -2.55 -6.27 12.16
N GLN A 130 -3.43 -7.24 12.47
CA GLN A 130 -3.71 -7.74 13.84
C GLN A 130 -2.71 -8.82 14.31
N THR A 131 -2.18 -9.65 13.38
CA THR A 131 -1.33 -10.83 13.70
C THR A 131 -0.19 -11.07 12.69
N ARG A 132 0.16 -10.01 11.93
CA ARG A 132 1.15 -9.97 10.85
C ARG A 132 1.87 -8.63 10.78
N ALA A 133 1.16 -7.53 11.09
CA ALA A 133 1.56 -6.14 10.84
C ALA A 133 1.84 -5.87 9.34
N MET A 134 0.84 -6.08 8.47
CA MET A 134 0.91 -5.61 7.08
C MET A 134 0.76 -4.09 7.01
N LYS A 135 1.90 -3.41 7.01
CA LYS A 135 2.06 -1.97 6.90
C LYS A 135 3.33 -1.64 6.13
N ILE A 136 3.48 -0.36 5.76
CA ILE A 136 4.68 0.11 5.06
C ILE A 136 5.15 1.44 5.65
N LEU A 137 6.45 1.59 5.82
CA LEU A 137 7.12 2.83 6.23
C LEU A 137 7.52 3.58 4.96
N MET A 138 7.05 4.81 4.80
CA MET A 138 7.37 5.68 3.68
C MET A 138 7.71 7.09 4.21
N LYS A 139 9.00 7.39 4.41
CA LYS A 139 9.45 8.73 4.81
C LYS A 139 9.82 9.54 3.57
N VAL A 140 9.67 10.86 3.67
CA VAL A 140 9.99 11.84 2.62
C VAL A 140 10.82 12.94 3.28
N GLY A 141 12.05 13.09 2.79
CA GLY A 141 13.05 14.04 3.29
C GLY A 141 14.44 13.41 3.33
N GLN A 142 15.31 13.84 2.40
CA GLN A 142 16.74 13.46 2.37
C GLN A 142 17.53 13.82 3.65
N SER A 1 24.30 7.87 -14.28
CA SER A 1 23.97 7.10 -13.05
C SER A 1 22.45 7.09 -12.81
N LYS A 2 21.98 6.36 -11.77
CA LYS A 2 20.58 6.34 -11.31
C LYS A 2 20.54 6.57 -9.80
N SER A 3 19.50 7.27 -9.34
CA SER A 3 19.26 7.68 -7.95
C SER A 3 18.97 6.46 -7.03
N ILE A 4 17.75 5.94 -7.11
CA ILE A 4 17.25 4.80 -6.32
C ILE A 4 16.23 3.96 -7.09
N VAL A 5 15.24 4.59 -7.74
CA VAL A 5 14.19 3.97 -8.60
C VAL A 5 13.74 2.57 -8.08
N LEU A 6 12.83 2.59 -7.10
CA LEU A 6 12.27 1.39 -6.45
C LEU A 6 11.84 0.32 -7.47
N GLU A 7 12.15 -0.93 -7.16
CA GLU A 7 11.88 -2.07 -8.06
C GLU A 7 10.37 -2.26 -8.32
N PRO A 8 9.98 -2.80 -9.50
CA PRO A 8 8.57 -3.07 -9.81
C PRO A 8 8.04 -4.24 -8.94
N ILE A 9 6.81 -4.12 -8.43
CA ILE A 9 6.16 -5.11 -7.55
C ILE A 9 4.89 -5.67 -8.20
N TYR A 10 4.93 -6.95 -8.56
CA TYR A 10 3.95 -7.67 -9.39
C TYR A 10 3.07 -8.62 -8.55
N TRP A 11 2.29 -8.07 -7.62
CA TRP A 11 1.62 -8.75 -6.49
C TRP A 11 2.60 -9.33 -5.46
N ASN A 12 3.63 -10.06 -5.92
CA ASN A 12 4.65 -10.75 -5.14
C ASN A 12 5.17 -9.86 -4.01
N SER A 13 4.63 -10.07 -2.81
CA SER A 13 4.95 -9.22 -1.66
C SER A 13 6.44 -9.31 -1.31
N SER A 14 7.09 -10.43 -1.64
CA SER A 14 8.54 -10.76 -1.60
C SER A 14 9.51 -9.83 -2.39
N ASN A 15 9.26 -8.52 -2.42
CA ASN A 15 10.13 -7.51 -3.01
C ASN A 15 11.51 -7.41 -2.32
N SER A 16 12.48 -6.76 -2.98
CA SER A 16 13.76 -6.37 -2.38
C SER A 16 13.60 -5.47 -1.12
N LYS A 17 12.66 -4.50 -1.14
CA LYS A 17 12.36 -3.60 -0.01
C LYS A 17 11.38 -4.17 1.03
N PHE A 18 10.79 -5.34 0.77
CA PHE A 18 9.93 -6.08 1.69
C PHE A 18 10.75 -6.67 2.85
N LEU A 19 10.79 -5.96 3.98
CA LEU A 19 11.64 -6.28 5.13
C LEU A 19 10.85 -7.09 6.18
N PRO A 20 11.35 -8.29 6.59
CA PRO A 20 10.60 -9.19 7.48
C PRO A 20 10.44 -8.58 8.89
N GLY A 21 9.22 -8.14 9.22
CA GLY A 21 8.86 -7.62 10.54
C GLY A 21 7.60 -6.74 10.53
N GLN A 22 7.58 -5.69 9.69
CA GLN A 22 6.42 -4.80 9.49
C GLN A 22 5.71 -5.04 8.15
N GLY A 23 6.46 -5.36 7.09
CA GLY A 23 5.96 -5.69 5.76
C GLY A 23 6.89 -5.12 4.68
N LEU A 24 6.67 -3.87 4.28
CA LEU A 24 7.42 -3.18 3.23
C LEU A 24 7.93 -1.82 3.74
N VAL A 25 9.14 -1.41 3.39
CA VAL A 25 9.66 -0.07 3.70
C VAL A 25 9.62 0.77 2.42
N LEU A 26 9.03 1.96 2.50
CA LEU A 26 9.04 2.96 1.42
C LEU A 26 9.90 4.16 1.83
N TYR A 27 10.20 4.99 0.83
CA TYR A 27 10.98 6.21 0.95
C TYR A 27 10.26 7.29 0.12
N PRO A 28 9.49 8.20 0.74
CA PRO A 28 8.83 9.28 0.02
C PRO A 28 9.85 10.42 -0.20
N GLN A 29 10.79 10.21 -1.11
CA GLN A 29 11.77 11.23 -1.52
C GLN A 29 11.65 11.56 -3.01
N ILE A 30 12.06 12.78 -3.35
CA ILE A 30 12.02 13.27 -4.73
C ILE A 30 13.32 12.88 -5.44
N GLY A 31 13.18 12.06 -6.48
CA GLY A 31 14.27 11.37 -7.19
C GLY A 31 13.97 9.90 -7.46
N ASP A 32 12.93 9.34 -6.85
CA ASP A 32 12.58 7.92 -6.91
C ASP A 32 11.10 7.71 -7.25
N LYS A 33 10.82 6.55 -7.86
CA LYS A 33 9.53 6.15 -8.38
C LYS A 33 9.29 4.68 -8.07
N LEU A 34 8.01 4.34 -7.89
CA LEU A 34 7.56 3.00 -7.52
C LEU A 34 6.24 2.70 -8.25
N ASP A 35 6.10 1.47 -8.72
CA ASP A 35 4.96 1.02 -9.51
C ASP A 35 4.41 -0.29 -8.95
N ILE A 36 3.19 -0.18 -8.42
CA ILE A 36 2.44 -1.20 -7.69
C ILE A 36 1.45 -1.87 -8.63
N ILE A 37 1.62 -3.17 -8.83
CA ILE A 37 0.78 -3.99 -9.70
C ILE A 37 0.12 -5.09 -8.85
N CYS A 38 -1.14 -5.38 -9.14
CA CYS A 38 -1.94 -6.39 -8.49
C CYS A 38 -2.85 -7.06 -9.56
N PRO A 39 -2.80 -8.39 -9.72
CA PRO A 39 -3.63 -9.15 -10.64
C PRO A 39 -5.10 -9.19 -10.17
N LYS A 40 -5.92 -9.95 -10.90
CA LYS A 40 -7.33 -10.18 -10.56
C LYS A 40 -7.49 -11.64 -10.11
N VAL A 41 -7.78 -11.81 -8.82
CA VAL A 41 -8.23 -13.06 -8.17
C VAL A 41 -9.26 -13.78 -9.05
N ASP A 42 -8.85 -14.92 -9.63
CA ASP A 42 -9.62 -15.85 -10.47
C ASP A 42 -8.67 -16.87 -11.15
N SER A 43 -7.74 -16.37 -11.97
CA SER A 43 -6.74 -17.18 -12.68
C SER A 43 -5.50 -17.47 -11.80
N LYS A 44 -5.06 -16.46 -11.01
CA LYS A 44 -3.89 -16.54 -10.13
C LYS A 44 -4.17 -17.27 -8.80
N THR A 45 -5.42 -17.23 -8.33
CA THR A 45 -5.92 -17.90 -7.11
C THR A 45 -5.08 -17.57 -5.85
N VAL A 46 -4.60 -16.33 -5.75
CA VAL A 46 -3.79 -15.85 -4.61
C VAL A 46 -4.63 -15.46 -3.37
N GLY A 47 -5.96 -15.46 -3.51
CA GLY A 47 -6.89 -15.07 -2.44
C GLY A 47 -8.34 -14.96 -2.93
N GLN A 48 -8.99 -16.09 -3.21
CA GLN A 48 -10.43 -16.24 -3.57
C GLN A 48 -11.40 -15.77 -2.47
N TYR A 49 -11.23 -14.52 -2.03
CA TYR A 49 -12.00 -13.83 -1.01
C TYR A 49 -13.07 -12.94 -1.68
N GLU A 50 -12.61 -11.93 -2.42
CA GLU A 50 -13.40 -11.03 -3.28
C GLU A 50 -12.45 -10.02 -3.97
N TYR A 51 -11.92 -9.08 -3.17
CA TYR A 51 -11.27 -7.82 -3.59
C TYR A 51 -10.14 -7.46 -2.61
N TYR A 52 -9.23 -6.55 -2.99
CA TYR A 52 -8.09 -6.14 -2.15
C TYR A 52 -7.90 -4.62 -2.16
N LYS A 53 -7.97 -4.02 -0.97
CA LYS A 53 -7.67 -2.59 -0.75
C LYS A 53 -6.71 -2.39 0.42
N VAL A 54 -5.88 -1.36 0.28
CA VAL A 54 -4.83 -0.99 1.22
C VAL A 54 -5.10 0.44 1.70
N TYR A 55 -4.91 0.68 3.00
CA TYR A 55 -5.41 1.86 3.71
C TYR A 55 -4.29 2.61 4.44
N MET A 56 -4.40 3.92 4.57
CA MET A 56 -3.34 4.77 5.16
C MET A 56 -3.72 5.18 6.59
N VAL A 57 -2.84 4.89 7.56
CA VAL A 57 -3.10 4.96 9.00
C VAL A 57 -1.81 4.75 9.80
N ASP A 58 -1.72 5.39 10.97
CA ASP A 58 -0.52 5.48 11.82
C ASP A 58 0.01 4.12 12.33
N LYS A 59 1.30 4.00 12.68
CA LYS A 59 1.83 2.79 13.35
C LYS A 59 1.05 2.39 14.63
N ASP A 60 0.49 3.36 15.35
CA ASP A 60 -0.35 3.12 16.53
C ASP A 60 -1.66 2.35 16.21
N GLN A 61 -2.17 2.50 14.99
CA GLN A 61 -3.28 1.72 14.42
C GLN A 61 -2.81 0.29 14.05
N ALA A 62 -1.60 0.12 13.49
CA ALA A 62 -1.01 -1.19 13.22
C ALA A 62 -0.74 -2.01 14.49
N ASP A 63 -0.42 -1.34 15.60
CA ASP A 63 -0.13 -1.94 16.91
C ASP A 63 -1.29 -2.81 17.45
N ARG A 64 -2.53 -2.43 17.09
CA ARG A 64 -3.78 -3.16 17.38
C ARG A 64 -4.31 -3.96 16.18
N CYS A 65 -3.65 -3.86 15.01
CA CYS A 65 -4.19 -4.24 13.70
C CYS A 65 -5.61 -3.69 13.48
N THR A 66 -5.80 -2.39 13.71
CA THR A 66 -7.06 -1.71 13.47
C THR A 66 -6.84 -0.50 12.57
N ILE A 67 -7.74 -0.25 11.61
CA ILE A 67 -7.67 0.89 10.67
C ILE A 67 -8.69 1.93 11.14
N LYS A 68 -8.43 3.21 10.91
CA LYS A 68 -9.35 4.30 11.25
C LYS A 68 -10.29 4.52 10.06
N LYS A 69 -11.56 4.90 10.28
CA LYS A 69 -12.47 5.29 9.18
C LYS A 69 -11.96 6.52 8.38
N GLU A 70 -11.10 7.31 9.00
CA GLU A 70 -10.37 8.43 8.40
C GLU A 70 -9.21 8.02 7.46
N ASN A 71 -9.01 6.71 7.23
CA ASN A 71 -8.17 6.20 6.16
C ASN A 71 -8.63 6.67 4.76
N THR A 72 -7.87 6.28 3.74
CA THR A 72 -8.22 6.46 2.33
C THR A 72 -7.95 5.15 1.54
N PRO A 73 -8.73 4.83 0.49
CA PRO A 73 -8.46 3.68 -0.38
C PRO A 73 -7.27 4.01 -1.32
N LEU A 74 -6.04 4.03 -0.76
CA LEU A 74 -4.78 4.24 -1.49
C LEU A 74 -4.66 3.25 -2.66
N LEU A 75 -4.74 1.95 -2.36
CA LEU A 75 -4.65 0.89 -3.36
C LEU A 75 -6.03 0.27 -3.53
N ASN A 76 -6.45 0.14 -4.77
CA ASN A 76 -7.73 -0.42 -5.17
C ASN A 76 -7.47 -1.40 -6.32
N CYS A 77 -7.29 -2.68 -5.97
CA CYS A 77 -7.15 -3.76 -6.94
C CYS A 77 -8.18 -4.88 -6.70
N ALA A 78 -8.33 -5.76 -7.70
CA ALA A 78 -9.37 -6.78 -7.78
C ALA A 78 -10.79 -6.18 -7.69
N LYS A 79 -11.48 -6.06 -8.84
CA LYS A 79 -12.87 -5.58 -9.03
C LYS A 79 -13.30 -5.57 -10.51
N PRO A 80 -12.51 -4.96 -11.43
CA PRO A 80 -12.77 -5.03 -12.87
C PRO A 80 -12.34 -6.38 -13.46
N ASP A 81 -12.37 -6.49 -14.78
CA ASP A 81 -12.00 -7.69 -15.58
C ASP A 81 -10.59 -7.58 -16.19
N GLN A 82 -9.67 -6.89 -15.50
CA GLN A 82 -8.27 -6.69 -15.88
C GLN A 82 -7.33 -6.58 -14.66
N ASP A 83 -6.03 -6.68 -14.90
CA ASP A 83 -4.97 -6.32 -13.97
C ASP A 83 -5.03 -4.82 -13.58
N ILE A 84 -4.73 -4.51 -12.31
CA ILE A 84 -4.57 -3.14 -11.81
C ILE A 84 -3.07 -2.83 -11.65
N LYS A 85 -2.70 -1.61 -12.02
CA LYS A 85 -1.34 -1.08 -11.95
C LYS A 85 -1.36 0.43 -11.71
N PHE A 86 -0.50 0.88 -10.81
CA PHE A 86 -0.39 2.27 -10.33
C PHE A 86 1.09 2.64 -10.26
N THR A 87 1.54 3.50 -11.18
CA THR A 87 2.90 4.05 -11.17
C THR A 87 2.87 5.44 -10.54
N ILE A 88 3.71 5.65 -9.53
CA ILE A 88 3.98 6.94 -8.91
C ILE A 88 5.40 7.36 -9.31
N LYS A 89 5.50 8.54 -9.91
CA LYS A 89 6.75 9.25 -10.13
C LYS A 89 6.92 10.31 -9.03
N PHE A 90 8.17 10.60 -8.69
CA PHE A 90 8.60 11.67 -7.77
C PHE A 90 7.95 13.02 -8.10
N GLN A 91 6.90 13.40 -7.36
CA GLN A 91 6.15 14.62 -7.60
C GLN A 91 5.70 15.25 -6.27
N GLU A 92 6.15 16.47 -6.00
CA GLU A 92 5.78 17.23 -4.80
C GLU A 92 4.56 18.15 -5.06
N PHE A 93 4.45 18.66 -6.29
CA PHE A 93 3.42 19.59 -6.74
C PHE A 93 2.88 19.12 -8.10
N SER A 94 1.56 19.06 -8.23
CA SER A 94 0.86 18.58 -9.44
C SER A 94 -0.22 19.59 -9.86
N PRO A 95 -0.37 19.89 -11.17
CA PRO A 95 -1.36 20.88 -11.63
C PRO A 95 -2.80 20.33 -11.52
N ASN A 96 -3.01 19.07 -11.90
CA ASN A 96 -4.28 18.34 -11.75
C ASN A 96 -4.03 16.83 -11.98
N LEU A 97 -4.21 16.00 -10.94
CA LEU A 97 -3.96 14.55 -10.96
C LEU A 97 -4.69 13.85 -9.78
N TRP A 98 -4.48 12.54 -9.61
CA TRP A 98 -5.04 11.74 -8.51
C TRP A 98 -4.64 12.20 -7.09
N GLY A 99 -3.63 13.06 -6.96
CA GLY A 99 -3.13 13.59 -5.68
C GLY A 99 -1.77 13.02 -5.29
N LEU A 100 -0.84 12.95 -6.26
CA LEU A 100 0.52 12.41 -6.06
C LEU A 100 1.38 13.29 -5.12
N GLU A 101 0.96 14.53 -4.88
CA GLU A 101 1.64 15.49 -3.99
C GLU A 101 1.98 14.88 -2.62
N PHE A 102 3.19 15.18 -2.17
CA PHE A 102 3.79 14.71 -0.93
C PHE A 102 4.45 15.91 -0.22
N GLN A 103 4.66 15.81 1.10
CA GLN A 103 5.34 16.81 1.91
C GLN A 103 6.49 16.17 2.69
N LYS A 104 7.70 16.73 2.58
CA LYS A 104 8.87 16.35 3.42
C LYS A 104 8.63 16.60 4.91
N ASN A 105 9.53 16.08 5.75
CA ASN A 105 9.43 16.16 7.22
C ASN A 105 8.08 15.63 7.77
N LYS A 106 7.59 14.56 7.16
CA LYS A 106 6.34 13.85 7.49
C LYS A 106 6.57 12.34 7.37
N ASP A 107 6.20 11.62 8.41
CA ASP A 107 6.17 10.17 8.42
C ASP A 107 4.89 9.69 7.72
N TYR A 108 4.97 8.59 6.97
CA TYR A 108 3.82 7.93 6.34
C TYR A 108 3.73 6.48 6.82
N TYR A 109 2.50 6.00 6.98
CA TYR A 109 2.20 4.66 7.47
C TYR A 109 0.97 4.14 6.71
N ILE A 110 1.04 2.87 6.32
CA ILE A 110 0.02 2.18 5.49
C ILE A 110 -0.15 0.77 6.08
N ILE A 111 -1.39 0.29 6.14
CA ILE A 111 -1.80 -0.92 6.85
C ILE A 111 -2.94 -1.56 6.06
N SER A 112 -2.99 -2.89 6.01
CA SER A 112 -4.06 -3.62 5.32
C SER A 112 -4.71 -4.65 6.24
N THR A 113 -5.98 -4.89 5.97
CA THR A 113 -6.88 -5.73 6.78
C THR A 113 -7.73 -6.59 5.84
N SER A 114 -7.26 -7.80 5.54
CA SER A 114 -8.01 -8.81 4.76
C SER A 114 -9.37 -9.15 5.38
N ASN A 115 -9.57 -8.92 6.69
CA ASN A 115 -10.88 -8.96 7.37
C ASN A 115 -11.88 -7.88 6.89
N GLY A 116 -11.42 -6.93 6.07
CA GLY A 116 -12.19 -5.94 5.31
C GLY A 116 -12.95 -6.54 4.10
N SER A 117 -13.39 -7.80 4.22
CA SER A 117 -14.31 -8.51 3.31
C SER A 117 -15.64 -7.74 3.12
N LEU A 118 -16.55 -8.17 2.24
CA LEU A 118 -17.87 -7.53 2.09
C LEU A 118 -18.68 -7.52 3.41
N GLU A 119 -18.66 -8.63 4.17
CA GLU A 119 -19.30 -8.70 5.49
C GLU A 119 -18.70 -7.72 6.52
N GLY A 120 -17.44 -7.36 6.32
CA GLY A 120 -16.66 -6.43 7.14
C GLY A 120 -16.22 -5.20 6.35
N LEU A 121 -17.02 -4.69 5.40
CA LEU A 121 -16.64 -3.53 4.57
C LEU A 121 -16.39 -2.28 5.45
N ASP A 122 -17.20 -2.13 6.49
CA ASP A 122 -17.06 -1.12 7.55
C ASP A 122 -16.12 -1.60 8.68
N ASN A 123 -15.89 -2.91 8.79
CA ASN A 123 -14.92 -3.48 9.73
C ASN A 123 -13.49 -3.07 9.35
N GLN A 124 -12.67 -3.01 10.37
CA GLN A 124 -11.35 -2.42 10.35
C GLN A 124 -10.54 -2.87 11.58
N GLU A 125 -10.75 -4.09 12.08
CA GLU A 125 -10.17 -4.54 13.35
C GLU A 125 -9.84 -6.05 13.34
N GLY A 126 -8.55 -6.37 13.52
CA GLY A 126 -7.96 -7.70 13.39
C GLY A 126 -7.88 -8.16 11.91
N GLY A 127 -6.82 -8.87 11.53
CA GLY A 127 -6.54 -9.18 10.11
C GLY A 127 -5.07 -9.53 9.85
N VAL A 128 -4.65 -9.44 8.58
CA VAL A 128 -3.25 -9.69 8.16
C VAL A 128 -2.23 -8.75 8.81
N CYS A 129 -2.61 -7.54 9.23
CA CYS A 129 -1.76 -6.69 10.08
C CYS A 129 -1.39 -7.30 11.45
N GLN A 130 -2.07 -8.36 11.91
CA GLN A 130 -1.90 -8.95 13.24
C GLN A 130 -0.76 -10.00 13.29
N THR A 131 -0.56 -10.75 12.18
CA THR A 131 0.48 -11.81 12.08
C THR A 131 1.20 -11.82 10.72
N ARG A 132 0.49 -11.67 9.60
CA ARG A 132 1.07 -11.58 8.24
C ARG A 132 2.08 -10.43 8.11
N ALA A 133 1.90 -9.39 8.93
CA ALA A 133 2.62 -8.12 8.88
C ALA A 133 2.46 -7.44 7.50
N MET A 134 1.22 -7.01 7.21
CA MET A 134 0.89 -6.23 6.01
C MET A 134 0.83 -4.74 6.32
N LYS A 135 1.97 -4.18 6.75
CA LYS A 135 2.14 -2.76 7.06
C LYS A 135 3.38 -2.19 6.38
N ILE A 136 3.45 -0.87 6.31
CA ILE A 136 4.57 -0.16 5.71
C ILE A 136 4.93 1.06 6.58
N LEU A 137 6.20 1.40 6.57
CA LEU A 137 6.78 2.57 7.25
C LEU A 137 7.55 3.40 6.19
N MET A 138 7.32 4.71 6.24
CA MET A 138 8.02 5.73 5.50
C MET A 138 8.60 6.74 6.49
N LYS A 139 9.93 6.87 6.50
CA LYS A 139 10.68 7.83 7.33
C LYS A 139 11.37 8.85 6.42
N VAL A 140 11.02 10.13 6.58
CA VAL A 140 11.57 11.24 5.82
C VAL A 140 11.42 12.55 6.61
N GLY A 141 12.54 13.25 6.82
CA GLY A 141 12.60 14.41 7.71
C GLY A 141 14.00 14.66 8.27
N GLN A 142 14.91 15.17 7.41
CA GLN A 142 16.30 15.50 7.74
C GLN A 142 16.63 16.93 7.33
N SER A 1 21.56 3.63 -17.32
CA SER A 1 20.88 3.63 -16.00
C SER A 1 20.58 5.05 -15.55
N LYS A 2 19.38 5.24 -14.96
CA LYS A 2 18.96 6.51 -14.33
C LYS A 2 19.50 6.63 -12.89
N SER A 3 19.12 7.70 -12.21
CA SER A 3 19.52 8.08 -10.84
C SER A 3 19.50 6.91 -9.83
N ILE A 4 18.30 6.35 -9.58
CA ILE A 4 18.06 5.23 -8.67
C ILE A 4 16.85 4.38 -9.12
N VAL A 5 15.78 5.02 -9.61
CA VAL A 5 14.57 4.42 -10.23
C VAL A 5 14.16 3.05 -9.64
N LEU A 6 13.54 3.09 -8.45
CA LEU A 6 13.07 1.91 -7.69
C LEU A 6 12.36 0.85 -8.56
N GLU A 7 12.59 -0.42 -8.24
CA GLU A 7 12.05 -1.54 -9.01
C GLU A 7 10.51 -1.60 -8.99
N PRO A 8 9.90 -2.14 -10.07
CA PRO A 8 8.46 -2.35 -10.10
C PRO A 8 8.06 -3.39 -9.05
N ILE A 9 6.96 -3.14 -8.33
CA ILE A 9 6.41 -4.09 -7.36
C ILE A 9 5.58 -5.13 -8.12
N TYR A 10 5.95 -6.40 -8.00
CA TYR A 10 5.33 -7.52 -8.69
C TYR A 10 4.45 -8.32 -7.71
N TRP A 11 3.21 -7.89 -7.47
CA TRP A 11 2.25 -8.63 -6.60
C TRP A 11 2.05 -10.10 -7.02
N ASN A 12 2.43 -10.48 -8.25
CA ASN A 12 2.55 -11.87 -8.69
C ASN A 12 3.37 -12.76 -7.72
N SER A 13 4.38 -12.19 -7.05
CA SER A 13 5.30 -12.85 -6.13
C SER A 13 5.46 -12.00 -4.85
N SER A 14 6.54 -12.21 -4.09
CA SER A 14 6.91 -11.35 -2.95
C SER A 14 7.20 -9.89 -3.34
N ASN A 15 7.43 -9.01 -2.37
CA ASN A 15 7.82 -7.61 -2.60
C ASN A 15 9.35 -7.45 -2.73
N SER A 16 9.84 -6.29 -3.21
CA SER A 16 11.27 -5.98 -3.22
C SER A 16 11.89 -6.01 -1.82
N LYS A 17 11.19 -5.41 -0.83
CA LYS A 17 11.65 -5.41 0.56
C LYS A 17 11.46 -6.74 1.29
N PHE A 18 10.43 -7.50 0.92
CA PHE A 18 10.08 -8.83 1.46
C PHE A 18 10.41 -8.95 2.97
N LEU A 19 9.69 -8.18 3.80
CA LEU A 19 9.96 -8.08 5.23
C LEU A 19 8.92 -8.89 6.03
N PRO A 20 9.26 -10.11 6.52
CA PRO A 20 8.33 -11.00 7.22
C PRO A 20 8.06 -10.53 8.66
N GLY A 21 7.35 -9.42 8.75
CA GLY A 21 7.02 -8.67 9.96
C GLY A 21 6.09 -7.52 9.62
N GLN A 22 6.55 -6.27 9.70
CA GLN A 22 5.75 -5.07 9.39
C GLN A 22 5.06 -5.09 8.01
N GLY A 23 5.69 -5.64 6.96
CA GLY A 23 5.07 -5.90 5.66
C GLY A 23 5.91 -5.42 4.49
N LEU A 24 5.88 -4.10 4.23
CA LEU A 24 6.63 -3.42 3.17
C LEU A 24 7.24 -2.13 3.74
N VAL A 25 8.49 -1.82 3.39
CA VAL A 25 9.17 -0.60 3.85
C VAL A 25 9.90 0.02 2.67
N LEU A 26 9.46 1.20 2.22
CA LEU A 26 10.07 1.91 1.10
C LEU A 26 10.40 3.36 1.47
N TYR A 27 11.20 4.03 0.65
CA TYR A 27 11.69 5.39 0.91
C TYR A 27 11.36 6.29 -0.29
N PRO A 28 10.16 6.93 -0.35
CA PRO A 28 9.69 7.75 -1.46
C PRO A 28 10.37 9.13 -1.49
N GLN A 29 11.68 9.14 -1.74
CA GLN A 29 12.50 10.34 -1.91
C GLN A 29 12.39 10.95 -3.32
N ILE A 30 12.76 12.23 -3.44
CA ILE A 30 12.63 13.00 -4.68
C ILE A 30 13.92 12.85 -5.51
N GLY A 31 13.82 12.04 -6.57
CA GLY A 31 14.93 11.62 -7.44
C GLY A 31 14.67 10.28 -8.13
N ASP A 32 13.70 9.51 -7.63
CA ASP A 32 13.34 8.17 -8.09
C ASP A 32 11.82 8.01 -8.22
N LYS A 33 11.44 6.92 -8.84
CA LYS A 33 10.07 6.57 -9.17
C LYS A 33 9.84 5.09 -8.86
N LEU A 34 8.63 4.77 -8.45
CA LEU A 34 8.22 3.44 -8.05
C LEU A 34 6.85 3.15 -8.67
N ASP A 35 6.73 1.97 -9.26
CA ASP A 35 5.54 1.53 -10.00
C ASP A 35 5.03 0.21 -9.42
N ILE A 36 3.85 0.25 -8.81
CA ILE A 36 3.18 -0.97 -8.36
C ILE A 36 2.50 -1.63 -9.55
N ILE A 37 2.47 -2.96 -9.57
CA ILE A 37 1.77 -3.79 -10.55
C ILE A 37 1.10 -4.94 -9.77
N CYS A 38 -0.17 -5.22 -10.07
CA CYS A 38 -0.86 -6.43 -9.62
C CYS A 38 -1.48 -7.16 -10.83
N PRO A 39 -1.18 -8.47 -11.01
CA PRO A 39 -1.81 -9.28 -12.04
C PRO A 39 -3.27 -9.59 -11.68
N LYS A 40 -3.93 -10.41 -12.50
CA LYS A 40 -5.27 -10.92 -12.20
C LYS A 40 -5.25 -12.30 -11.54
N VAL A 41 -6.39 -12.62 -10.91
CA VAL A 41 -6.64 -13.83 -10.13
C VAL A 41 -8.05 -14.31 -10.49
N ASP A 42 -8.13 -15.55 -10.98
CA ASP A 42 -9.30 -16.31 -11.44
C ASP A 42 -8.75 -17.50 -12.24
N SER A 43 -8.66 -17.42 -13.58
CA SER A 43 -8.15 -18.51 -14.43
C SER A 43 -6.70 -18.91 -14.16
N LYS A 44 -5.83 -17.96 -13.78
CA LYS A 44 -4.40 -18.20 -13.51
C LYS A 44 -4.16 -18.94 -12.19
N THR A 45 -4.83 -18.50 -11.12
CA THR A 45 -4.77 -19.12 -9.78
C THR A 45 -5.68 -20.35 -9.71
N VAL A 46 -7.02 -20.17 -9.70
CA VAL A 46 -8.02 -21.25 -9.75
C VAL A 46 -9.48 -20.72 -9.84
N GLY A 47 -9.81 -19.60 -9.17
CA GLY A 47 -11.17 -19.06 -9.07
C GLY A 47 -11.45 -18.31 -7.76
N GLN A 48 -10.64 -17.29 -7.43
CA GLN A 48 -10.67 -16.58 -6.16
C GLN A 48 -9.96 -15.22 -6.23
N TYR A 49 -10.56 -14.26 -6.92
CA TYR A 49 -10.12 -12.86 -7.13
C TYR A 49 -9.28 -12.22 -6.02
N GLU A 50 -9.63 -12.47 -4.75
CA GLU A 50 -8.87 -12.17 -3.52
C GLU A 50 -8.00 -10.89 -3.60
N TYR A 51 -8.70 -9.79 -3.85
CA TYR A 51 -8.13 -8.44 -3.91
C TYR A 51 -7.87 -7.87 -2.51
N TYR A 52 -7.05 -6.83 -2.47
CA TYR A 52 -6.62 -6.16 -1.25
C TYR A 52 -6.74 -4.65 -1.44
N LYS A 53 -6.94 -3.91 -0.33
CA LYS A 53 -7.25 -2.47 -0.34
C LYS A 53 -6.36 -1.77 0.68
N VAL A 54 -5.33 -1.09 0.17
CA VAL A 54 -4.38 -0.28 0.97
C VAL A 54 -5.08 0.99 1.42
N TYR A 55 -5.05 1.29 2.71
CA TYR A 55 -5.66 2.49 3.27
C TYR A 55 -4.65 3.22 4.15
N MET A 56 -4.46 4.52 3.90
CA MET A 56 -3.65 5.37 4.77
C MET A 56 -4.27 5.42 6.17
N VAL A 57 -3.43 5.33 7.20
CA VAL A 57 -3.84 5.47 8.59
C VAL A 57 -2.69 6.05 9.45
N ASP A 58 -2.98 6.53 10.66
CA ASP A 58 -1.96 7.04 11.59
C ASP A 58 -1.08 5.90 12.13
N LYS A 59 0.18 6.17 12.46
CA LYS A 59 1.11 5.18 13.07
C LYS A 59 0.53 4.45 14.29
N ASP A 60 -0.21 5.15 15.14
CA ASP A 60 -0.85 4.58 16.33
C ASP A 60 -1.99 3.62 15.94
N GLN A 61 -2.84 4.07 15.01
CA GLN A 61 -4.00 3.32 14.51
C GLN A 61 -3.60 2.08 13.68
N ALA A 62 -2.49 2.19 12.95
CA ALA A 62 -1.87 1.08 12.26
C ALA A 62 -1.35 -0.02 13.22
N ASP A 63 -1.01 0.36 14.46
CA ASP A 63 -0.66 -0.59 15.53
C ASP A 63 -1.92 -1.12 16.25
N ARG A 64 -2.97 -0.28 16.40
CA ARG A 64 -4.29 -0.69 16.91
C ARG A 64 -5.06 -1.65 15.99
N CYS A 65 -4.59 -1.84 14.76
CA CYS A 65 -5.26 -2.59 13.72
C CYS A 65 -6.67 -2.06 13.44
N THR A 66 -6.73 -0.82 12.95
CA THR A 66 -7.94 -0.13 12.49
C THR A 66 -7.63 0.76 11.28
N ILE A 67 -8.65 1.16 10.52
CA ILE A 67 -8.57 2.16 9.43
C ILE A 67 -9.26 3.45 9.96
N LYS A 68 -8.99 4.60 9.34
CA LYS A 68 -9.70 5.85 9.63
C LYS A 68 -10.80 6.10 8.60
N LYS A 69 -11.98 6.55 9.04
CA LYS A 69 -13.06 7.04 8.18
C LYS A 69 -12.66 8.24 7.30
N GLU A 70 -11.58 8.95 7.68
CA GLU A 70 -10.94 9.99 6.89
C GLU A 70 -10.06 9.43 5.74
N ASN A 71 -10.04 8.10 5.54
CA ASN A 71 -9.60 7.47 4.30
C ASN A 71 -10.37 7.98 3.06
N THR A 72 -9.88 7.57 1.88
CA THR A 72 -10.38 7.89 0.53
C THR A 72 -9.58 7.11 -0.52
N PRO A 73 -8.23 7.14 -0.51
CA PRO A 73 -7.47 6.36 -1.46
C PRO A 73 -7.53 4.88 -1.08
N LEU A 74 -7.66 4.03 -2.11
CA LEU A 74 -7.51 2.58 -2.00
C LEU A 74 -6.53 2.12 -3.08
N LEU A 75 -5.63 1.21 -2.72
CA LEU A 75 -4.67 0.61 -3.66
C LEU A 75 -4.37 -0.84 -3.25
N ASN A 76 -3.10 -1.24 -3.15
CA ASN A 76 -2.62 -2.61 -2.90
C ASN A 76 -2.80 -3.49 -4.13
N CYS A 77 -4.04 -3.93 -4.41
CA CYS A 77 -4.40 -4.74 -5.56
C CYS A 77 -5.92 -4.72 -5.76
N ALA A 78 -6.46 -3.67 -6.40
CA ALA A 78 -7.90 -3.57 -6.64
C ALA A 78 -8.39 -4.48 -7.79
N LYS A 79 -7.85 -4.28 -9.01
CA LYS A 79 -8.19 -5.00 -10.27
C LYS A 79 -9.69 -5.37 -10.37
N PRO A 80 -10.59 -4.41 -10.69
CA PRO A 80 -12.02 -4.71 -10.79
C PRO A 80 -12.33 -5.59 -12.00
N ASP A 81 -11.69 -5.35 -13.15
CA ASP A 81 -11.84 -6.16 -14.38
C ASP A 81 -10.63 -6.04 -15.35
N GLN A 82 -9.51 -5.51 -14.88
CA GLN A 82 -8.27 -5.24 -15.65
C GLN A 82 -7.05 -5.22 -14.71
N ASP A 83 -5.86 -5.54 -15.22
CA ASP A 83 -4.58 -5.38 -14.50
C ASP A 83 -4.47 -4.02 -13.79
N ILE A 84 -3.99 -4.02 -12.53
CA ILE A 84 -3.74 -2.77 -11.80
C ILE A 84 -2.27 -2.43 -11.93
N LYS A 85 -2.00 -1.15 -12.24
CA LYS A 85 -0.66 -0.59 -12.37
C LYS A 85 -0.72 0.89 -12.00
N PHE A 86 0.19 1.32 -11.14
CA PHE A 86 0.21 2.67 -10.55
C PHE A 86 1.66 3.14 -10.47
N THR A 87 2.04 4.04 -11.39
CA THR A 87 3.38 4.63 -11.43
C THR A 87 3.37 6.01 -10.76
N ILE A 88 4.30 6.20 -9.81
CA ILE A 88 4.57 7.49 -9.17
C ILE A 88 5.96 7.94 -9.60
N LYS A 89 6.02 9.17 -10.11
CA LYS A 89 7.24 9.93 -10.36
C LYS A 89 7.50 10.89 -9.20
N PHE A 90 8.77 11.04 -8.81
CA PHE A 90 9.25 12.00 -7.81
C PHE A 90 8.65 13.41 -7.97
N GLN A 91 8.58 13.89 -9.21
CA GLN A 91 8.03 15.20 -9.57
C GLN A 91 6.55 15.07 -9.98
N GLU A 92 5.64 15.22 -9.03
CA GLU A 92 4.20 15.20 -9.29
C GLU A 92 3.46 16.21 -8.39
N PHE A 93 3.71 17.50 -8.61
CA PHE A 93 2.96 18.57 -7.94
C PHE A 93 1.44 18.39 -8.15
N SER A 94 0.64 18.60 -7.11
CA SER A 94 -0.82 18.42 -7.14
C SER A 94 -1.50 19.46 -6.24
N PRO A 95 -2.56 20.15 -6.71
CA PRO A 95 -3.23 21.16 -5.91
C PRO A 95 -4.00 20.56 -4.71
N ASN A 96 -4.28 19.25 -4.73
CA ASN A 96 -4.95 18.52 -3.66
C ASN A 96 -4.00 18.08 -2.53
N LEU A 97 -2.72 17.82 -2.86
CA LEU A 97 -1.67 17.26 -1.98
C LEU A 97 -1.91 15.80 -1.50
N TRP A 98 -3.15 15.31 -1.59
CA TRP A 98 -3.58 13.93 -1.30
C TRP A 98 -3.57 13.01 -2.53
N GLY A 99 -3.16 13.50 -3.70
CA GLY A 99 -3.03 12.67 -4.91
C GLY A 99 -1.83 11.74 -4.83
N LEU A 100 -0.66 12.28 -5.14
CA LEU A 100 0.62 11.55 -5.21
C LEU A 100 1.80 12.37 -4.66
N GLU A 101 1.54 13.58 -4.12
CA GLU A 101 2.56 14.40 -3.45
C GLU A 101 3.05 13.76 -2.15
N PHE A 102 4.34 13.90 -1.89
CA PHE A 102 4.96 13.54 -0.62
C PHE A 102 4.85 14.70 0.40
N GLN A 103 5.18 14.41 1.66
CA GLN A 103 5.36 15.43 2.70
C GLN A 103 6.76 15.30 3.32
N LYS A 104 7.33 16.41 3.78
CA LYS A 104 8.67 16.45 4.41
C LYS A 104 8.55 16.44 5.93
N ASN A 105 9.54 15.85 6.60
CA ASN A 105 9.60 15.65 8.07
C ASN A 105 8.35 14.94 8.64
N LYS A 106 7.81 13.97 7.89
CA LYS A 106 6.54 13.27 8.14
C LYS A 106 6.73 11.77 7.91
N ASP A 107 6.17 10.92 8.77
CA ASP A 107 6.14 9.47 8.54
C ASP A 107 4.82 9.08 7.87
N TYR A 108 4.92 8.30 6.79
CA TYR A 108 3.75 7.69 6.14
C TYR A 108 3.53 6.29 6.72
N TYR A 109 2.26 5.99 6.98
CA TYR A 109 1.82 4.68 7.43
C TYR A 109 0.56 4.29 6.66
N ILE A 110 0.50 3.02 6.28
CA ILE A 110 -0.64 2.41 5.58
C ILE A 110 -0.92 1.08 6.26
N ILE A 111 -2.17 0.64 6.24
CA ILE A 111 -2.61 -0.66 6.74
C ILE A 111 -3.66 -1.23 5.76
N SER A 112 -3.90 -2.55 5.81
CA SER A 112 -4.99 -3.21 5.07
C SER A 112 -5.71 -4.23 5.93
N THR A 113 -6.89 -4.70 5.50
CA THR A 113 -7.77 -5.57 6.30
C THR A 113 -8.25 -6.80 5.51
N SER A 114 -7.32 -7.46 4.79
CA SER A 114 -7.57 -8.63 3.93
C SER A 114 -8.39 -9.79 4.56
N ASN A 115 -8.36 -9.95 5.88
CA ASN A 115 -9.15 -10.90 6.68
C ASN A 115 -10.66 -10.56 6.69
N GLY A 116 -11.01 -9.29 6.42
CA GLY A 116 -12.36 -8.72 6.41
C GLY A 116 -13.25 -9.14 7.59
N SER A 117 -12.71 -9.10 8.82
CA SER A 117 -13.31 -9.67 10.02
C SER A 117 -14.76 -9.22 10.22
N LEU A 118 -15.71 -10.16 10.32
CA LEU A 118 -17.15 -9.85 10.37
C LEU A 118 -17.54 -8.93 11.54
N GLU A 119 -16.74 -8.95 12.62
CA GLU A 119 -16.85 -8.05 13.78
C GLU A 119 -16.71 -6.56 13.43
N GLY A 120 -15.96 -6.23 12.37
CA GLY A 120 -15.64 -4.86 11.96
C GLY A 120 -15.35 -4.70 10.47
N LEU A 121 -16.05 -5.48 9.63
CA LEU A 121 -15.88 -5.52 8.16
C LEU A 121 -16.08 -4.14 7.51
N ASP A 122 -16.88 -3.29 8.17
CA ASP A 122 -17.21 -1.92 7.80
C ASP A 122 -17.00 -0.94 8.98
N ASN A 123 -16.68 -1.46 10.18
CA ASN A 123 -16.21 -0.68 11.33
C ASN A 123 -14.73 -0.27 11.20
N GLN A 124 -14.13 -0.46 10.01
CA GLN A 124 -12.72 -0.15 9.76
C GLN A 124 -11.77 -0.88 10.74
N GLU A 125 -11.93 -2.20 10.91
CA GLU A 125 -11.07 -3.01 11.80
C GLU A 125 -10.09 -3.89 11.02
N GLY A 126 -8.82 -3.81 11.40
CA GLY A 126 -7.72 -4.62 10.88
C GLY A 126 -7.73 -6.05 11.42
N GLY A 127 -7.83 -7.02 10.52
CA GLY A 127 -7.82 -8.45 10.84
C GLY A 127 -6.49 -9.12 10.52
N VAL A 128 -5.85 -8.75 9.39
CA VAL A 128 -4.50 -9.24 9.05
C VAL A 128 -3.42 -8.53 9.87
N CYS A 129 -3.57 -7.22 10.13
CA CYS A 129 -2.67 -6.47 10.98
C CYS A 129 -2.43 -7.14 12.36
N GLN A 130 -3.46 -7.82 12.86
CA GLN A 130 -3.48 -8.52 14.14
C GLN A 130 -2.37 -9.59 14.28
N THR A 131 -1.94 -10.23 13.17
CA THR A 131 -0.87 -11.25 13.15
C THR A 131 -0.02 -11.23 11.89
N ARG A 132 -0.62 -11.28 10.69
CA ARG A 132 0.06 -11.10 9.39
C ARG A 132 0.85 -9.79 9.34
N ALA A 133 0.38 -8.76 10.06
CA ALA A 133 0.94 -7.42 10.06
C ALA A 133 1.07 -6.88 8.61
N MET A 134 -0.08 -6.61 7.98
CA MET A 134 -0.12 -5.88 6.71
C MET A 134 -0.15 -4.38 6.98
N LYS A 135 1.04 -3.81 7.14
CA LYS A 135 1.24 -2.36 7.04
C LYS A 135 2.41 -2.03 6.14
N ILE A 136 2.54 -0.75 5.82
CA ILE A 136 3.70 -0.22 5.12
C ILE A 136 4.20 1.03 5.83
N LEU A 137 5.51 1.26 5.78
CA LEU A 137 6.16 2.42 6.38
C LEU A 137 7.04 3.13 5.34
N MET A 138 6.97 4.47 5.35
CA MET A 138 7.72 5.34 4.45
C MET A 138 8.29 6.53 5.21
N LYS A 139 9.61 6.53 5.38
CA LYS A 139 10.41 7.62 5.93
C LYS A 139 10.66 8.67 4.85
N VAL A 140 10.25 9.92 5.11
CA VAL A 140 10.43 11.08 4.21
C VAL A 140 10.69 12.36 5.00
N GLY A 141 11.96 12.78 5.04
CA GLY A 141 12.40 14.03 5.67
C GLY A 141 13.82 13.98 6.21
N GLN A 142 14.12 12.96 7.02
CA GLN A 142 15.43 12.77 7.67
C GLN A 142 16.42 12.01 6.76
N SER A 1 20.51 11.67 -13.06
CA SER A 1 19.29 10.83 -13.18
C SER A 1 19.43 9.55 -12.35
N LYS A 2 18.90 9.55 -11.12
CA LYS A 2 18.89 8.38 -10.21
C LYS A 2 17.84 7.35 -10.66
N SER A 3 18.11 6.07 -10.35
CA SER A 3 17.24 4.91 -10.62
C SER A 3 17.53 3.81 -9.59
N ILE A 4 16.58 3.60 -8.66
CA ILE A 4 16.67 2.61 -7.57
C ILE A 4 15.49 1.63 -7.56
N VAL A 5 14.29 2.08 -7.96
CA VAL A 5 13.05 1.28 -8.12
C VAL A 5 12.67 0.47 -6.87
N LEU A 6 11.93 1.14 -5.99
CA LEU A 6 11.44 0.64 -4.72
C LEU A 6 9.94 0.27 -4.77
N GLU A 7 9.36 -0.15 -3.64
CA GLU A 7 8.00 -0.74 -3.53
C GLU A 7 7.64 -1.64 -4.76
N PRO A 8 8.45 -2.68 -5.09
CA PRO A 8 8.35 -3.43 -6.35
C PRO A 8 7.20 -4.46 -6.29
N ILE A 9 5.99 -4.11 -6.75
CA ILE A 9 4.80 -4.96 -6.62
C ILE A 9 4.37 -5.42 -8.02
N TYR A 10 4.62 -6.70 -8.33
CA TYR A 10 4.46 -7.28 -9.69
C TYR A 10 3.45 -8.44 -9.68
N TRP A 11 2.20 -8.14 -9.30
CA TRP A 11 1.13 -9.11 -8.94
C TRP A 11 1.42 -9.87 -7.61
N ASN A 12 2.66 -10.35 -7.43
CA ASN A 12 3.14 -11.16 -6.29
C ASN A 12 2.84 -10.59 -4.90
N SER A 13 2.54 -9.28 -4.78
CA SER A 13 2.14 -8.60 -3.54
C SER A 13 3.12 -8.84 -2.37
N SER A 14 4.37 -8.47 -2.64
CA SER A 14 5.52 -8.56 -1.73
C SER A 14 6.39 -7.31 -1.82
N ASN A 15 7.44 -7.26 -0.99
CA ASN A 15 8.37 -6.15 -0.87
C ASN A 15 9.81 -6.62 -1.13
N SER A 16 10.72 -5.71 -1.50
CA SER A 16 12.13 -6.09 -1.74
C SER A 16 12.83 -6.61 -0.46
N LYS A 17 12.51 -5.99 0.69
CA LYS A 17 12.97 -6.41 2.03
C LYS A 17 12.29 -7.68 2.55
N PHE A 18 11.00 -7.86 2.30
CA PHE A 18 10.19 -9.02 2.71
C PHE A 18 10.56 -9.54 4.12
N LEU A 19 10.34 -8.73 5.17
CA LEU A 19 10.73 -9.03 6.55
C LEU A 19 9.56 -8.77 7.55
N PRO A 20 9.59 -9.36 8.76
CA PRO A 20 8.63 -9.10 9.84
C PRO A 20 8.84 -7.72 10.50
N GLY A 21 8.92 -6.65 9.68
CA GLY A 21 9.31 -5.28 10.03
C GLY A 21 8.21 -4.26 9.73
N GLN A 22 6.97 -4.62 10.07
CA GLN A 22 5.76 -3.87 9.69
C GLN A 22 5.64 -3.64 8.17
N GLY A 23 6.12 -4.62 7.37
CA GLY A 23 5.97 -4.68 5.91
C GLY A 23 7.23 -4.22 5.20
N LEU A 24 7.23 -2.97 4.70
CA LEU A 24 8.38 -2.30 4.09
C LEU A 24 8.36 -0.81 4.44
N VAL A 25 9.48 -0.33 4.99
CA VAL A 25 9.76 1.08 5.24
C VAL A 25 10.24 1.76 3.97
N LEU A 26 9.69 2.94 3.69
CA LEU A 26 10.08 3.81 2.59
C LEU A 26 10.50 5.21 3.05
N TYR A 27 11.07 5.97 2.12
CA TYR A 27 11.68 7.28 2.34
C TYR A 27 11.13 8.25 1.26
N PRO A 28 10.36 9.29 1.63
CA PRO A 28 9.81 10.27 0.70
C PRO A 28 10.92 11.22 0.22
N GLN A 29 11.71 10.76 -0.75
CA GLN A 29 12.88 11.45 -1.32
C GLN A 29 12.83 11.40 -2.85
N ILE A 30 12.71 12.58 -3.46
CA ILE A 30 12.68 12.78 -4.91
C ILE A 30 13.97 12.28 -5.56
N GLY A 31 13.89 11.09 -6.15
CA GLY A 31 14.95 10.35 -6.84
C GLY A 31 14.57 8.88 -7.06
N ASP A 32 13.76 8.32 -6.15
CA ASP A 32 13.19 6.97 -6.30
C ASP A 32 11.96 6.90 -7.21
N LYS A 33 11.46 5.68 -7.44
CA LYS A 33 10.20 5.39 -8.11
C LYS A 33 9.59 4.14 -7.50
N LEU A 34 8.28 4.01 -7.59
CA LEU A 34 7.54 2.86 -7.09
C LEU A 34 6.37 2.49 -8.00
N ASP A 35 6.29 1.20 -8.36
CA ASP A 35 5.32 0.64 -9.31
C ASP A 35 4.52 -0.48 -8.63
N ILE A 36 3.23 -0.20 -8.43
CA ILE A 36 2.26 -1.12 -7.85
C ILE A 36 1.41 -1.69 -8.98
N ILE A 37 1.42 -3.01 -9.13
CA ILE A 37 0.70 -3.76 -10.17
C ILE A 37 -0.04 -4.91 -9.49
N CYS A 38 -1.34 -5.01 -9.76
CA CYS A 38 -2.25 -6.03 -9.23
C CYS A 38 -3.15 -6.59 -10.34
N PRO A 39 -3.31 -7.92 -10.40
CA PRO A 39 -4.17 -8.57 -11.38
C PRO A 39 -5.64 -8.49 -10.92
N LYS A 40 -6.55 -8.81 -11.85
CA LYS A 40 -8.00 -8.93 -11.60
C LYS A 40 -8.46 -10.35 -11.26
N VAL A 41 -7.59 -11.35 -11.44
CA VAL A 41 -7.86 -12.78 -11.23
C VAL A 41 -6.55 -13.57 -11.20
N ASP A 42 -6.39 -14.45 -10.21
CA ASP A 42 -5.29 -15.43 -10.09
C ASP A 42 -5.65 -16.58 -9.13
N SER A 43 -5.79 -16.33 -7.82
CA SER A 43 -6.11 -17.34 -6.81
C SER A 43 -7.54 -17.91 -6.95
N LYS A 44 -8.52 -17.06 -7.30
CA LYS A 44 -9.94 -17.46 -7.54
C LYS A 44 -10.24 -17.76 -9.02
N THR A 45 -9.55 -17.06 -9.92
CA THR A 45 -9.65 -17.11 -11.40
C THR A 45 -11.10 -17.19 -11.96
N VAL A 46 -12.05 -16.57 -11.24
CA VAL A 46 -13.51 -16.71 -11.47
C VAL A 46 -14.10 -15.63 -12.38
N GLY A 47 -13.45 -14.45 -12.47
CA GLY A 47 -13.83 -13.34 -13.34
C GLY A 47 -14.75 -12.29 -12.69
N GLN A 48 -14.64 -12.08 -11.36
CA GLN A 48 -15.41 -11.08 -10.58
C GLN A 48 -14.80 -10.69 -9.22
N TYR A 49 -13.90 -11.53 -8.70
CA TYR A 49 -13.32 -11.47 -7.36
C TYR A 49 -11.78 -11.47 -7.45
N GLU A 50 -11.05 -11.93 -6.44
CA GLU A 50 -9.57 -11.92 -6.42
C GLU A 50 -8.98 -10.51 -6.63
N TYR A 51 -9.29 -9.65 -5.66
CA TYR A 51 -8.81 -8.26 -5.58
C TYR A 51 -8.20 -7.99 -4.19
N TYR A 52 -7.42 -6.93 -4.12
CA TYR A 52 -6.82 -6.40 -2.90
C TYR A 52 -7.21 -4.93 -2.77
N LYS A 53 -7.03 -4.36 -1.58
CA LYS A 53 -7.24 -2.93 -1.30
C LYS A 53 -6.28 -2.48 -0.22
N VAL A 54 -5.79 -1.25 -0.33
CA VAL A 54 -4.79 -0.70 0.59
C VAL A 54 -5.14 0.74 0.93
N TYR A 55 -5.12 1.05 2.22
CA TYR A 55 -5.63 2.30 2.79
C TYR A 55 -4.58 2.90 3.72
N MET A 56 -4.43 4.23 3.65
CA MET A 56 -3.66 4.98 4.63
C MET A 56 -4.28 4.87 6.04
N VAL A 57 -3.49 4.98 7.10
CA VAL A 57 -3.96 5.06 8.50
C VAL A 57 -2.85 5.59 9.41
N ASP A 58 -3.12 5.97 10.68
CA ASP A 58 -2.06 6.44 11.61
C ASP A 58 -1.12 5.31 12.09
N LYS A 59 0.06 5.62 12.64
CA LYS A 59 0.98 4.61 13.26
C LYS A 59 0.28 3.71 14.28
N ASP A 60 -0.48 4.30 15.21
CA ASP A 60 -1.26 3.58 16.22
C ASP A 60 -2.30 2.64 15.57
N GLN A 61 -3.08 3.17 14.64
CA GLN A 61 -4.13 2.44 13.91
C GLN A 61 -3.54 1.28 13.04
N ALA A 62 -2.35 1.51 12.48
CA ALA A 62 -1.57 0.53 11.73
C ALA A 62 -1.12 -0.62 12.64
N ASP A 63 -0.52 -0.33 13.80
CA ASP A 63 -0.10 -1.34 14.79
C ASP A 63 -1.29 -2.07 15.44
N ARG A 64 -2.43 -1.37 15.60
CA ARG A 64 -3.75 -1.92 15.96
C ARG A 64 -4.34 -2.90 14.95
N CYS A 65 -3.80 -2.92 13.72
CA CYS A 65 -4.33 -3.64 12.58
C CYS A 65 -5.78 -3.25 12.21
N THR A 66 -6.07 -1.95 12.16
CA THR A 66 -7.41 -1.43 11.79
C THR A 66 -7.32 -0.28 10.80
N ILE A 67 -8.39 -0.10 10.01
CA ILE A 67 -8.55 0.95 9.00
C ILE A 67 -9.70 1.87 9.45
N LYS A 68 -9.47 3.19 9.44
CA LYS A 68 -10.49 4.20 9.74
C LYS A 68 -11.49 4.30 8.58
N LYS A 69 -12.80 4.30 8.85
CA LYS A 69 -13.85 4.60 7.82
C LYS A 69 -13.79 6.04 7.28
N GLU A 70 -13.13 6.96 8.01
CA GLU A 70 -12.85 8.32 7.54
C GLU A 70 -11.74 8.40 6.47
N ASN A 71 -11.02 7.32 6.21
CA ASN A 71 -10.09 7.19 5.09
C ASN A 71 -10.81 7.10 3.74
N THR A 72 -10.04 6.99 2.66
CA THR A 72 -10.51 6.94 1.27
C THR A 72 -9.82 5.80 0.49
N PRO A 73 -10.42 5.27 -0.59
CA PRO A 73 -9.84 4.19 -1.40
C PRO A 73 -8.62 4.69 -2.21
N LEU A 74 -7.44 4.76 -1.57
CA LEU A 74 -6.20 5.16 -2.22
C LEU A 74 -5.78 4.11 -3.27
N LEU A 75 -5.69 2.84 -2.86
CA LEU A 75 -5.20 1.77 -3.72
C LEU A 75 -6.24 0.66 -3.90
N ASN A 76 -6.61 0.44 -5.15
CA ASN A 76 -7.75 -0.34 -5.61
C ASN A 76 -7.27 -1.47 -6.54
N CYS A 77 -6.46 -2.40 -6.00
CA CYS A 77 -5.93 -3.61 -6.66
C CYS A 77 -7.03 -4.50 -7.26
N ALA A 78 -7.57 -4.09 -8.41
CA ALA A 78 -8.74 -4.63 -9.11
C ALA A 78 -10.07 -4.48 -8.35
N LYS A 79 -10.29 -3.33 -7.68
CA LYS A 79 -11.56 -2.97 -7.03
C LYS A 79 -12.80 -3.07 -7.96
N PRO A 80 -12.79 -2.58 -9.21
CA PRO A 80 -13.93 -2.73 -10.10
C PRO A 80 -14.00 -4.16 -10.68
N ASP A 81 -13.26 -4.45 -11.77
CA ASP A 81 -13.16 -5.79 -12.38
C ASP A 81 -11.98 -5.90 -13.39
N GLN A 82 -10.92 -5.12 -13.17
CA GLN A 82 -9.80 -4.94 -14.13
C GLN A 82 -8.46 -4.74 -13.43
N ASP A 83 -7.35 -5.11 -14.08
CA ASP A 83 -6.00 -4.93 -13.55
C ASP A 83 -5.75 -3.46 -13.23
N ILE A 84 -5.15 -3.19 -12.07
CA ILE A 84 -4.71 -1.86 -11.68
C ILE A 84 -3.20 -1.81 -11.69
N LYS A 85 -2.68 -0.71 -12.24
CA LYS A 85 -1.26 -0.38 -12.30
C LYS A 85 -1.09 1.11 -12.07
N PHE A 86 -0.23 1.45 -11.12
CA PHE A 86 0.13 2.82 -10.75
C PHE A 86 1.65 2.87 -10.63
N THR A 87 2.29 3.68 -11.49
CA THR A 87 3.73 3.95 -11.41
C THR A 87 3.93 5.42 -11.03
N ILE A 88 4.58 5.62 -9.90
CA ILE A 88 5.06 6.92 -9.44
C ILE A 88 6.54 6.98 -9.76
N LYS A 89 6.95 8.02 -10.48
CA LYS A 89 8.34 8.40 -10.72
C LYS A 89 8.65 9.66 -9.89
N PHE A 90 9.91 9.87 -9.53
CA PHE A 90 10.42 11.08 -8.87
C PHE A 90 9.91 12.37 -9.57
N GLN A 91 8.94 13.05 -8.97
CA GLN A 91 8.29 14.24 -9.52
C GLN A 91 8.03 15.27 -8.41
N GLU A 92 8.68 16.43 -8.51
CA GLU A 92 8.52 17.54 -7.55
C GLU A 92 7.13 18.21 -7.62
N PHE A 93 6.55 18.26 -8.83
CA PHE A 93 5.23 18.84 -9.11
C PHE A 93 4.50 17.95 -10.12
N SER A 94 3.31 17.46 -9.76
CA SER A 94 2.45 16.69 -10.66
C SER A 94 1.54 17.62 -11.48
N PRO A 95 1.43 17.45 -12.82
CA PRO A 95 0.52 18.23 -13.66
C PRO A 95 -0.96 17.84 -13.48
N ASN A 96 -1.25 16.69 -12.85
CA ASN A 96 -2.60 16.19 -12.57
C ASN A 96 -2.60 15.38 -11.26
N LEU A 97 -3.42 15.79 -10.28
CA LEU A 97 -3.50 15.25 -8.91
C LEU A 97 -2.22 15.45 -8.07
N TRP A 98 -2.31 16.24 -7.00
CA TRP A 98 -1.28 16.38 -5.96
C TRP A 98 -1.09 15.11 -5.09
N GLY A 99 -1.82 14.01 -5.34
CA GLY A 99 -1.60 12.71 -4.73
C GLY A 99 -0.18 12.15 -4.98
N LEU A 100 0.48 12.54 -6.07
CA LEU A 100 1.88 12.18 -6.39
C LEU A 100 2.92 13.18 -5.84
N GLU A 101 2.46 14.34 -5.35
CA GLU A 101 3.27 15.29 -4.60
C GLU A 101 3.30 14.90 -3.10
N PHE A 102 4.44 15.13 -2.45
CA PHE A 102 4.66 14.82 -1.03
C PHE A 102 5.37 15.99 -0.35
N GLN A 103 5.24 16.08 0.98
CA GLN A 103 5.84 17.14 1.79
C GLN A 103 6.84 16.54 2.80
N LYS A 104 7.98 17.21 2.96
CA LYS A 104 8.98 16.94 4.02
C LYS A 104 8.47 17.35 5.41
N ASN A 105 9.25 17.03 6.45
CA ASN A 105 8.84 17.17 7.86
C ASN A 105 7.50 16.47 8.16
N LYS A 106 7.19 15.40 7.43
CA LYS A 106 5.91 14.70 7.45
C LYS A 106 6.09 13.23 7.08
N ASP A 107 5.37 12.39 7.79
CA ASP A 107 5.43 10.93 7.77
C ASP A 107 4.07 10.40 7.32
N TYR A 108 4.05 9.20 6.73
CA TYR A 108 2.87 8.53 6.20
C TYR A 108 2.86 7.07 6.64
N TYR A 109 1.66 6.54 6.86
CA TYR A 109 1.44 5.13 7.18
C TYR A 109 0.29 4.59 6.32
N ILE A 110 0.45 3.34 5.87
CA ILE A 110 -0.49 2.60 5.03
C ILE A 110 -0.59 1.17 5.60
N ILE A 111 -1.71 0.49 5.40
CA ILE A 111 -2.03 -0.84 5.92
C ILE A 111 -2.93 -1.60 4.92
N SER A 112 -2.80 -2.93 4.88
CA SER A 112 -3.61 -3.85 4.07
C SER A 112 -4.26 -4.93 4.91
N THR A 113 -5.52 -5.27 4.60
CA THR A 113 -6.36 -6.19 5.41
C THR A 113 -7.16 -7.20 4.57
N SER A 114 -6.67 -7.51 3.37
CA SER A 114 -7.26 -8.43 2.38
C SER A 114 -7.44 -9.90 2.84
N ASN A 115 -6.64 -10.40 3.79
CA ASN A 115 -6.82 -11.71 4.41
C ASN A 115 -8.17 -11.82 5.17
N GLY A 116 -8.73 -10.68 5.63
CA GLY A 116 -10.04 -10.58 6.30
C GLY A 116 -10.16 -11.55 7.48
N SER A 117 -9.18 -11.54 8.41
CA SER A 117 -9.08 -12.42 9.58
C SER A 117 -10.39 -12.50 10.37
N LEU A 118 -10.67 -13.64 11.03
CA LEU A 118 -11.90 -13.83 11.80
C LEU A 118 -12.09 -12.76 12.90
N GLU A 119 -11.01 -12.35 13.59
CA GLU A 119 -11.02 -11.25 14.57
C GLU A 119 -11.42 -9.88 13.99
N GLY A 120 -11.38 -9.76 12.66
CA GLY A 120 -11.74 -8.59 11.87
C GLY A 120 -12.74 -8.87 10.74
N LEU A 121 -13.62 -9.86 10.94
CA LEU A 121 -14.68 -10.23 10.00
C LEU A 121 -15.63 -9.06 9.63
N ASP A 122 -15.68 -8.04 10.49
CA ASP A 122 -16.31 -6.74 10.29
C ASP A 122 -15.75 -5.96 9.08
N ASN A 123 -14.68 -6.47 8.45
CA ASN A 123 -13.79 -5.81 7.50
C ASN A 123 -13.01 -4.67 8.17
N GLN A 124 -12.02 -4.12 7.46
CA GLN A 124 -11.19 -3.00 7.94
C GLN A 124 -10.49 -3.28 9.30
N GLU A 125 -10.31 -4.55 9.70
CA GLU A 125 -9.73 -4.94 11.00
C GLU A 125 -8.98 -6.28 10.86
N GLY A 126 -8.03 -6.54 11.77
CA GLY A 126 -7.13 -7.70 11.82
C GLY A 126 -6.29 -7.87 10.55
N GLY A 127 -6.90 -8.41 9.49
CA GLY A 127 -6.32 -8.66 8.17
C GLY A 127 -4.93 -9.29 8.16
N VAL A 128 -4.20 -9.08 7.06
CA VAL A 128 -2.81 -9.55 6.94
C VAL A 128 -1.93 -8.92 8.03
N CYS A 129 -2.20 -7.67 8.43
CA CYS A 129 -1.50 -6.95 9.50
C CYS A 129 -1.27 -7.81 10.78
N GLN A 130 -2.24 -8.64 11.15
CA GLN A 130 -2.22 -9.51 12.31
C GLN A 130 -0.97 -10.42 12.42
N THR A 131 -0.35 -10.79 11.29
CA THR A 131 0.83 -11.68 11.26
C THR A 131 1.78 -11.44 10.06
N ARG A 132 1.24 -11.31 8.83
CA ARG A 132 1.98 -10.84 7.63
C ARG A 132 2.51 -9.42 7.78
N ALA A 133 1.88 -8.60 8.65
CA ALA A 133 2.27 -7.24 9.01
C ALA A 133 2.41 -6.28 7.79
N MET A 134 1.51 -6.38 6.78
CA MET A 134 1.58 -5.52 5.60
C MET A 134 1.16 -4.08 5.92
N LYS A 135 2.16 -3.26 6.29
CA LYS A 135 2.08 -1.80 6.36
C LYS A 135 3.21 -1.17 5.59
N ILE A 136 3.16 0.15 5.50
CA ILE A 136 4.28 0.99 5.06
C ILE A 136 4.50 2.11 6.07
N LEU A 137 5.75 2.49 6.27
CA LEU A 137 6.16 3.60 7.12
C LEU A 137 7.05 4.51 6.26
N MET A 138 6.65 5.77 6.05
CA MET A 138 7.40 6.79 5.33
C MET A 138 8.20 7.63 6.32
N LYS A 139 9.54 7.65 6.18
CA LYS A 139 10.40 8.51 7.00
C LYS A 139 9.94 9.98 6.96
N VAL A 140 10.13 10.73 8.06
CA VAL A 140 9.76 12.17 8.16
C VAL A 140 10.43 13.05 7.07
N GLY A 141 11.62 12.63 6.61
CA GLY A 141 12.33 13.15 5.44
C GLY A 141 13.81 13.41 5.71
N GLN A 142 14.11 14.13 6.79
CA GLN A 142 15.47 14.47 7.29
C GLN A 142 15.46 14.78 8.79
N SER A 1 20.29 9.12 -17.11
CA SER A 1 20.40 8.67 -15.69
C SER A 1 19.26 9.20 -14.84
N LYS A 2 18.50 8.29 -14.21
CA LYS A 2 17.50 8.60 -13.16
C LYS A 2 18.16 8.78 -11.78
N SER A 3 17.37 8.95 -10.71
CA SER A 3 17.87 9.10 -9.34
C SER A 3 18.33 7.74 -8.74
N ILE A 4 17.40 6.80 -8.53
CA ILE A 4 17.65 5.52 -7.83
C ILE A 4 16.80 4.34 -8.38
N VAL A 5 15.48 4.56 -8.57
CA VAL A 5 14.50 3.62 -9.16
C VAL A 5 14.36 2.30 -8.37
N LEU A 6 13.38 2.25 -7.46
CA LEU A 6 12.91 1.04 -6.76
C LEU A 6 12.32 -0.01 -7.72
N GLU A 7 12.13 -1.23 -7.20
CA GLU A 7 11.60 -2.37 -7.96
C GLU A 7 10.06 -2.33 -8.04
N PRO A 8 9.44 -2.75 -9.17
CA PRO A 8 8.00 -2.86 -9.28
C PRO A 8 7.47 -4.03 -8.44
N ILE A 9 6.27 -3.85 -7.89
CA ILE A 9 5.56 -4.85 -7.08
C ILE A 9 5.07 -5.96 -8.00
N TYR A 10 5.53 -7.19 -7.81
CA TYR A 10 5.19 -8.34 -8.65
C TYR A 10 4.01 -9.14 -8.04
N TRP A 11 2.89 -8.45 -7.77
CA TRP A 11 1.73 -8.90 -6.96
C TRP A 11 2.08 -9.15 -5.47
N ASN A 12 2.88 -10.18 -5.22
CA ASN A 12 3.42 -10.68 -3.95
C ASN A 12 4.28 -11.93 -4.23
N SER A 13 4.95 -12.45 -3.19
CA SER A 13 5.86 -13.61 -3.22
C SER A 13 7.24 -13.24 -3.77
N SER A 14 8.30 -13.55 -3.02
CA SER A 14 9.73 -13.23 -3.30
C SER A 14 10.04 -11.79 -3.76
N ASN A 15 9.20 -10.82 -3.41
CA ASN A 15 9.23 -9.43 -3.86
C ASN A 15 9.82 -8.48 -2.78
N SER A 16 10.27 -7.28 -3.14
CA SER A 16 10.83 -6.30 -2.19
C SER A 16 9.82 -5.73 -1.19
N LYS A 17 8.54 -5.61 -1.60
CA LYS A 17 7.40 -5.25 -0.73
C LYS A 17 6.78 -6.43 0.02
N PHE A 18 7.14 -7.67 -0.33
CA PHE A 18 6.64 -8.91 0.29
C PHE A 18 7.00 -8.95 1.78
N LEU A 19 6.05 -8.49 2.59
CA LEU A 19 6.17 -8.13 4.00
C LEU A 19 7.14 -9.03 4.81
N PRO A 20 8.43 -8.64 4.97
CA PRO A 20 9.47 -9.51 5.54
C PRO A 20 9.43 -9.56 7.08
N GLY A 21 8.49 -8.85 7.72
CA GLY A 21 8.29 -8.71 9.18
C GLY A 21 7.79 -7.32 9.61
N GLN A 22 7.81 -6.34 8.69
CA GLN A 22 7.34 -4.95 8.86
C GLN A 22 6.51 -4.43 7.65
N GLY A 23 6.53 -5.10 6.50
CA GLY A 23 5.80 -4.68 5.30
C GLY A 23 6.71 -4.13 4.21
N LEU A 24 6.58 -2.85 3.88
CA LEU A 24 7.45 -2.15 2.92
C LEU A 24 7.99 -0.86 3.57
N VAL A 25 9.21 -0.48 3.20
CA VAL A 25 9.88 0.74 3.66
C VAL A 25 10.24 1.55 2.42
N LEU A 26 9.78 2.80 2.39
CA LEU A 26 10.16 3.77 1.38
C LEU A 26 11.16 4.79 1.94
N TYR A 27 12.05 5.22 1.05
CA TYR A 27 13.14 6.15 1.32
C TYR A 27 12.74 7.59 0.92
N PRO A 28 13.10 8.62 1.72
CA PRO A 28 12.86 10.03 1.43
C PRO A 28 13.81 10.59 0.34
N GLN A 29 13.75 10.00 -0.86
CA GLN A 29 14.72 10.20 -1.95
C GLN A 29 14.03 10.75 -3.23
N ILE A 30 14.07 12.07 -3.39
CA ILE A 30 13.41 12.79 -4.49
C ILE A 30 14.00 12.36 -5.85
N GLY A 31 13.15 11.82 -6.72
CA GLY A 31 13.47 11.33 -8.07
C GLY A 31 13.33 9.81 -8.26
N ASP A 32 13.19 9.05 -7.18
CA ASP A 32 12.80 7.62 -7.19
C ASP A 32 11.33 7.43 -7.60
N LYS A 33 10.98 6.23 -8.07
CA LYS A 33 9.61 5.85 -8.46
C LYS A 33 9.34 4.38 -8.16
N LEU A 34 8.07 4.07 -7.92
CA LEU A 34 7.57 2.73 -7.57
C LEU A 34 6.27 2.47 -8.35
N ASP A 35 6.21 1.28 -8.95
CA ASP A 35 5.14 0.79 -9.82
C ASP A 35 4.50 -0.43 -9.16
N ILE A 36 3.31 -0.28 -8.56
CA ILE A 36 2.57 -1.43 -8.01
C ILE A 36 1.72 -2.04 -9.10
N ILE A 37 1.88 -3.35 -9.31
CA ILE A 37 1.17 -4.16 -10.31
C ILE A 37 0.64 -5.38 -9.58
N CYS A 38 -0.63 -5.70 -9.80
CA CYS A 38 -1.20 -6.98 -9.39
C CYS A 38 -2.22 -7.47 -10.46
N PRO A 39 -2.15 -8.74 -10.90
CA PRO A 39 -3.16 -9.36 -11.73
C PRO A 39 -4.43 -9.59 -10.88
N LYS A 40 -5.59 -9.59 -11.54
CA LYS A 40 -6.87 -9.96 -10.93
C LYS A 40 -6.89 -11.42 -10.46
N VAL A 41 -7.95 -11.75 -9.72
CA VAL A 41 -8.27 -13.10 -9.22
C VAL A 41 -9.53 -13.62 -9.91
N ASP A 42 -9.35 -14.57 -10.82
CA ASP A 42 -10.37 -15.38 -11.52
C ASP A 42 -9.67 -16.46 -12.37
N SER A 43 -9.19 -16.10 -13.57
CA SER A 43 -8.52 -17.02 -14.52
C SER A 43 -7.12 -17.43 -14.05
N LYS A 44 -6.29 -16.47 -13.59
CA LYS A 44 -4.94 -16.71 -13.07
C LYS A 44 -4.94 -17.58 -11.81
N THR A 45 -5.77 -17.20 -10.83
CA THR A 45 -5.82 -17.85 -9.51
C THR A 45 -6.58 -19.17 -9.54
N VAL A 46 -7.64 -19.26 -10.33
CA VAL A 46 -8.59 -20.40 -10.47
C VAL A 46 -9.35 -20.83 -9.20
N GLY A 47 -9.08 -20.22 -8.04
CA GLY A 47 -9.63 -20.55 -6.72
C GLY A 47 -10.55 -19.48 -6.08
N GLN A 48 -10.52 -18.20 -6.55
CA GLN A 48 -11.38 -17.09 -6.07
C GLN A 48 -11.42 -16.93 -4.53
N TYR A 49 -10.27 -16.60 -3.93
CA TYR A 49 -10.14 -16.39 -2.48
C TYR A 49 -10.87 -15.11 -2.02
N GLU A 50 -10.32 -13.94 -2.34
CA GLU A 50 -10.78 -12.58 -2.03
C GLU A 50 -9.80 -11.54 -2.65
N TYR A 51 -10.01 -10.25 -2.37
CA TYR A 51 -9.13 -9.14 -2.73
C TYR A 51 -8.37 -8.55 -1.51
N TYR A 52 -7.46 -7.60 -1.73
CA TYR A 52 -6.85 -6.79 -0.66
C TYR A 52 -6.76 -5.31 -1.08
N LYS A 53 -6.94 -4.40 -0.13
CA LYS A 53 -6.80 -2.94 -0.34
C LYS A 53 -5.96 -2.34 0.79
N VAL A 54 -4.92 -1.61 0.41
CA VAL A 54 -3.99 -0.91 1.31
C VAL A 54 -4.50 0.52 1.52
N TYR A 55 -4.51 0.98 2.77
CA TYR A 55 -5.02 2.29 3.19
C TYR A 55 -4.05 2.99 4.14
N MET A 56 -3.82 4.28 3.91
CA MET A 56 -3.12 5.16 4.85
C MET A 56 -3.87 5.20 6.19
N VAL A 57 -3.17 5.27 7.32
CA VAL A 57 -3.71 5.41 8.69
C VAL A 57 -2.67 6.07 9.60
N ASP A 58 -3.08 6.73 10.68
CA ASP A 58 -2.13 7.25 11.69
C ASP A 58 -1.39 6.12 12.47
N LYS A 59 -0.30 6.44 13.16
CA LYS A 59 0.38 5.52 14.12
C LYS A 59 -0.61 4.90 15.11
N ASP A 60 -1.53 5.69 15.67
CA ASP A 60 -2.59 5.24 16.59
C ASP A 60 -3.49 4.12 16.01
N GLN A 61 -3.87 4.23 14.74
CA GLN A 61 -4.67 3.21 14.05
C GLN A 61 -3.81 2.00 13.61
N ALA A 62 -2.57 2.24 13.17
CA ALA A 62 -1.56 1.21 12.93
C ALA A 62 -1.18 0.42 14.21
N ASP A 63 -1.38 1.01 15.40
CA ASP A 63 -1.22 0.34 16.71
C ASP A 63 -2.30 -0.72 16.99
N ARG A 64 -3.50 -0.55 16.42
CA ARG A 64 -4.61 -1.52 16.52
C ARG A 64 -4.53 -2.59 15.43
N CYS A 65 -4.99 -2.26 14.21
CA CYS A 65 -5.27 -3.10 13.02
C CYS A 65 -6.47 -2.63 12.21
N THR A 66 -7.50 -2.10 12.88
CA THR A 66 -8.64 -1.46 12.21
C THR A 66 -8.19 -0.24 11.40
N ILE A 67 -8.86 0.01 10.26
CA ILE A 67 -8.57 1.16 9.38
C ILE A 67 -9.65 2.24 9.65
N LYS A 68 -9.32 3.53 9.54
CA LYS A 68 -10.33 4.61 9.63
C LYS A 68 -11.12 4.68 8.32
N LYS A 69 -12.46 4.68 8.38
CA LYS A 69 -13.36 4.94 7.24
C LYS A 69 -13.21 6.34 6.63
N GLU A 70 -12.67 7.30 7.40
CA GLU A 70 -12.36 8.66 6.93
C GLU A 70 -11.13 8.74 5.99
N ASN A 71 -10.31 7.68 5.93
CA ASN A 71 -9.25 7.55 4.93
C ASN A 71 -9.80 7.28 3.53
N THR A 72 -8.90 7.20 2.55
CA THR A 72 -9.22 7.02 1.13
C THR A 72 -8.53 5.74 0.62
N PRO A 73 -9.19 4.92 -0.22
CA PRO A 73 -8.59 3.73 -0.83
C PRO A 73 -7.47 4.13 -1.82
N LEU A 74 -6.24 4.26 -1.33
CA LEU A 74 -5.07 4.58 -2.14
C LEU A 74 -4.73 3.43 -3.10
N LEU A 75 -4.86 2.18 -2.64
CA LEU A 75 -4.50 0.99 -3.42
C LEU A 75 -5.53 -0.14 -3.29
N ASN A 76 -6.09 -0.57 -4.42
CA ASN A 76 -7.19 -1.54 -4.49
C ASN A 76 -6.82 -2.76 -5.38
N CYS A 77 -5.92 -3.61 -4.92
CA CYS A 77 -5.48 -4.82 -5.63
C CYS A 77 -6.58 -5.91 -5.65
N ALA A 78 -7.15 -6.11 -6.85
CA ALA A 78 -8.43 -6.78 -7.08
C ALA A 78 -9.63 -6.09 -6.35
N LYS A 79 -10.83 -6.26 -6.90
CA LYS A 79 -12.14 -5.58 -6.63
C LYS A 79 -12.95 -5.26 -7.89
N PRO A 80 -12.37 -4.67 -8.96
CA PRO A 80 -13.09 -4.39 -10.20
C PRO A 80 -13.23 -5.70 -11.03
N ASP A 81 -12.51 -5.84 -12.15
CA ASP A 81 -12.52 -7.02 -13.01
C ASP A 81 -11.26 -7.10 -13.93
N GLN A 82 -10.14 -6.50 -13.47
CA GLN A 82 -8.91 -6.31 -14.25
C GLN A 82 -7.67 -6.18 -13.34
N ASP A 83 -6.48 -6.30 -13.93
CA ASP A 83 -5.21 -5.93 -13.30
C ASP A 83 -5.26 -4.48 -12.77
N ILE A 84 -4.63 -4.25 -11.62
CA ILE A 84 -4.42 -2.92 -11.04
C ILE A 84 -2.95 -2.53 -11.24
N LYS A 85 -2.72 -1.28 -11.65
CA LYS A 85 -1.42 -0.70 -11.98
C LYS A 85 -1.39 0.76 -11.51
N PHE A 86 -0.43 1.10 -10.64
CA PHE A 86 -0.30 2.43 -10.04
C PHE A 86 1.18 2.84 -10.03
N THR A 87 1.54 3.84 -10.85
CA THR A 87 2.88 4.43 -10.84
C THR A 87 2.86 5.75 -10.08
N ILE A 88 3.72 5.83 -9.05
CA ILE A 88 3.97 7.04 -8.27
C ILE A 88 5.48 7.33 -8.32
N LYS A 89 5.81 8.62 -8.30
CA LYS A 89 7.17 9.16 -8.35
C LYS A 89 7.37 10.20 -7.25
N PHE A 90 8.51 10.13 -6.57
CA PHE A 90 8.98 11.07 -5.55
C PHE A 90 9.40 12.41 -6.16
N GLN A 91 8.56 13.03 -6.99
CA GLN A 91 8.73 14.40 -7.49
C GLN A 91 7.42 14.94 -8.13
N GLU A 92 7.52 15.88 -9.07
CA GLU A 92 6.41 16.46 -9.85
C GLU A 92 5.35 17.12 -8.96
N PHE A 93 5.85 17.91 -7.99
CA PHE A 93 5.02 18.74 -7.11
C PHE A 93 4.03 19.58 -7.93
N SER A 94 2.75 19.56 -7.52
CA SER A 94 1.64 20.24 -8.21
C SER A 94 0.92 21.20 -7.25
N PRO A 95 0.72 22.48 -7.63
CA PRO A 95 0.06 23.47 -6.77
C PRO A 95 -1.42 23.15 -6.55
N ASN A 96 -2.04 22.37 -7.45
CA ASN A 96 -3.45 21.96 -7.35
C ASN A 96 -3.59 20.59 -6.62
N LEU A 97 -2.79 19.60 -7.03
CA LEU A 97 -2.81 18.23 -6.50
C LEU A 97 -1.65 17.99 -5.52
N TRP A 98 -1.88 18.30 -4.24
CA TRP A 98 -0.95 18.01 -3.14
C TRP A 98 -0.75 16.50 -2.86
N GLY A 99 -1.45 15.59 -3.57
CA GLY A 99 -1.34 14.14 -3.39
C GLY A 99 0.01 13.56 -3.85
N LEU A 100 0.54 14.06 -4.99
CA LEU A 100 1.90 13.75 -5.48
C LEU A 100 2.98 14.67 -4.89
N GLU A 101 2.60 15.81 -4.30
CA GLU A 101 3.54 16.63 -3.50
C GLU A 101 4.07 15.82 -2.30
N PHE A 102 5.37 15.95 -2.05
CA PHE A 102 6.01 15.52 -0.80
C PHE A 102 5.84 16.59 0.29
N GLN A 103 6.09 16.24 1.56
CA GLN A 103 6.17 17.14 2.71
C GLN A 103 7.57 17.05 3.35
N LYS A 104 7.86 17.84 4.39
CA LYS A 104 9.21 17.94 5.00
C LYS A 104 9.16 17.60 6.50
N ASN A 105 10.11 16.79 6.96
CA ASN A 105 10.08 16.10 8.26
C ASN A 105 8.75 15.37 8.53
N LYS A 106 8.16 14.74 7.50
CA LYS A 106 6.86 14.06 7.56
C LYS A 106 7.03 12.56 7.39
N ASP A 107 6.20 11.82 8.13
CA ASP A 107 6.16 10.37 8.23
C ASP A 107 4.72 9.90 8.00
N TYR A 108 4.45 9.40 6.79
CA TYR A 108 3.21 8.68 6.51
C TYR A 108 3.25 7.29 7.13
N TYR A 109 2.09 6.86 7.64
CA TYR A 109 1.79 5.51 8.10
C TYR A 109 0.67 4.95 7.22
N ILE A 110 0.71 3.65 6.98
CA ILE A 110 -0.20 2.89 6.12
C ILE A 110 -0.36 1.49 6.73
N ILE A 111 -1.50 0.82 6.56
CA ILE A 111 -1.76 -0.55 7.01
C ILE A 111 -2.53 -1.33 5.93
N SER A 112 -2.56 -2.65 6.06
CA SER A 112 -3.41 -3.53 5.24
C SER A 112 -3.90 -4.73 6.05
N THR A 113 -4.84 -5.46 5.47
CA THR A 113 -5.67 -6.47 6.13
C THR A 113 -5.70 -7.78 5.33
N SER A 114 -4.54 -8.28 4.90
CA SER A 114 -4.37 -9.51 4.08
C SER A 114 -5.01 -10.79 4.67
N ASN A 115 -5.34 -10.80 5.98
CA ASN A 115 -6.18 -11.85 6.60
C ASN A 115 -7.58 -11.92 5.97
N GLY A 116 -8.12 -10.78 5.53
CA GLY A 116 -9.46 -10.60 4.95
C GLY A 116 -10.55 -11.38 5.70
N SER A 117 -10.52 -11.35 7.03
CA SER A 117 -11.44 -12.08 7.92
C SER A 117 -12.90 -11.81 7.57
N LEU A 118 -13.85 -12.69 7.91
CA LEU A 118 -15.27 -12.46 7.62
C LEU A 118 -15.80 -11.17 8.29
N GLU A 119 -15.34 -10.85 9.50
CA GLU A 119 -15.68 -9.57 10.15
C GLU A 119 -15.08 -8.34 9.44
N GLY A 120 -13.97 -8.50 8.72
CA GLY A 120 -13.24 -7.47 7.96
C GLY A 120 -13.27 -7.69 6.43
N LEU A 121 -14.28 -8.39 5.90
CA LEU A 121 -14.37 -8.77 4.48
C LEU A 121 -14.49 -7.52 3.57
N ASP A 122 -15.14 -6.48 4.11
CA ASP A 122 -15.39 -5.15 3.52
C ASP A 122 -15.28 -4.03 4.57
N ASN A 123 -15.62 -4.30 5.85
CA ASN A 123 -15.27 -3.45 6.98
C ASN A 123 -13.75 -3.28 7.12
N GLN A 124 -13.39 -2.16 7.74
CA GLN A 124 -12.03 -1.76 8.06
C GLN A 124 -11.47 -2.50 9.30
N GLU A 125 -11.32 -3.82 9.23
CA GLU A 125 -10.80 -4.65 10.33
C GLU A 125 -9.58 -5.49 9.93
N GLY A 126 -8.46 -5.31 10.64
CA GLY A 126 -7.22 -6.02 10.39
C GLY A 126 -7.03 -7.25 11.27
N GLY A 127 -5.92 -7.95 11.02
CA GLY A 127 -5.54 -9.19 11.71
C GLY A 127 -4.10 -9.63 11.40
N VAL A 128 -3.59 -9.37 10.18
CA VAL A 128 -2.16 -9.56 9.86
C VAL A 128 -1.27 -8.52 10.56
N CYS A 129 -1.71 -7.27 10.69
CA CYS A 129 -0.93 -6.22 11.38
C CYS A 129 -0.49 -6.62 12.80
N GLN A 130 -1.26 -7.50 13.45
CA GLN A 130 -1.03 -8.03 14.79
C GLN A 130 0.33 -8.76 14.94
N THR A 131 0.80 -9.42 13.87
CA THR A 131 2.04 -10.26 13.89
C THR A 131 2.86 -10.16 12.59
N ARG A 132 2.24 -10.35 11.41
CA ARG A 132 2.86 -10.05 10.10
C ARG A 132 3.27 -8.58 9.98
N ALA A 133 2.62 -7.69 10.75
CA ALA A 133 2.87 -6.25 10.74
C ALA A 133 2.80 -5.67 9.32
N MET A 134 1.75 -5.98 8.56
CA MET A 134 1.54 -5.43 7.22
C MET A 134 1.21 -3.92 7.25
N LYS A 135 2.27 -3.12 7.26
CA LYS A 135 2.24 -1.66 7.17
C LYS A 135 3.32 -1.15 6.22
N ILE A 136 3.26 0.12 5.86
CA ILE A 136 4.34 0.78 5.12
C ILE A 136 4.51 2.19 5.61
N LEU A 137 5.77 2.58 5.80
CA LEU A 137 6.14 3.94 6.18
C LEU A 137 6.73 4.66 4.97
N MET A 138 6.24 5.88 4.72
CA MET A 138 6.65 6.80 3.66
C MET A 138 7.23 8.06 4.31
N LYS A 139 8.55 8.12 4.37
CA LYS A 139 9.31 9.28 4.85
C LYS A 139 9.46 10.26 3.70
N VAL A 140 9.35 11.55 4.01
CA VAL A 140 9.50 12.66 3.05
C VAL A 140 10.21 13.85 3.72
N GLY A 141 11.32 14.29 3.13
CA GLY A 141 12.21 15.35 3.62
C GLY A 141 13.10 14.94 4.82
N GLN A 142 14.39 14.69 4.58
CA GLN A 142 15.40 14.45 5.64
C GLN A 142 15.86 15.75 6.33
N SER A 1 22.12 7.52 -13.05
CA SER A 1 20.75 7.28 -13.55
C SER A 1 19.72 7.79 -12.55
N LYS A 2 18.92 8.79 -12.95
CA LYS A 2 17.72 9.25 -12.23
C LYS A 2 16.54 8.27 -12.44
N SER A 3 15.47 8.44 -11.67
CA SER A 3 14.30 7.53 -11.63
C SER A 3 14.68 6.04 -11.69
N ILE A 4 15.36 5.57 -10.64
CA ILE A 4 15.70 4.16 -10.42
C ILE A 4 14.44 3.32 -10.03
N VAL A 5 14.45 2.52 -8.96
CA VAL A 5 13.31 1.70 -8.46
C VAL A 5 13.68 1.17 -7.09
N LEU A 6 13.23 1.84 -6.01
CA LEU A 6 13.72 1.51 -4.65
C LEU A 6 13.22 0.10 -4.23
N GLU A 7 11.90 -0.08 -4.17
CA GLU A 7 11.23 -1.36 -3.94
C GLU A 7 9.80 -1.32 -4.54
N PRO A 8 9.63 -1.57 -5.86
CA PRO A 8 8.33 -1.53 -6.53
C PRO A 8 7.44 -2.71 -6.13
N ILE A 9 6.15 -2.46 -5.90
CA ILE A 9 5.24 -3.46 -5.33
C ILE A 9 4.87 -4.46 -6.42
N TYR A 10 5.35 -5.69 -6.35
CA TYR A 10 5.18 -6.72 -7.38
C TYR A 10 4.35 -7.88 -6.82
N TRP A 11 3.02 -7.76 -6.79
CA TRP A 11 2.08 -8.76 -6.22
C TRP A 11 1.97 -10.05 -7.07
N ASN A 12 3.11 -10.58 -7.52
CA ASN A 12 3.26 -11.68 -8.44
C ASN A 12 4.62 -12.39 -8.21
N SER A 13 4.63 -13.48 -7.42
CA SER A 13 5.81 -14.32 -7.11
C SER A 13 7.03 -13.56 -6.54
N SER A 14 6.99 -13.27 -5.25
CA SER A 14 7.94 -12.46 -4.47
C SER A 14 7.84 -10.96 -4.79
N ASN A 15 7.12 -10.25 -3.92
CA ASN A 15 6.97 -8.79 -3.94
C ASN A 15 8.19 -8.09 -3.31
N SER A 16 8.54 -6.88 -3.78
CA SER A 16 9.62 -6.09 -3.15
C SER A 16 9.34 -5.77 -1.69
N LYS A 17 8.04 -5.66 -1.31
CA LYS A 17 7.60 -5.58 0.08
C LYS A 17 8.00 -6.83 0.90
N PHE A 18 7.81 -8.05 0.38
CA PHE A 18 8.14 -9.36 1.02
C PHE A 18 8.14 -9.32 2.56
N LEU A 19 7.04 -8.83 3.17
CA LEU A 19 6.98 -8.37 4.56
C LEU A 19 7.79 -9.25 5.56
N PRO A 20 9.04 -8.88 5.94
CA PRO A 20 9.92 -9.79 6.68
C PRO A 20 9.64 -9.82 8.19
N GLY A 21 8.78 -8.91 8.69
CA GLY A 21 8.27 -8.92 10.06
C GLY A 21 6.82 -8.45 10.15
N GLN A 22 6.56 -7.15 9.95
CA GLN A 22 5.21 -6.57 10.02
C GLN A 22 4.90 -5.61 8.85
N GLY A 23 5.64 -5.73 7.75
CA GLY A 23 5.49 -4.86 6.58
C GLY A 23 6.83 -4.56 5.92
N LEU A 24 6.88 -3.57 5.03
CA LEU A 24 8.15 -3.04 4.51
C LEU A 24 8.17 -1.52 4.61
N VAL A 25 9.27 -0.97 5.13
CA VAL A 25 9.50 0.47 5.20
C VAL A 25 9.88 1.04 3.83
N LEU A 26 9.27 2.17 3.45
CA LEU A 26 9.61 2.91 2.23
C LEU A 26 10.23 4.27 2.59
N TYR A 27 10.97 4.80 1.63
CA TYR A 27 11.71 6.03 1.79
C TYR A 27 11.23 7.02 0.72
N PRO A 28 10.29 7.92 1.06
CA PRO A 28 9.78 8.94 0.14
C PRO A 28 10.81 10.07 -0.03
N GLN A 29 11.96 9.71 -0.58
CA GLN A 29 13.06 10.61 -0.88
C GLN A 29 13.07 10.95 -2.39
N ILE A 30 13.25 12.24 -2.70
CA ILE A 30 13.19 12.75 -4.08
C ILE A 30 14.50 12.43 -4.82
N GLY A 31 14.46 11.37 -5.62
CA GLY A 31 15.57 10.85 -6.44
C GLY A 31 15.23 9.50 -7.08
N ASP A 32 14.38 8.72 -6.41
CA ASP A 32 13.98 7.37 -6.80
C ASP A 32 12.53 7.34 -7.35
N LYS A 33 12.03 6.16 -7.70
CA LYS A 33 10.59 5.95 -7.95
C LYS A 33 10.11 4.63 -7.37
N LEU A 34 8.80 4.48 -7.34
CA LEU A 34 8.11 3.28 -6.89
C LEU A 34 6.86 3.03 -7.79
N ASP A 35 6.78 1.81 -8.32
CA ASP A 35 5.68 1.34 -9.15
C ASP A 35 5.00 0.18 -8.46
N ILE A 36 3.78 0.43 -7.97
CA ILE A 36 2.87 -0.66 -7.59
C ILE A 36 2.32 -1.35 -8.84
N ILE A 37 2.25 -2.68 -8.76
CA ILE A 37 1.55 -3.60 -9.65
C ILE A 37 0.79 -4.63 -8.80
N CYS A 38 -0.46 -4.91 -9.15
CA CYS A 38 -1.25 -6.00 -8.56
C CYS A 38 -2.19 -6.64 -9.60
N PRO A 39 -2.15 -7.98 -9.77
CA PRO A 39 -3.03 -8.70 -10.68
C PRO A 39 -4.45 -8.88 -10.09
N LYS A 40 -5.36 -9.54 -10.83
CA LYS A 40 -6.78 -9.74 -10.43
C LYS A 40 -7.38 -11.10 -10.84
N VAL A 41 -6.53 -12.13 -10.89
CA VAL A 41 -6.74 -13.41 -11.60
C VAL A 41 -6.66 -13.22 -13.15
N ASP A 42 -6.29 -14.29 -13.87
CA ASP A 42 -6.36 -14.45 -15.34
C ASP A 42 -5.86 -15.84 -15.76
N SER A 43 -4.54 -16.05 -15.81
CA SER A 43 -3.93 -17.34 -16.19
C SER A 43 -4.16 -18.44 -15.15
N LYS A 44 -4.20 -18.07 -13.86
CA LYS A 44 -4.42 -19.02 -12.77
C LYS A 44 -5.93 -19.25 -12.55
N THR A 45 -6.72 -18.17 -12.38
CA THR A 45 -8.20 -18.16 -12.10
C THR A 45 -8.65 -18.97 -10.85
N VAL A 46 -7.71 -19.51 -10.08
CA VAL A 46 -7.91 -20.36 -8.90
C VAL A 46 -6.76 -20.21 -7.90
N GLY A 47 -6.43 -18.97 -7.50
CA GLY A 47 -5.37 -18.70 -6.50
C GLY A 47 -5.43 -17.30 -5.87
N GLN A 48 -5.41 -16.26 -6.69
CA GLN A 48 -5.55 -14.87 -6.28
C GLN A 48 -6.96 -14.30 -6.63
N TYR A 49 -7.99 -15.13 -6.45
CA TYR A 49 -9.39 -14.78 -6.72
C TYR A 49 -9.92 -13.66 -5.78
N GLU A 50 -9.30 -13.50 -4.60
CA GLU A 50 -9.51 -12.38 -3.69
C GLU A 50 -8.96 -11.03 -4.23
N TYR A 51 -9.02 -9.98 -3.41
CA TYR A 51 -8.51 -8.64 -3.73
C TYR A 51 -7.62 -8.08 -2.60
N TYR A 52 -6.94 -6.96 -2.84
CA TYR A 52 -6.21 -6.21 -1.80
C TYR A 52 -6.60 -4.73 -1.80
N LYS A 53 -6.54 -4.11 -0.62
CA LYS A 53 -6.96 -2.72 -0.38
C LYS A 53 -6.10 -2.08 0.72
N VAL A 54 -5.11 -1.29 0.31
CA VAL A 54 -4.19 -0.56 1.20
C VAL A 54 -4.72 0.85 1.45
N TYR A 55 -4.44 1.39 2.64
CA TYR A 55 -4.87 2.74 3.01
C TYR A 55 -3.83 3.43 3.92
N MET A 56 -3.76 4.77 3.86
CA MET A 56 -2.94 5.57 4.77
C MET A 56 -3.63 5.79 6.12
N VAL A 57 -2.91 5.62 7.23
CA VAL A 57 -3.43 5.71 8.61
C VAL A 57 -2.27 6.04 9.57
N ASP A 58 -2.54 6.54 10.78
CA ASP A 58 -1.51 6.76 11.82
C ASP A 58 -0.84 5.44 12.27
N LYS A 59 0.41 5.50 12.77
CA LYS A 59 1.11 4.35 13.35
C LYS A 59 0.29 3.66 14.43
N ASP A 60 -0.29 4.44 15.35
CA ASP A 60 -1.04 3.90 16.49
C ASP A 60 -2.29 3.13 16.04
N GLN A 61 -3.00 3.67 15.05
CA GLN A 61 -4.17 3.04 14.41
C GLN A 61 -3.78 1.81 13.56
N ALA A 62 -2.72 1.92 12.76
CA ALA A 62 -2.17 0.81 12.00
C ALA A 62 -1.67 -0.34 12.91
N ASP A 63 -1.11 -0.05 14.09
CA ASP A 63 -0.70 -1.05 15.08
C ASP A 63 -1.88 -1.71 15.80
N ARG A 64 -3.00 -0.99 15.97
CA ARG A 64 -4.31 -1.55 16.35
C ARG A 64 -4.94 -2.45 15.28
N CYS A 65 -4.32 -2.53 14.11
CA CYS A 65 -4.86 -3.14 12.91
C CYS A 65 -6.18 -2.50 12.46
N THR A 66 -6.38 -1.21 12.71
CA THR A 66 -7.59 -0.48 12.32
C THR A 66 -7.26 0.63 11.32
N ILE A 67 -8.17 0.85 10.38
CA ILE A 67 -8.08 1.86 9.31
C ILE A 67 -9.06 2.99 9.63
N LYS A 68 -8.65 4.23 9.33
CA LYS A 68 -9.45 5.43 9.57
C LYS A 68 -10.45 5.62 8.42
N LYS A 69 -11.74 5.76 8.74
CA LYS A 69 -12.80 6.05 7.76
C LYS A 69 -12.58 7.36 6.98
N GLU A 70 -11.73 8.25 7.50
CA GLU A 70 -11.28 9.46 6.80
C GLU A 70 -10.36 9.15 5.61
N ASN A 71 -9.91 7.91 5.45
CA ASN A 71 -9.14 7.42 4.32
C ASN A 71 -9.93 6.36 3.52
N THR A 72 -9.58 6.24 2.24
CA THR A 72 -10.22 5.42 1.18
C THR A 72 -9.38 5.45 -0.11
N PRO A 73 -8.92 6.61 -0.61
CA PRO A 73 -8.07 6.67 -1.79
C PRO A 73 -6.61 6.38 -1.38
N LEU A 74 -6.07 5.23 -1.83
CA LEU A 74 -4.63 4.94 -1.81
C LEU A 74 -4.29 3.81 -2.79
N LEU A 75 -4.83 2.60 -2.58
CA LEU A 75 -4.61 1.45 -3.46
C LEU A 75 -5.69 0.37 -3.26
N ASN A 76 -6.28 -0.12 -4.34
CA ASN A 76 -7.31 -1.16 -4.32
C ASN A 76 -7.30 -1.98 -5.63
N CYS A 77 -6.74 -3.20 -5.58
CA CYS A 77 -6.74 -4.13 -6.71
C CYS A 77 -7.78 -5.23 -6.52
N ALA A 78 -8.92 -5.07 -7.20
CA ALA A 78 -10.09 -5.93 -7.11
C ALA A 78 -10.76 -6.11 -8.49
N LYS A 79 -11.75 -7.01 -8.59
CA LYS A 79 -12.53 -7.22 -9.82
C LYS A 79 -13.16 -5.93 -10.40
N PRO A 80 -13.81 -5.04 -9.61
CA PRO A 80 -14.32 -3.75 -10.08
C PRO A 80 -13.21 -2.67 -10.25
N ASP A 81 -12.04 -3.06 -10.76
CA ASP A 81 -10.90 -2.18 -11.05
C ASP A 81 -9.83 -2.82 -11.99
N GLN A 82 -9.83 -4.15 -12.10
CA GLN A 82 -8.91 -4.96 -12.92
C GLN A 82 -7.44 -4.85 -12.45
N ASP A 83 -6.46 -5.11 -13.34
CA ASP A 83 -5.05 -4.93 -13.02
C ASP A 83 -4.80 -3.49 -12.56
N ILE A 84 -4.31 -3.33 -11.33
CA ILE A 84 -3.98 -2.01 -10.78
C ILE A 84 -2.47 -1.78 -10.92
N LYS A 85 -2.13 -0.62 -11.48
CA LYS A 85 -0.76 -0.21 -11.75
C LYS A 85 -0.65 1.31 -11.57
N PHE A 86 0.27 1.73 -10.72
CA PHE A 86 0.48 3.13 -10.36
C PHE A 86 1.97 3.35 -10.14
N THR A 87 2.56 4.25 -10.92
CA THR A 87 3.97 4.65 -10.76
C THR A 87 4.05 6.12 -10.35
N ILE A 88 4.86 6.40 -9.33
CA ILE A 88 5.17 7.76 -8.87
C ILE A 88 6.67 7.97 -9.07
N LYS A 89 7.02 8.93 -9.92
CA LYS A 89 8.39 9.43 -10.02
C LYS A 89 8.69 10.45 -8.92
N PHE A 90 9.98 10.58 -8.58
CA PHE A 90 10.51 11.52 -7.58
C PHE A 90 9.87 12.92 -7.68
N GLN A 91 9.83 13.47 -8.90
CA GLN A 91 9.18 14.72 -9.23
C GLN A 91 7.90 14.41 -10.00
N GLU A 92 6.77 14.79 -9.40
CA GLU A 92 5.45 14.68 -10.02
C GLU A 92 4.56 15.82 -9.51
N PHE A 93 4.95 17.06 -9.82
CA PHE A 93 4.14 18.24 -9.55
C PHE A 93 2.74 18.12 -10.17
N SER A 94 1.74 18.67 -9.49
CA SER A 94 0.35 18.62 -9.93
C SER A 94 -0.32 19.97 -9.69
N PRO A 95 -1.12 20.49 -10.64
CA PRO A 95 -1.78 21.78 -10.45
C PRO A 95 -2.90 21.73 -9.42
N ASN A 96 -3.46 20.54 -9.11
CA ASN A 96 -4.55 20.40 -8.14
C ASN A 96 -4.70 18.96 -7.56
N LEU A 97 -3.62 18.37 -7.02
CA LEU A 97 -3.60 17.00 -6.49
C LEU A 97 -2.47 16.75 -5.46
N TRP A 98 -2.83 16.56 -4.18
CA TRP A 98 -1.91 16.14 -3.10
C TRP A 98 -1.59 14.62 -3.10
N GLY A 99 -2.02 13.89 -4.14
CA GLY A 99 -1.75 12.46 -4.29
C GLY A 99 -0.34 12.18 -4.81
N LEU A 100 0.02 12.81 -5.94
CA LEU A 100 1.35 12.65 -6.55
C LEU A 100 2.37 13.63 -5.93
N GLU A 101 1.93 14.85 -5.58
CA GLU A 101 2.72 15.76 -4.75
C GLU A 101 2.77 15.29 -3.28
N PHE A 102 3.98 15.17 -2.73
CA PHE A 102 4.23 14.78 -1.34
C PHE A 102 5.17 15.81 -0.69
N GLN A 103 5.06 15.95 0.64
CA GLN A 103 5.92 16.85 1.42
C GLN A 103 6.77 16.06 2.42
N LYS A 104 8.08 16.29 2.43
CA LYS A 104 9.02 15.81 3.46
C LYS A 104 8.81 16.45 4.84
N ASN A 105 9.70 16.14 5.79
CA ASN A 105 9.56 16.44 7.21
C ASN A 105 8.21 15.92 7.80
N LYS A 106 7.76 14.77 7.28
CA LYS A 106 6.53 14.09 7.70
C LYS A 106 6.68 12.58 7.68
N ASP A 107 6.29 11.96 8.78
CA ASP A 107 6.09 10.52 8.88
C ASP A 107 4.65 10.13 8.54
N TYR A 108 4.47 8.95 7.97
CA TYR A 108 3.17 8.37 7.67
C TYR A 108 3.25 6.85 7.86
N TYR A 109 2.09 6.24 8.01
CA TYR A 109 1.93 4.79 8.10
C TYR A 109 0.85 4.34 7.14
N ILE A 110 0.97 3.09 6.70
CA ILE A 110 0.00 2.43 5.82
C ILE A 110 -0.44 1.13 6.52
N ILE A 111 -1.63 0.63 6.17
CA ILE A 111 -2.18 -0.63 6.64
C ILE A 111 -3.10 -1.19 5.56
N SER A 112 -3.19 -2.52 5.51
CA SER A 112 -4.13 -3.27 4.65
C SER A 112 -5.02 -4.16 5.49
N THR A 113 -6.26 -4.42 5.07
CA THR A 113 -7.25 -5.21 5.84
C THR A 113 -8.10 -6.16 4.97
N SER A 114 -7.49 -6.71 3.91
CA SER A 114 -8.15 -7.62 2.95
C SER A 114 -8.60 -8.98 3.50
N ASN A 115 -8.02 -9.47 4.62
CA ASN A 115 -8.46 -10.71 5.29
C ASN A 115 -9.88 -10.59 5.86
N GLY A 116 -10.36 -9.35 6.09
CA GLY A 116 -11.68 -9.03 6.62
C GLY A 116 -12.10 -9.89 7.82
N SER A 117 -11.26 -9.91 8.88
CA SER A 117 -11.48 -10.71 10.09
C SER A 117 -12.89 -10.57 10.66
N LEU A 118 -13.46 -11.64 11.22
CA LEU A 118 -14.83 -11.62 11.76
C LEU A 118 -14.97 -10.53 12.86
N GLU A 119 -13.98 -10.39 13.74
CA GLU A 119 -13.92 -9.32 14.74
C GLU A 119 -13.89 -7.90 14.14
N GLY A 120 -13.53 -7.80 12.86
CA GLY A 120 -13.51 -6.57 12.07
C GLY A 120 -14.49 -6.59 10.89
N LEU A 121 -15.62 -7.30 10.99
CA LEU A 121 -16.67 -7.31 9.97
C LEU A 121 -17.22 -5.91 9.61
N ASP A 122 -17.07 -4.93 10.51
CA ASP A 122 -17.37 -3.52 10.26
C ASP A 122 -16.45 -2.88 9.19
N ASN A 123 -15.52 -3.68 8.65
CA ASN A 123 -14.37 -3.32 7.83
C ASN A 123 -13.36 -2.49 8.64
N GLN A 124 -12.19 -2.21 8.06
CA GLN A 124 -11.21 -1.29 8.65
C GLN A 124 -10.73 -1.71 10.06
N GLU A 125 -10.75 -3.00 10.39
CA GLU A 125 -10.34 -3.54 11.68
C GLU A 125 -9.78 -4.97 11.51
N GLY A 126 -8.73 -5.33 12.27
CA GLY A 126 -8.01 -6.62 12.18
C GLY A 126 -7.38 -6.90 10.80
N GLY A 127 -8.18 -7.38 9.84
CA GLY A 127 -7.77 -7.76 8.50
C GLY A 127 -6.44 -8.53 8.39
N VAL A 128 -5.69 -8.31 7.31
CA VAL A 128 -4.36 -8.94 7.18
C VAL A 128 -3.38 -8.44 8.25
N CYS A 129 -3.54 -7.24 8.79
CA CYS A 129 -2.74 -6.82 9.94
C CYS A 129 -2.79 -7.81 11.13
N GLN A 130 -3.92 -8.51 11.34
CA GLN A 130 -4.11 -9.49 12.41
C GLN A 130 -3.30 -10.81 12.25
N THR A 131 -3.20 -11.35 11.03
CA THR A 131 -2.62 -12.69 10.75
C THR A 131 -1.79 -12.65 9.45
N ARG A 132 -1.05 -11.56 9.28
CA ARG A 132 -0.15 -11.28 8.15
C ARG A 132 0.81 -10.16 8.51
N ALA A 133 0.27 -9.08 9.10
CA ALA A 133 0.96 -7.82 9.40
C ALA A 133 1.45 -7.08 8.13
N MET A 134 0.53 -6.39 7.45
CA MET A 134 0.81 -5.68 6.20
C MET A 134 0.67 -4.16 6.34
N LYS A 135 1.75 -3.53 6.79
CA LYS A 135 1.89 -2.08 6.99
C LYS A 135 3.11 -1.53 6.22
N ILE A 136 3.25 -0.22 6.16
CA ILE A 136 4.48 0.47 5.71
C ILE A 136 4.73 1.68 6.62
N LEU A 137 5.99 2.12 6.71
CA LEU A 137 6.41 3.35 7.40
C LEU A 137 7.12 4.23 6.37
N MET A 138 6.72 5.49 6.28
CA MET A 138 7.39 6.48 5.46
C MET A 138 8.48 7.22 6.26
N LYS A 139 9.74 7.14 5.80
CA LYS A 139 10.83 7.95 6.39
C LYS A 139 10.50 9.46 6.36
N VAL A 140 10.89 10.17 7.42
CA VAL A 140 10.60 11.61 7.62
C VAL A 140 11.05 12.45 6.43
N GLY A 141 12.19 12.11 5.82
CA GLY A 141 12.62 12.57 4.49
C GLY A 141 14.06 12.16 4.21
N GLN A 142 15.00 12.78 4.93
CA GLN A 142 16.44 12.52 4.88
C GLN A 142 17.06 12.69 6.27
#